data_5TEN
#
_entry.id   5TEN
#
_cell.length_a   68.439
_cell.length_b   117.545
_cell.length_c   131.524
_cell.angle_alpha   90.000
_cell.angle_beta   92.190
_cell.angle_gamma   90.000
#
_symmetry.space_group_name_H-M   'P 1 21 1'
#
loop_
_entity.id
_entity.type
_entity.pdbx_description
1 polymer '4-hydroxy-tetrahydrodipicolinate reductase'
2 non-polymer NICOTINAMIDE-ADENINE-DINUCLEOTIDE
3 non-polymer 'SULFATE ION'
4 non-polymer '2,5 Furan Dicarboxylic Acid'
5 water water
#
_entity_poly.entity_id   1
_entity_poly.type   'polypeptide(L)'
_entity_poly.pdbx_seq_one_letter_code
;MVRIAVAGAAGRMGRNLVKAAHHNPVAKVAAGSERPESSLVGVDLGELCGEGKFDVVVCDDLAKQIDQFDVIIDFTAPAS
TLNNLALCQQYGKSIVIGTTGFTEEQREQIDLVAQQVPVVMAPNYSVGVNLVFKLLEKAAKVMGDYCDIEIVEAHHRHKV
DAPSGTAIGMGEAIAGAMGNKLSDVAVYAREGITGERTKDEIGFATIRAGDIVGEHTAMFADIGERVEITHKATDRMTFA
NGAVKAAVWLHEKPAGFYTMTDVLGLNDL
;
_entity_poly.pdbx_strand_id   A,B,C,D,E,F,G,H
#
# COMPACT_ATOMS: atom_id res chain seq x y z
N MET A 1 36.19 29.45 20.56
CA MET A 1 34.94 29.42 21.39
C MET A 1 33.68 29.82 20.60
N VAL A 2 32.74 28.90 20.49
CA VAL A 2 31.55 29.09 19.68
C VAL A 2 30.34 29.18 20.55
N ARG A 3 29.60 30.23 20.31
CA ARG A 3 28.53 30.67 21.19
C ARG A 3 27.24 30.28 20.54
N ILE A 4 26.52 29.42 21.24
CA ILE A 4 25.37 28.71 20.66
C ILE A 4 24.09 29.14 21.28
N ALA A 5 23.14 29.40 20.39
CA ALA A 5 21.76 29.67 20.74
C ALA A 5 20.90 28.47 20.38
N VAL A 6 20.23 27.91 21.39
CA VAL A 6 19.37 26.75 21.20
C VAL A 6 17.96 27.20 21.05
N ALA A 7 17.42 27.07 19.86
CA ALA A 7 15.99 27.40 19.62
C ALA A 7 15.10 26.36 20.27
N GLY A 8 13.92 26.76 20.72
CA GLY A 8 13.05 25.88 21.54
C GLY A 8 13.81 25.00 22.54
N ALA A 9 14.45 25.62 23.52
CA ALA A 9 15.31 24.92 24.51
C ALA A 9 14.58 24.02 25.51
N ALA A 10 13.28 24.23 25.69
CA ALA A 10 12.44 23.31 26.50
C ALA A 10 12.00 22.00 25.80
N GLY A 11 12.04 21.96 24.47
CA GLY A 11 11.65 20.75 23.72
C GLY A 11 12.49 19.52 24.03
N ARG A 12 12.09 18.38 23.48
CA ARG A 12 12.79 17.13 23.75
C ARG A 12 14.20 17.23 23.21
N MET A 13 14.33 17.64 21.94
CA MET A 13 15.67 17.93 21.32
C MET A 13 16.39 19.16 21.96
N GLY A 14 15.67 20.27 22.07
CA GLY A 14 16.19 21.47 22.73
C GLY A 14 16.93 21.24 24.02
N ARG A 15 16.30 20.55 24.93
CA ARG A 15 16.86 20.30 26.23
C ARG A 15 18.16 19.49 26.09
N ASN A 16 18.18 18.59 25.12
CA ASN A 16 19.37 17.73 24.90
C ASN A 16 20.50 18.55 24.28
N LEU A 17 20.12 19.48 23.42
CA LEU A 17 21.06 20.38 22.74
C LEU A 17 21.75 21.28 23.75
N VAL A 18 20.95 21.87 24.64
CA VAL A 18 21.52 22.63 25.78
C VAL A 18 22.53 21.79 26.53
N LYS A 19 22.12 20.59 26.92
CA LYS A 19 23.03 19.66 27.67
C LYS A 19 24.31 19.30 26.87
N ALA A 20 24.13 19.15 25.57
CA ALA A 20 25.22 18.76 24.66
C ALA A 20 26.24 19.92 24.43
N ALA A 21 25.70 21.10 24.14
CA ALA A 21 26.53 22.33 24.08
C ALA A 21 27.29 22.60 25.37
N HIS A 22 26.64 22.35 26.49
CA HIS A 22 27.28 22.46 27.78
C HIS A 22 28.51 21.53 27.89
N HIS A 23 28.37 20.29 27.42
CA HIS A 23 29.43 19.28 27.54
C HIS A 23 30.55 19.39 26.53
N ASN A 24 30.29 20.07 25.42
CA ASN A 24 31.33 20.36 24.44
C ASN A 24 32.20 21.52 24.88
N PRO A 25 33.50 21.28 25.04
CA PRO A 25 34.39 22.31 25.60
C PRO A 25 34.72 23.50 24.67
N VAL A 26 34.52 23.32 23.39
CA VAL A 26 34.71 24.38 22.40
C VAL A 26 33.44 25.22 22.24
N ALA A 27 32.35 24.81 22.87
CA ALA A 27 31.11 25.54 22.74
C ALA A 27 30.62 26.09 24.04
N LYS A 28 29.92 27.22 23.95
CA LYS A 28 29.27 27.85 25.11
C LYS A 28 27.80 27.99 24.85
N VAL A 29 27.04 27.62 25.86
CA VAL A 29 25.60 27.88 25.82
C VAL A 29 25.39 29.39 26.08
N ALA A 30 24.95 30.10 25.06
CA ALA A 30 24.88 31.53 25.12
C ALA A 30 23.48 32.10 25.12
N ALA A 31 22.54 31.34 24.61
CA ALA A 31 21.17 31.86 24.42
C ALA A 31 20.23 30.69 24.19
N GLY A 32 18.94 30.97 24.28
CA GLY A 32 17.91 29.96 24.19
C GLY A 32 16.55 30.56 24.03
N SER A 33 15.73 30.01 23.14
CA SER A 33 14.35 30.50 23.04
C SER A 33 13.29 29.51 23.51
N GLU A 34 12.09 30.04 23.72
CA GLU A 34 10.87 29.26 23.76
C GLU A 34 9.76 30.09 23.17
N ARG A 35 8.58 29.46 23.01
CA ARG A 35 7.40 30.17 22.44
C ARG A 35 7.08 31.31 23.40
N PRO A 36 6.71 32.50 22.88
CA PRO A 36 6.41 33.69 23.71
C PRO A 36 5.42 33.46 24.86
N GLU A 37 4.29 32.82 24.56
CA GLU A 37 3.29 32.45 25.61
C GLU A 37 3.86 31.56 26.77
N SER A 38 4.95 30.81 26.52
CA SER A 38 5.56 29.87 27.50
C SER A 38 6.02 30.56 28.78
N SER A 39 5.85 29.84 29.88
CA SER A 39 6.31 30.26 31.20
C SER A 39 7.74 29.93 31.54
N LEU A 40 8.35 29.13 30.69
CA LEU A 40 9.80 28.86 30.80
C LEU A 40 10.66 30.03 30.38
N VAL A 41 10.08 30.94 29.60
CA VAL A 41 10.65 32.30 29.37
C VAL A 41 11.00 32.95 30.70
N GLY A 42 12.27 33.28 30.87
CA GLY A 42 12.82 33.81 32.12
C GLY A 42 13.69 32.84 32.92
N VAL A 43 13.46 31.53 32.71
CA VAL A 43 14.14 30.48 33.51
C VAL A 43 15.59 30.34 33.02
N ASP A 44 16.49 30.04 33.93
CA ASP A 44 17.92 29.88 33.60
C ASP A 44 18.09 28.56 32.85
N LEU A 45 18.86 28.60 31.76
CA LEU A 45 19.04 27.43 30.81
C LEU A 45 19.72 26.21 31.44
N GLY A 46 20.68 26.45 32.32
CA GLY A 46 21.29 25.35 33.11
C GLY A 46 20.37 24.62 34.07
N GLU A 47 19.48 25.37 34.71
CA GLU A 47 18.47 24.81 35.64
C GLU A 47 17.44 23.94 34.90
N LEU A 48 17.13 24.35 33.68
CA LEU A 48 16.25 23.65 32.75
C LEU A 48 16.70 22.22 32.42
N CYS A 49 18.01 22.05 32.18
CA CYS A 49 18.57 20.72 31.86
C CYS A 49 19.18 19.99 33.09
N GLY A 50 18.90 20.51 34.28
CA GLY A 50 19.25 19.88 35.58
C GLY A 50 20.74 19.81 35.86
N GLU A 51 21.42 20.92 35.61
CA GLU A 51 22.89 20.96 35.58
C GLU A 51 23.53 22.22 36.21
N GLY A 52 22.79 22.88 37.09
CA GLY A 52 23.25 24.10 37.78
C GLY A 52 23.07 25.37 36.95
N LYS A 53 23.38 26.54 37.52
CA LYS A 53 23.11 27.87 36.89
C LYS A 53 24.22 28.39 35.94
N PHE A 54 23.77 28.88 34.77
CA PHE A 54 24.67 29.35 33.65
C PHE A 54 24.75 30.87 33.49
N ASP A 55 23.84 31.59 34.14
CA ASP A 55 23.76 33.05 34.03
C ASP A 55 23.19 33.42 32.65
N VAL A 56 22.40 32.52 32.08
CA VAL A 56 21.69 32.79 30.84
C VAL A 56 20.26 32.37 31.02
N VAL A 57 19.35 33.11 30.41
CA VAL A 57 17.93 32.78 30.50
C VAL A 57 17.28 32.48 29.16
N VAL A 58 16.17 31.76 29.24
CA VAL A 58 15.36 31.45 28.08
C VAL A 58 14.63 32.73 27.69
N CYS A 59 14.75 33.15 26.45
CA CYS A 59 14.12 34.36 26.03
C CYS A 59 12.96 33.97 25.15
N ASP A 60 12.04 34.88 24.92
CA ASP A 60 10.89 34.62 24.03
C ASP A 60 11.11 34.93 22.53
N ASP A 61 12.31 35.40 22.21
CA ASP A 61 12.68 35.77 20.86
C ASP A 61 14.19 35.86 20.87
N LEU A 62 14.82 35.03 20.07
CA LEU A 62 16.29 35.09 19.85
C LEU A 62 16.79 36.39 19.29
N ALA A 63 15.91 37.12 18.60
CA ALA A 63 16.24 38.49 18.13
C ALA A 63 16.84 39.31 19.26
N LYS A 64 16.25 39.16 20.44
CA LYS A 64 16.65 39.92 21.67
C LYS A 64 18.01 39.53 22.22
N GLN A 65 18.52 38.40 21.79
CA GLN A 65 19.84 37.99 22.28
C GLN A 65 20.88 37.83 21.17
N ILE A 66 20.63 38.48 20.05
CA ILE A 66 21.48 38.38 18.88
C ILE A 66 22.98 38.54 19.12
N ASP A 67 23.34 39.50 19.94
CA ASP A 67 24.75 39.86 20.09
C ASP A 67 25.55 38.89 20.93
N GLN A 68 24.88 38.01 21.63
CA GLN A 68 25.58 37.02 22.48
C GLN A 68 25.75 35.63 21.86
N PHE A 69 25.23 35.40 20.66
CA PHE A 69 25.47 34.11 19.91
C PHE A 69 26.02 34.20 18.44
N ASP A 70 26.76 33.16 18.04
CA ASP A 70 27.34 33.02 16.71
C ASP A 70 26.50 32.16 15.85
N VAL A 71 26.10 31.03 16.41
CA VAL A 71 25.30 30.01 15.62
C VAL A 71 24.05 29.49 16.37
N ILE A 72 22.94 29.43 15.61
CA ILE A 72 21.66 28.95 16.11
C ILE A 72 21.50 27.46 15.78
N ILE A 73 21.18 26.68 16.78
CA ILE A 73 20.79 25.28 16.54
C ILE A 73 19.29 25.15 16.71
N ASP A 74 18.64 24.74 15.62
CA ASP A 74 17.16 24.85 15.47
C ASP A 74 16.43 23.53 15.11
N PHE A 75 15.83 22.97 16.15
CA PHE A 75 15.05 21.74 16.07
C PHE A 75 13.73 22.09 16.67
N THR A 76 12.91 22.79 15.92
CA THR A 76 11.62 23.29 16.44
C THR A 76 10.45 22.98 15.52
N ALA A 77 10.00 23.96 14.75
CA ALA A 77 8.92 23.79 13.78
C ALA A 77 9.22 24.63 12.52
N PRO A 78 8.67 24.26 11.35
CA PRO A 78 9.05 24.96 10.10
C PRO A 78 9.00 26.49 10.12
N ALA A 79 7.90 27.07 10.59
CA ALA A 79 7.76 28.55 10.56
C ALA A 79 8.78 29.22 11.45
N SER A 80 8.97 28.64 12.62
CA SER A 80 9.95 29.15 13.58
C SER A 80 11.34 29.14 12.95
N THR A 81 11.65 28.04 12.28
CA THR A 81 13.00 27.86 11.72
C THR A 81 13.25 28.88 10.61
N LEU A 82 12.22 29.15 9.81
CA LEU A 82 12.33 30.17 8.74
C LEU A 82 12.58 31.59 9.24
N ASN A 83 11.91 31.95 10.35
CA ASN A 83 12.21 33.22 11.11
C ASN A 83 13.64 33.30 11.66
N ASN A 84 14.12 32.21 12.26
CA ASN A 84 15.52 32.14 12.71
C ASN A 84 16.57 32.21 11.58
N LEU A 85 16.19 31.71 10.43
CA LEU A 85 17.03 31.79 9.23
C LEU A 85 17.17 33.23 8.75
N ALA A 86 16.03 33.93 8.77
CA ALA A 86 15.93 35.34 8.37
C ALA A 86 16.78 36.21 9.33
N LEU A 87 16.79 35.88 10.63
CA LEU A 87 17.62 36.53 11.60
C LEU A 87 19.07 36.36 11.26
N CYS A 88 19.46 35.17 10.87
CA CYS A 88 20.86 34.89 10.49
C CYS A 88 21.33 35.74 9.34
N GLN A 89 20.47 35.87 8.36
CA GLN A 89 20.74 36.65 7.13
C GLN A 89 20.98 38.14 7.51
N GLN A 90 20.05 38.68 8.29
CA GLN A 90 20.07 40.02 8.74
C GLN A 90 21.23 40.40 9.65
N TYR A 91 21.66 39.48 10.49
CA TYR A 91 22.69 39.78 11.52
C TYR A 91 23.97 39.02 11.36
N GLY A 92 24.15 38.41 10.19
CA GLY A 92 25.37 37.65 9.89
C GLY A 92 25.66 36.49 10.85
N LYS A 93 24.62 35.74 11.17
CA LYS A 93 24.73 34.50 11.94
C LYS A 93 24.63 33.25 11.09
N SER A 94 25.04 32.16 11.71
CA SER A 94 24.94 30.81 11.13
C SER A 94 23.84 29.96 11.82
N ILE A 95 23.38 28.92 11.13
CA ILE A 95 22.33 28.07 11.62
C ILE A 95 22.56 26.61 11.29
N VAL A 96 22.28 25.76 12.27
CA VAL A 96 22.26 24.29 12.09
C VAL A 96 20.78 23.97 12.19
N ILE A 97 20.23 23.49 11.08
CA ILE A 97 18.81 23.09 11.03
C ILE A 97 18.54 21.59 11.13
N GLY A 98 17.74 21.23 12.15
CA GLY A 98 17.33 19.82 12.43
C GLY A 98 15.85 19.63 12.20
N THR A 99 15.13 20.73 12.20
CA THR A 99 13.68 20.73 11.93
C THR A 99 13.34 19.96 10.62
N THR A 100 12.25 19.20 10.67
CA THR A 100 11.75 18.48 9.46
C THR A 100 10.33 18.91 9.18
N GLY A 101 9.80 18.43 8.07
CA GLY A 101 8.40 18.70 7.74
C GLY A 101 8.18 20.01 7.02
N PHE A 102 9.23 20.49 6.34
CA PHE A 102 9.10 21.66 5.44
C PHE A 102 8.35 21.30 4.17
N THR A 103 7.59 22.26 3.64
CA THR A 103 6.96 22.15 2.31
C THR A 103 8.05 22.36 1.26
N GLU A 104 7.78 21.96 0.02
CA GLU A 104 8.75 22.11 -1.08
C GLU A 104 9.13 23.60 -1.27
N GLU A 105 8.11 24.46 -1.26
CA GLU A 105 8.30 25.91 -1.33
C GLU A 105 9.34 26.38 -0.27
N GLN A 106 9.15 25.93 0.97
CA GLN A 106 10.02 26.30 2.09
C GLN A 106 11.45 25.77 1.96
N ARG A 107 11.59 24.56 1.45
CA ARG A 107 12.92 23.96 1.19
C ARG A 107 13.70 24.80 0.11
N GLU A 108 12.95 25.37 -0.83
CA GLU A 108 13.49 26.20 -1.90
C GLU A 108 14.03 27.52 -1.29
N GLN A 109 13.27 28.07 -0.34
CA GLN A 109 13.69 29.31 0.40
C GLN A 109 14.99 29.10 1.19
N ILE A 110 15.12 27.93 1.82
CA ILE A 110 16.34 27.58 2.58
C ILE A 110 17.56 27.54 1.66
N ASP A 111 17.41 26.89 0.51
CA ASP A 111 18.47 26.82 -0.51
C ASP A 111 18.95 28.23 -0.94
N LEU A 112 17.97 29.12 -1.19
CA LEU A 112 18.23 30.52 -1.49
C LEU A 112 18.99 31.22 -0.38
N VAL A 113 18.45 31.17 0.84
CA VAL A 113 19.08 31.85 1.98
C VAL A 113 20.50 31.29 2.24
N ALA A 114 20.69 30.01 2.01
CA ALA A 114 22.02 29.34 2.15
C ALA A 114 23.10 29.80 1.15
N GLN A 115 22.71 30.56 0.14
CA GLN A 115 23.70 31.29 -0.72
C GLN A 115 24.41 32.46 0.00
N GLN A 116 23.69 33.10 0.94
CA GLN A 116 24.23 34.22 1.80
C GLN A 116 24.68 33.84 3.20
N VAL A 117 24.10 32.76 3.72
CA VAL A 117 24.24 32.35 5.13
C VAL A 117 24.92 30.99 5.21
N PRO A 118 25.84 30.79 6.17
CA PRO A 118 26.28 29.43 6.47
C PRO A 118 25.20 28.58 7.20
N VAL A 119 24.76 27.54 6.50
CA VAL A 119 23.65 26.66 6.89
C VAL A 119 24.11 25.23 6.86
N VAL A 120 23.92 24.53 7.95
CA VAL A 120 24.03 23.10 7.96
C VAL A 120 22.62 22.61 8.05
N MET A 121 22.26 21.70 7.13
CA MET A 121 20.95 21.02 7.17
C MET A 121 21.07 19.53 6.79
N ALA A 122 20.68 18.67 7.69
CA ALA A 122 20.82 17.21 7.55
C ALA A 122 19.59 16.52 8.09
N PRO A 123 19.22 15.37 7.46
CA PRO A 123 18.03 14.57 7.99
C PRO A 123 18.35 13.69 9.16
N ASN A 124 19.66 13.59 9.42
CA ASN A 124 20.15 12.91 10.63
C ASN A 124 21.51 13.42 11.05
N TYR A 125 21.67 13.69 12.35
CA TYR A 125 22.89 14.26 12.91
C TYR A 125 23.74 13.33 13.67
N SER A 126 23.38 12.06 13.70
CA SER A 126 24.21 11.10 14.38
C SER A 126 25.52 10.98 13.69
N VAL A 127 26.60 11.01 14.42
CA VAL A 127 27.90 10.86 13.84
C VAL A 127 28.02 9.43 13.31
N GLY A 128 27.55 8.48 14.10
CA GLY A 128 27.67 7.05 13.81
C GLY A 128 26.84 6.67 12.60
N VAL A 129 25.59 7.10 12.52
CA VAL A 129 24.73 6.72 11.35
C VAL A 129 25.28 7.27 10.01
N ASN A 130 25.79 8.49 10.05
CA ASN A 130 26.35 9.11 8.85
C ASN A 130 27.66 8.42 8.46
N LEU A 131 28.49 8.07 9.44
CA LEU A 131 29.67 7.30 9.21
C LEU A 131 29.21 5.97 8.56
N VAL A 132 28.19 5.36 9.15
CA VAL A 132 27.63 4.07 8.61
C VAL A 132 27.15 4.17 7.14
N PHE A 133 26.46 5.26 6.77
CA PHE A 133 26.05 5.46 5.37
C PHE A 133 27.24 5.39 4.41
N LYS A 134 28.34 5.98 4.82
CA LYS A 134 29.59 5.92 4.05
C LYS A 134 30.18 4.52 3.94
N LEU A 135 30.19 3.81 5.03
CA LEU A 135 30.75 2.46 5.10
C LEU A 135 29.92 1.48 4.25
N LEU A 136 28.60 1.71 4.26
CA LEU A 136 27.66 0.98 3.39
C LEU A 136 27.92 1.13 1.92
N GLU A 137 28.22 2.33 1.52
CA GLU A 137 28.68 2.61 0.18
C GLU A 137 29.94 1.77 -0.25
N LYS A 138 30.96 1.75 0.62
CA LYS A 138 32.20 0.98 0.40
C LYS A 138 31.94 -0.54 0.32
N ALA A 139 31.18 -1.02 1.27
CA ALA A 139 30.75 -2.39 1.28
C ALA A 139 29.92 -2.72 0.03
N ALA A 140 29.07 -1.84 -0.40
CA ALA A 140 28.20 -2.13 -1.55
C ALA A 140 28.97 -2.28 -2.84
N LYS A 141 30.02 -1.49 -2.99
CA LYS A 141 30.85 -1.49 -4.16
C LYS A 141 31.64 -2.83 -4.28
N VAL A 142 32.11 -3.32 -3.13
CA VAL A 142 32.95 -4.48 -3.08
C VAL A 142 32.13 -5.81 -3.11
N MET A 143 31.07 -5.89 -2.29
CA MET A 143 30.30 -7.09 -2.13
C MET A 143 28.89 -7.05 -2.69
N GLY A 144 28.34 -5.90 -2.94
CA GLY A 144 26.89 -5.79 -3.30
C GLY A 144 26.36 -6.61 -4.48
N ASP A 145 27.17 -6.73 -5.51
CA ASP A 145 26.85 -7.42 -6.77
C ASP A 145 26.58 -8.91 -6.60
N TYR A 146 27.31 -9.52 -5.69
CA TYR A 146 27.19 -10.92 -5.44
C TYR A 146 26.64 -11.37 -4.10
N CYS A 147 26.28 -10.45 -3.26
CA CYS A 147 25.72 -10.73 -1.91
C CYS A 147 24.24 -10.47 -1.81
N ASP A 148 23.60 -11.14 -0.85
CA ASP A 148 22.23 -10.78 -0.43
C ASP A 148 22.28 -9.74 0.63
N ILE A 149 21.52 -8.69 0.36
CA ILE A 149 21.52 -7.43 1.17
C ILE A 149 20.23 -7.34 1.95
N GLU A 150 20.36 -7.41 3.25
CA GLU A 150 19.21 -7.30 4.16
C GLU A 150 19.44 -6.11 5.14
N ILE A 151 18.36 -5.36 5.37
CA ILE A 151 18.29 -4.29 6.39
C ILE A 151 17.29 -4.59 7.52
N VAL A 152 17.80 -4.66 8.73
CA VAL A 152 16.97 -4.99 9.89
C VAL A 152 17.06 -3.87 10.93
N GLU A 153 15.92 -3.48 11.40
CA GLU A 153 15.85 -2.40 12.33
C GLU A 153 14.87 -2.70 13.46
N ALA A 154 15.26 -2.25 14.67
CA ALA A 154 14.40 -2.28 15.84
C ALA A 154 14.17 -0.85 16.38
N HIS A 155 12.92 -0.59 16.72
CA HIS A 155 12.54 0.62 17.45
C HIS A 155 11.54 0.35 18.53
N HIS A 156 11.48 1.29 19.48
CA HIS A 156 10.43 1.38 20.52
C HIS A 156 8.96 1.22 20.02
N ARG A 157 8.09 0.84 20.95
CA ARG A 157 6.66 0.50 20.64
C ARG A 157 5.76 1.63 20.12
N HIS A 158 6.20 2.87 20.26
CA HIS A 158 5.40 4.01 19.82
C HIS A 158 5.63 4.45 18.41
N LYS A 159 6.70 3.95 17.78
CA LYS A 159 7.03 4.42 16.45
C LYS A 159 5.92 4.03 15.48
N VAL A 160 5.42 4.98 14.70
CA VAL A 160 4.20 4.75 13.88
C VAL A 160 4.48 4.35 12.43
N ASP A 161 5.71 4.57 11.99
CA ASP A 161 6.11 4.35 10.60
C ASP A 161 7.13 3.19 10.52
N ALA A 162 6.95 2.35 9.50
CA ALA A 162 7.83 1.20 9.20
C ALA A 162 8.11 1.04 7.72
N PRO A 163 9.34 0.77 7.37
CA PRO A 163 10.46 0.76 8.26
C PRO A 163 10.91 2.24 8.55
N SER A 164 11.90 2.35 9.44
CA SER A 164 12.51 3.57 9.83
C SER A 164 13.02 4.31 8.65
N GLY A 165 13.00 5.62 8.75
CA GLY A 165 13.62 6.53 7.78
C GLY A 165 15.13 6.35 7.68
N THR A 166 15.77 6.04 8.80
CA THR A 166 17.19 5.65 8.80
C THR A 166 17.42 4.30 8.00
N ALA A 167 16.54 3.30 8.16
CA ALA A 167 16.63 2.08 7.35
C ALA A 167 16.52 2.37 5.84
N ILE A 168 15.51 3.16 5.49
CA ILE A 168 15.36 3.62 4.12
C ILE A 168 16.59 4.39 3.66
N GLY A 169 17.15 5.22 4.52
CA GLY A 169 18.40 5.91 4.22
C GLY A 169 19.59 5.01 3.98
N MET A 170 19.63 3.90 4.67
CA MET A 170 20.68 2.87 4.39
C MET A 170 20.53 2.13 3.04
N GLY A 171 19.29 1.77 2.74
CA GLY A 171 18.89 1.24 1.43
C GLY A 171 19.29 2.12 0.26
N GLU A 172 19.00 3.38 0.41
CA GLU A 172 19.33 4.37 -0.62
C GLU A 172 20.84 4.56 -0.84
N ALA A 173 21.58 4.71 0.25
CA ALA A 173 23.05 4.72 0.18
C ALA A 173 23.59 3.46 -0.58
N ILE A 174 23.09 2.29 -0.22
CA ILE A 174 23.49 1.02 -0.88
C ILE A 174 23.06 0.99 -2.37
N ALA A 175 21.78 1.13 -2.63
CA ALA A 175 21.21 1.15 -4.01
C ALA A 175 21.90 2.16 -4.92
N GLY A 176 22.06 3.37 -4.41
CA GLY A 176 22.77 4.45 -5.13
C GLY A 176 24.22 4.08 -5.48
N ALA A 177 24.94 3.51 -4.52
CA ALA A 177 26.34 3.13 -4.76
C ALA A 177 26.49 2.04 -5.84
N MET A 178 25.41 1.33 -6.05
CA MET A 178 25.34 0.22 -7.02
C MET A 178 24.61 0.64 -8.29
N GLY A 179 24.40 1.95 -8.46
CA GLY A 179 23.72 2.49 -9.65
C GLY A 179 22.25 2.11 -9.79
N ASN A 180 21.58 1.86 -8.66
CA ASN A 180 20.17 1.47 -8.64
C ASN A 180 19.31 2.39 -7.89
N LYS A 181 18.03 2.23 -8.14
CA LYS A 181 16.98 2.94 -7.41
C LYS A 181 16.44 1.98 -6.32
N LEU A 182 16.43 2.40 -5.07
CA LEU A 182 15.84 1.60 -4.00
C LEU A 182 14.41 1.04 -4.24
N SER A 183 13.54 1.86 -4.82
CA SER A 183 12.14 1.44 -5.05
C SER A 183 12.04 0.23 -6.01
N ASP A 184 12.97 0.09 -6.94
CA ASP A 184 13.07 -1.06 -7.87
C ASP A 184 13.42 -2.38 -7.15
N VAL A 185 14.28 -2.32 -6.15
CA VAL A 185 14.79 -3.53 -5.50
C VAL A 185 14.22 -3.84 -4.11
N ALA A 186 13.58 -2.86 -3.45
CA ALA A 186 13.16 -3.02 -2.02
C ALA A 186 11.98 -3.97 -1.83
N VAL A 187 12.10 -4.78 -0.79
CA VAL A 187 11.05 -5.72 -0.32
C VAL A 187 10.80 -5.49 1.17
N TYR A 188 9.58 -5.09 1.49
CA TYR A 188 9.26 -4.60 2.86
C TYR A 188 8.58 -5.59 3.73
N ALA A 189 8.01 -6.60 3.10
CA ALA A 189 7.21 -7.62 3.80
C ALA A 189 7.44 -8.97 3.22
N ARG A 190 7.45 -9.97 4.07
CA ARG A 190 7.56 -11.37 3.62
C ARG A 190 6.60 -12.25 4.38
N GLU A 191 5.51 -12.62 3.76
CA GLU A 191 4.46 -13.39 4.44
C GLU A 191 3.92 -14.50 3.51
N GLY A 192 3.85 -15.71 4.04
CA GLY A 192 3.35 -16.88 3.32
C GLY A 192 4.38 -17.51 2.38
N ILE A 193 3.90 -17.92 1.21
CA ILE A 193 4.74 -18.50 0.20
C ILE A 193 5.31 -17.38 -0.65
N THR A 194 6.56 -17.01 -0.39
CA THR A 194 7.24 -15.91 -1.11
C THR A 194 8.04 -16.38 -2.34
N GLY A 195 8.29 -17.67 -2.41
CA GLY A 195 9.21 -18.26 -3.38
C GLY A 195 10.65 -18.06 -2.97
N GLU A 196 11.55 -18.43 -3.85
CA GLU A 196 12.99 -18.18 -3.64
C GLU A 196 13.32 -16.68 -3.69
N ARG A 197 14.25 -16.24 -2.84
CA ARG A 197 14.70 -14.89 -2.84
C ARG A 197 15.22 -14.48 -4.22
N THR A 198 14.90 -13.27 -4.63
CA THR A 198 15.53 -12.66 -5.82
C THR A 198 17.00 -12.31 -5.54
N LYS A 199 17.80 -12.18 -6.57
CA LYS A 199 19.25 -11.78 -6.43
C LYS A 199 19.47 -10.30 -6.00
N ASP A 200 18.72 -9.39 -6.60
CA ASP A 200 18.90 -7.94 -6.39
C ASP A 200 18.10 -7.30 -5.26
N GLU A 201 17.08 -7.99 -4.74
CA GLU A 201 16.22 -7.42 -3.72
C GLU A 201 17.02 -7.04 -2.46
N ILE A 202 16.56 -5.95 -1.85
CA ILE A 202 16.99 -5.51 -0.56
C ILE A 202 15.76 -5.71 0.35
N GLY A 203 15.94 -6.60 1.32
CA GLY A 203 14.91 -6.98 2.27
C GLY A 203 14.96 -6.17 3.54
N PHE A 204 13.77 -5.82 4.02
CA PHE A 204 13.60 -4.99 5.21
C PHE A 204 12.85 -5.79 6.24
N ALA A 205 13.45 -5.90 7.40
CA ALA A 205 12.82 -6.51 8.56
C ALA A 205 12.68 -5.48 9.69
N THR A 206 11.46 -5.36 10.20
CA THR A 206 11.13 -4.32 11.16
C THR A 206 10.64 -4.86 12.50
N ILE A 207 11.38 -4.55 13.55
CA ILE A 207 11.00 -4.91 14.94
C ILE A 207 10.46 -3.67 15.72
N ARG A 208 9.38 -3.88 16.45
CA ARG A 208 8.76 -2.82 17.30
C ARG A 208 8.57 -3.34 18.70
N ALA A 209 9.28 -2.76 19.65
CA ALA A 209 9.33 -3.29 21.00
C ALA A 209 9.90 -2.34 22.03
N GLY A 210 9.28 -2.37 23.21
CA GLY A 210 9.78 -1.71 24.39
C GLY A 210 10.08 -0.23 24.17
N ASP A 211 11.24 0.19 24.67
CA ASP A 211 11.69 1.59 24.66
C ASP A 211 12.92 1.77 23.80
N ILE A 212 13.10 0.86 22.84
CA ILE A 212 14.32 0.84 22.03
C ILE A 212 14.52 2.18 21.26
N VAL A 213 15.62 2.83 21.56
CA VAL A 213 15.92 4.12 20.99
C VAL A 213 16.17 3.97 19.49
N GLY A 214 16.91 2.95 19.06
CA GLY A 214 17.10 2.72 17.63
C GLY A 214 18.25 1.77 17.35
N GLU A 215 17.94 0.61 16.79
CA GLU A 215 18.95 -0.28 16.23
C GLU A 215 18.77 -0.51 14.74
N HIS A 216 19.89 -0.36 14.04
CA HIS A 216 19.99 -0.70 12.60
C HIS A 216 21.16 -1.59 12.23
N THR A 217 20.86 -2.55 11.39
CA THR A 217 21.88 -3.51 10.89
C THR A 217 21.63 -3.62 9.42
N ALA A 218 22.68 -3.31 8.66
CA ALA A 218 22.79 -3.77 7.27
C ALA A 218 23.69 -4.99 7.16
N MET A 219 23.12 -6.00 6.53
CA MET A 219 23.77 -7.32 6.28
C MET A 219 24.12 -7.51 4.80
N PHE A 220 25.40 -7.77 4.54
CA PHE A 220 25.88 -8.33 3.22
C PHE A 220 26.22 -9.83 3.38
N ALA A 221 25.39 -10.65 2.75
CA ALA A 221 25.49 -12.12 2.90
C ALA A 221 25.79 -12.81 1.62
N ASP A 222 26.88 -13.55 1.71
CA ASP A 222 27.41 -14.41 0.63
C ASP A 222 27.31 -15.84 1.13
N ILE A 223 27.37 -16.80 0.23
CA ILE A 223 27.42 -18.19 0.67
C ILE A 223 28.79 -18.36 1.35
N GLY A 224 28.82 -18.80 2.56
CA GLY A 224 30.11 -18.93 3.26
C GLY A 224 30.50 -17.83 4.24
N GLU A 225 29.92 -16.64 4.08
CA GLU A 225 30.27 -15.51 4.95
C GLU A 225 29.33 -14.31 4.87
N ARG A 226 29.31 -13.58 5.96
CA ARG A 226 28.60 -12.32 5.95
C ARG A 226 29.22 -11.24 6.76
N VAL A 227 28.96 -10.07 6.21
CA VAL A 227 29.42 -8.78 6.80
C VAL A 227 28.22 -8.02 7.29
N GLU A 228 28.27 -7.76 8.56
CA GLU A 228 27.18 -7.02 9.24
C GLU A 228 27.70 -5.60 9.76
N ILE A 229 27.07 -4.55 9.32
CA ILE A 229 27.35 -3.21 9.83
C ILE A 229 26.17 -2.63 10.64
N THR A 230 26.42 -2.40 11.91
CA THR A 230 25.33 -2.11 12.86
C THR A 230 25.51 -0.73 13.55
N HIS A 231 24.43 0.05 13.57
CA HIS A 231 24.31 1.20 14.46
C HIS A 231 23.30 1.03 15.59
N LYS A 232 23.78 1.34 16.77
CA LYS A 232 22.91 1.42 17.99
C LYS A 232 22.87 2.82 18.56
N ALA A 233 21.66 3.33 18.61
CA ALA A 233 21.36 4.57 19.34
C ALA A 233 20.89 4.27 20.71
N THR A 234 21.61 4.79 21.66
CA THR A 234 21.37 4.52 23.11
C THR A 234 20.58 5.62 23.83
N ASP A 235 20.64 6.81 23.30
CA ASP A 235 20.20 8.01 23.96
C ASP A 235 19.85 9.03 22.88
N ARG A 236 18.70 9.68 22.96
CA ARG A 236 18.45 10.76 21.94
C ARG A 236 19.50 11.95 21.99
N MET A 237 20.31 11.93 23.02
CA MET A 237 21.49 12.79 23.17
C MET A 237 22.50 12.77 22.06
N THR A 238 22.70 11.61 21.42
CA THR A 238 23.70 11.44 20.36
C THR A 238 23.46 12.37 19.16
N PHE A 239 22.21 12.52 18.80
CA PHE A 239 21.82 13.49 17.72
C PHE A 239 22.20 14.93 18.10
N ALA A 240 21.92 15.26 19.36
CA ALA A 240 22.33 16.55 19.88
C ALA A 240 23.86 16.75 19.82
N ASN A 241 24.64 15.76 20.24
CA ASN A 241 26.08 15.86 20.14
C ASN A 241 26.50 16.13 18.70
N GLY A 242 25.82 15.52 17.75
CA GLY A 242 26.20 15.70 16.34
C GLY A 242 25.90 17.07 15.81
N ALA A 243 24.73 17.53 16.15
CA ALA A 243 24.30 18.94 15.84
C ALA A 243 25.25 20.03 16.44
N VAL A 244 25.75 19.78 17.63
CA VAL A 244 26.69 20.68 18.26
C VAL A 244 28.00 20.65 17.58
N LYS A 245 28.44 19.42 17.34
CA LYS A 245 29.62 19.17 16.43
C LYS A 245 29.50 19.97 15.12
N ALA A 246 28.32 19.94 14.54
CA ALA A 246 28.09 20.68 13.33
C ALA A 246 28.13 22.21 13.48
N ALA A 247 27.57 22.69 14.57
CA ALA A 247 27.66 24.12 14.91
C ALA A 247 29.07 24.64 15.10
N VAL A 248 29.86 23.90 15.86
CA VAL A 248 31.30 24.21 16.03
C VAL A 248 31.98 24.37 14.65
N TRP A 249 31.85 23.33 13.85
CA TRP A 249 32.43 23.33 12.52
C TRP A 249 31.92 24.46 11.62
N LEU A 250 30.64 24.73 11.70
CA LEU A 250 30.02 25.78 10.86
C LEU A 250 30.49 27.20 11.19
N HIS A 251 30.96 27.37 12.42
CA HIS A 251 31.45 28.66 12.86
C HIS A 251 32.53 29.16 11.90
N GLU A 252 32.39 30.39 11.45
CA GLU A 252 33.34 31.03 10.48
C GLU A 252 33.62 30.30 9.14
N LYS A 253 32.60 29.61 8.65
CA LYS A 253 32.62 28.95 7.38
C LYS A 253 31.95 29.89 6.47
N PRO A 254 32.24 29.80 5.13
CA PRO A 254 31.54 30.71 4.28
C PRO A 254 30.13 30.29 4.08
N ALA A 255 29.37 31.16 3.46
CA ALA A 255 28.01 30.88 3.04
C ALA A 255 27.96 29.62 2.18
N GLY A 256 26.83 28.93 2.26
CA GLY A 256 26.66 27.61 1.70
C GLY A 256 25.68 26.70 2.46
N PHE A 257 25.20 25.70 1.72
CA PHE A 257 24.36 24.65 2.19
C PHE A 257 25.28 23.49 2.50
N TYR A 258 25.41 23.15 3.78
CA TYR A 258 26.27 22.08 4.19
C TYR A 258 25.46 20.99 4.87
N THR A 259 26.06 19.78 4.87
CA THR A 259 25.39 18.55 5.40
C THR A 259 26.38 17.89 6.29
N MET A 260 25.92 16.86 6.98
CA MET A 260 26.77 16.16 7.97
C MET A 260 27.92 15.47 7.33
N THR A 261 27.70 15.24 6.05
CA THR A 261 28.71 14.60 5.23
C THR A 261 29.92 15.50 5.18
N ASP A 262 29.62 16.75 4.88
CA ASP A 262 30.61 17.83 4.89
C ASP A 262 31.28 18.01 6.28
N VAL A 263 30.47 18.05 7.34
CA VAL A 263 31.01 18.23 8.73
C VAL A 263 31.98 17.13 9.16
N LEU A 264 31.57 15.90 8.88
CA LEU A 264 32.32 14.74 9.30
C LEU A 264 33.50 14.39 8.37
N GLY A 265 33.62 15.08 7.21
CA GLY A 265 34.60 14.77 6.18
C GLY A 265 34.46 13.38 5.55
N LEU A 266 33.22 12.99 5.22
CA LEU A 266 33.01 11.64 4.69
C LEU A 266 33.61 11.43 3.28
N ASN A 267 33.57 12.49 2.48
CA ASN A 267 34.09 12.44 1.11
C ASN A 267 35.59 12.21 1.00
N ASP A 268 36.33 12.64 2.01
CA ASP A 268 37.80 12.60 2.01
C ASP A 268 38.40 11.59 3.01
N LEU A 269 37.90 10.35 2.99
CA LEU A 269 38.38 9.26 3.88
C LEU A 269 39.61 8.44 3.41
N MET B 1 4.60 2.73 55.44
CA MET B 1 5.62 3.76 55.00
C MET B 1 7.05 3.37 55.39
N VAL B 2 7.87 3.17 54.35
CA VAL B 2 9.25 2.68 54.52
C VAL B 2 10.22 3.80 54.24
N ARG B 3 11.07 4.04 55.21
CA ARG B 3 11.97 5.19 55.22
C ARG B 3 13.34 4.70 54.79
N ILE B 4 13.78 5.25 53.66
CA ILE B 4 14.93 4.72 52.98
C ILE B 4 16.07 5.69 53.11
N ALA B 5 17.19 5.12 53.43
CA ALA B 5 18.48 5.79 53.32
C ALA B 5 19.23 5.25 52.05
N VAL B 6 19.62 6.17 51.15
CA VAL B 6 20.41 5.85 49.98
C VAL B 6 21.90 6.10 50.21
N ALA B 7 22.67 5.03 50.29
CA ALA B 7 24.12 5.14 50.44
C ALA B 7 24.73 5.59 49.13
N GLY B 8 25.85 6.30 49.20
CA GLY B 8 26.39 6.98 48.00
C GLY B 8 25.33 7.52 47.03
N ALA B 9 24.61 8.52 47.47
CA ALA B 9 23.51 9.10 46.67
C ALA B 9 23.94 9.86 45.40
N ALA B 10 25.20 10.28 45.36
CA ALA B 10 25.72 10.98 44.18
C ALA B 10 26.13 10.09 43.04
N GLY B 11 26.35 8.81 43.31
CA GLY B 11 26.74 7.79 42.30
C GLY B 11 25.72 7.57 41.15
N ARG B 12 26.12 6.78 40.16
CA ARG B 12 25.22 6.52 39.03
C ARG B 12 23.93 5.87 39.51
N MET B 13 24.10 4.83 40.27
CA MET B 13 22.99 4.13 40.93
C MET B 13 22.32 4.98 42.01
N GLY B 14 23.12 5.48 42.95
CA GLY B 14 22.61 6.32 44.01
C GLY B 14 21.56 7.30 43.53
N ARG B 15 21.91 8.10 42.53
CA ARG B 15 20.98 9.17 42.04
C ARG B 15 19.66 8.53 41.56
N ASN B 16 19.75 7.38 40.94
CA ASN B 16 18.55 6.69 40.37
C ASN B 16 17.69 6.08 41.47
N LEU B 17 18.38 5.62 42.53
CA LEU B 17 17.73 5.09 43.72
C LEU B 17 16.95 6.18 44.43
N VAL B 18 17.62 7.32 44.61
CA VAL B 18 16.92 8.54 45.13
C VAL B 18 15.65 8.80 44.31
N LYS B 19 15.78 8.89 42.99
CA LYS B 19 14.65 9.18 42.10
C LYS B 19 13.57 8.10 42.19
N ALA B 20 14.02 6.87 42.39
CA ALA B 20 13.10 5.69 42.41
C ALA B 20 12.32 5.64 43.71
N ALA B 21 13.03 5.80 44.83
CA ALA B 21 12.37 5.89 46.15
C ALA B 21 11.36 7.03 46.21
N HIS B 22 11.73 8.13 45.56
CA HIS B 22 10.87 9.31 45.47
C HIS B 22 9.58 8.98 44.76
N HIS B 23 9.67 8.20 43.71
CA HIS B 23 8.47 7.84 42.90
C HIS B 23 7.59 6.71 43.47
N ASN B 24 8.16 5.92 44.38
CA ASN B 24 7.43 4.83 45.00
C ASN B 24 6.61 5.41 46.14
N PRO B 25 5.26 5.24 46.09
CA PRO B 25 4.40 5.85 47.09
C PRO B 25 4.40 5.24 48.51
N VAL B 26 4.87 4.03 48.62
CA VAL B 26 5.03 3.35 49.92
C VAL B 26 6.38 3.68 50.56
N ALA B 27 7.25 4.35 49.82
CA ALA B 27 8.61 4.67 50.35
C ALA B 27 8.87 6.16 50.45
N LYS B 28 9.69 6.53 51.42
CA LYS B 28 10.11 7.91 51.57
C LYS B 28 11.61 7.99 51.54
N VAL B 29 12.11 8.98 50.83
CA VAL B 29 13.54 9.29 50.85
C VAL B 29 13.84 10.00 52.19
N ALA B 30 14.54 9.31 53.06
CA ALA B 30 14.75 9.81 54.39
C ALA B 30 16.15 10.24 54.73
N ALA B 31 17.11 9.75 53.99
CA ALA B 31 18.55 9.98 54.31
C ALA B 31 19.41 9.57 53.11
N GLY B 32 20.66 10.00 53.14
CA GLY B 32 21.57 9.81 52.02
C GLY B 32 23.01 10.11 52.37
N SER B 33 23.95 9.27 51.94
CA SER B 33 25.36 9.52 52.26
C SER B 33 26.19 9.84 51.03
N GLU B 34 27.38 10.33 51.30
CA GLU B 34 28.45 10.36 50.34
C GLU B 34 29.72 10.21 51.10
N ARG B 35 30.81 10.07 50.36
CA ARG B 35 32.11 9.89 50.99
C ARG B 35 32.41 11.15 51.80
N PRO B 36 33.04 11.02 52.99
CA PRO B 36 33.30 12.18 53.84
C PRO B 36 34.03 13.36 53.17
N GLU B 37 35.10 13.05 52.44
CA GLU B 37 35.88 14.04 51.65
C GLU B 37 35.09 14.76 50.55
N SER B 38 33.99 14.18 50.09
CA SER B 38 33.10 14.85 49.11
C SER B 38 32.49 16.20 49.56
N SER B 39 32.41 17.12 48.63
CA SER B 39 31.75 18.43 48.85
C SER B 39 30.23 18.43 48.59
N LEU B 40 29.70 17.32 48.11
CA LEU B 40 28.23 17.15 48.01
C LEU B 40 27.57 16.97 49.41
N VAL B 41 28.38 16.57 50.39
CA VAL B 41 27.95 16.55 51.78
C VAL B 41 27.40 17.93 52.14
N GLY B 42 26.14 17.95 52.58
CA GLY B 42 25.41 19.23 52.86
C GLY B 42 24.35 19.63 51.82
N VAL B 43 24.49 19.13 50.59
CA VAL B 43 23.53 19.39 49.55
C VAL B 43 22.18 18.66 49.81
N ASP B 44 21.07 19.28 49.40
CA ASP B 44 19.77 18.62 49.47
C ASP B 44 19.68 17.47 48.40
N LEU B 45 19.16 16.32 48.84
CA LEU B 45 19.01 15.09 47.98
C LEU B 45 18.18 15.24 46.76
N GLY B 46 17.09 15.98 46.89
CA GLY B 46 16.22 16.25 45.74
C GLY B 46 16.94 17.07 44.65
N GLU B 47 17.76 18.04 45.07
CA GLU B 47 18.48 18.94 44.16
C GLU B 47 19.50 18.22 43.35
N LEU B 48 20.13 17.20 43.95
CA LEU B 48 21.10 16.35 43.20
C LEU B 48 20.54 15.68 41.97
N CYS B 49 19.31 15.16 42.07
CA CYS B 49 18.63 14.53 40.91
C CYS B 49 17.69 15.50 40.12
N GLY B 50 17.77 16.80 40.41
CA GLY B 50 16.92 17.82 39.79
C GLY B 50 15.45 17.49 40.09
N GLU B 51 15.23 16.98 41.29
CA GLU B 51 13.94 16.45 41.70
C GLU B 51 13.18 17.47 42.56
N GLY B 52 13.76 18.67 42.69
CA GLY B 52 13.25 19.72 43.60
C GLY B 52 13.78 19.54 45.03
N LYS B 53 13.41 20.39 45.99
CA LYS B 53 13.92 20.22 47.41
C LYS B 53 13.10 19.24 48.28
N PHE B 54 13.82 18.37 48.98
CA PHE B 54 13.25 17.28 49.79
C PHE B 54 13.28 17.56 51.27
N ASP B 55 14.11 18.53 51.68
CA ASP B 55 14.32 18.86 53.10
C ASP B 55 15.16 17.79 53.78
N VAL B 56 15.97 17.12 52.99
CA VAL B 56 16.92 16.08 53.47
C VAL B 56 18.24 16.35 52.82
N VAL B 57 19.29 16.16 53.57
CA VAL B 57 20.61 16.45 53.03
C VAL B 57 21.49 15.22 52.96
N VAL B 58 22.52 15.32 52.14
CA VAL B 58 23.51 14.29 52.05
C VAL B 58 24.42 14.40 53.28
N CYS B 59 24.43 13.39 54.15
CA CYS B 59 25.36 13.37 55.30
C CYS B 59 26.63 12.63 54.91
N ASP B 60 27.68 12.81 55.68
CA ASP B 60 28.97 12.11 55.44
C ASP B 60 29.06 10.81 56.20
N ASP B 61 28.01 10.48 56.94
CA ASP B 61 27.94 9.28 57.75
C ASP B 61 26.48 9.02 58.09
N LEU B 62 25.94 7.89 57.60
CA LEU B 62 24.54 7.49 57.90
C LEU B 62 24.29 7.28 59.37
N ALA B 63 25.34 7.05 60.15
CA ALA B 63 25.25 6.94 61.64
C ALA B 63 24.54 8.16 62.24
N LYS B 64 24.87 9.33 61.71
CA LYS B 64 24.28 10.62 62.10
C LYS B 64 22.79 10.76 61.80
N GLN B 65 22.26 9.96 60.91
CA GLN B 65 20.82 10.05 60.59
C GLN B 65 19.99 8.84 60.99
N ILE B 66 20.55 8.02 61.86
CA ILE B 66 20.03 6.69 62.13
C ILE B 66 18.53 6.60 62.50
N ASP B 67 18.05 7.60 63.22
CA ASP B 67 16.65 7.60 63.67
C ASP B 67 15.66 7.93 62.56
N GLN B 68 16.15 8.44 61.42
CA GLN B 68 15.27 8.83 60.31
C GLN B 68 14.98 7.75 59.29
N PHE B 69 15.69 6.64 59.33
CA PHE B 69 15.53 5.56 58.33
C PHE B 69 15.37 4.14 58.90
N ASP B 70 14.65 3.35 58.13
CA ASP B 70 14.41 1.90 58.44
C ASP B 70 15.36 0.98 57.68
N VAL B 71 15.51 1.25 56.39
CA VAL B 71 16.32 0.42 55.47
C VAL B 71 17.34 1.26 54.73
N ILE B 72 18.55 0.72 54.66
CA ILE B 72 19.59 1.28 53.80
C ILE B 72 19.63 0.57 52.41
N ILE B 73 19.61 1.34 51.35
CA ILE B 73 19.92 0.81 50.05
C ILE B 73 21.34 1.20 49.64
N ASP B 74 22.16 0.17 49.39
CA ASP B 74 23.66 0.33 49.26
C ASP B 74 24.28 -0.27 47.97
N PHE B 75 24.55 0.63 47.05
CA PHE B 75 25.20 0.38 45.83
C PHE B 75 26.37 1.30 45.80
N THR B 76 27.39 0.94 46.54
CA THR B 76 28.58 1.76 46.62
C THR B 76 29.87 1.01 46.37
N ALA B 77 30.59 0.67 47.42
CA ALA B 77 31.86 -0.01 47.31
C ALA B 77 31.97 -1.00 48.48
N PRO B 78 32.75 -2.08 48.35
CA PRO B 78 32.75 -3.10 49.38
C PRO B 78 32.94 -2.61 50.80
N ALA B 79 33.94 -1.81 51.04
CA ALA B 79 34.25 -1.40 52.45
C ALA B 79 33.17 -0.52 53.08
N SER B 80 32.67 0.39 52.28
CA SER B 80 31.53 1.19 52.64
C SER B 80 30.31 0.35 53.00
N THR B 81 30.05 -0.66 52.18
CA THR B 81 28.88 -1.49 52.40
C THR B 81 29.01 -2.30 53.70
N LEU B 82 30.20 -2.77 53.98
CA LEU B 82 30.40 -3.50 55.20
C LEU B 82 30.13 -2.61 56.46
N ASN B 83 30.55 -1.34 56.38
CA ASN B 83 30.29 -0.35 57.44
C ASN B 83 28.82 -0.07 57.63
N ASN B 84 28.11 0.04 56.55
CA ASN B 84 26.65 0.15 56.65
C ASN B 84 25.91 -1.08 57.23
N LEU B 85 26.50 -2.25 56.98
CA LEU B 85 25.96 -3.51 57.49
C LEU B 85 26.07 -3.48 59.01
N ALA B 86 27.20 -2.95 59.46
CA ALA B 86 27.54 -2.82 60.87
C ALA B 86 26.59 -1.90 61.57
N LEU B 87 26.20 -0.85 60.87
CA LEU B 87 25.20 0.06 61.36
C LEU B 87 23.90 -0.67 61.60
N CYS B 88 23.52 -1.50 60.63
CA CYS B 88 22.23 -2.22 60.69
C CYS B 88 22.15 -3.13 61.89
N GLN B 89 23.26 -3.79 62.16
CA GLN B 89 23.39 -4.73 63.24
C GLN B 89 23.26 -4.04 64.62
N GLN B 90 24.02 -2.97 64.79
CA GLN B 90 24.01 -2.11 65.98
C GLN B 90 22.71 -1.41 66.33
N TYR B 91 21.99 -0.97 65.30
CA TYR B 91 20.76 -0.16 65.50
C TYR B 91 19.46 -0.80 65.02
N GLY B 92 19.51 -2.11 64.72
CA GLY B 92 18.34 -2.86 64.23
C GLY B 92 17.71 -2.35 62.93
N LYS B 93 18.56 -2.06 61.94
CA LYS B 93 18.12 -1.70 60.59
C LYS B 93 18.27 -2.84 59.62
N SER B 94 17.61 -2.68 58.49
CA SER B 94 17.71 -3.56 57.33
C SER B 94 18.55 -2.96 56.22
N ILE B 95 19.05 -3.82 55.33
CA ILE B 95 19.89 -3.37 54.17
C ILE B 95 19.57 -4.13 52.88
N VAL B 96 19.50 -3.40 51.79
CA VAL B 96 19.42 -3.96 50.45
C VAL B 96 20.80 -3.68 49.81
N ILE B 97 21.54 -4.74 49.51
CA ILE B 97 22.93 -4.64 48.96
C ILE B 97 22.97 -4.94 47.46
N GLY B 98 23.46 -3.97 46.72
CA GLY B 98 23.68 -4.09 45.26
C GLY B 98 25.16 -4.16 44.90
N THR B 99 25.98 -3.68 45.83
CA THR B 99 27.42 -3.56 45.62
C THR B 99 27.97 -4.89 45.16
N THR B 100 28.93 -4.85 44.24
CA THR B 100 29.63 -6.06 43.72
C THR B 100 31.09 -5.91 43.94
N GLY B 101 31.81 -6.92 43.70
CA GLY B 101 33.27 -6.87 43.84
C GLY B 101 33.75 -7.18 45.26
N PHE B 102 32.94 -7.87 46.04
CA PHE B 102 33.39 -8.38 47.34
C PHE B 102 34.34 -9.56 47.23
N THR B 103 35.27 -9.65 48.17
CA THR B 103 36.16 -10.83 48.28
C THR B 103 35.32 -11.97 48.89
N GLU B 104 35.80 -13.21 48.75
CA GLU B 104 35.09 -14.36 49.36
C GLU B 104 34.97 -14.18 50.89
N GLU B 105 36.06 -13.75 51.55
CA GLU B 105 36.09 -13.49 53.00
C GLU B 105 34.94 -12.56 53.39
N GLN B 106 34.80 -11.49 52.61
CA GLN B 106 33.74 -10.49 52.83
C GLN B 106 32.33 -11.04 52.63
N ARG B 107 32.14 -11.88 51.62
CA ARG B 107 30.83 -12.53 51.37
C ARG B 107 30.43 -13.48 52.50
N GLU B 108 31.45 -14.11 53.11
CA GLU B 108 31.22 -14.97 54.30
C GLU B 108 30.75 -14.14 55.48
N GLN B 109 31.33 -12.96 55.62
CA GLN B 109 30.89 -12.03 56.67
C GLN B 109 29.44 -11.59 56.53
N ILE B 110 29.04 -11.33 55.31
CA ILE B 110 27.68 -10.86 55.00
C ILE B 110 26.66 -11.95 55.35
N ASP B 111 27.01 -13.18 55.02
CA ASP B 111 26.23 -14.39 55.43
C ASP B 111 26.04 -14.57 56.94
N LEU B 112 27.14 -14.40 57.66
CA LEU B 112 27.11 -14.28 59.13
C LEU B 112 26.20 -13.14 59.66
N VAL B 113 26.45 -11.91 59.23
CA VAL B 113 25.62 -10.77 59.70
C VAL B 113 24.13 -10.99 59.38
N ALA B 114 23.87 -11.64 58.23
CA ALA B 114 22.48 -11.88 57.75
C ALA B 114 21.69 -12.87 58.58
N GLN B 115 22.38 -13.51 59.50
CA GLN B 115 21.69 -14.27 60.57
C GLN B 115 20.96 -13.39 61.63
N GLN B 116 21.51 -12.22 61.90
CA GLN B 116 20.98 -11.22 62.85
C GLN B 116 20.15 -10.07 62.19
N VAL B 117 20.45 -9.78 60.93
CA VAL B 117 19.94 -8.60 60.23
C VAL B 117 19.13 -9.03 58.99
N PRO B 118 18.00 -8.36 58.69
CA PRO B 118 17.37 -8.59 57.37
C PRO B 118 18.14 -7.95 56.21
N VAL B 119 18.63 -8.81 55.34
CA VAL B 119 19.53 -8.46 54.25
C VAL B 119 18.96 -8.99 52.94
N VAL B 120 18.82 -8.11 51.96
CA VAL B 120 18.59 -8.52 50.60
C VAL B 120 19.89 -8.30 49.89
N MET B 121 20.39 -9.35 49.25
CA MET B 121 21.58 -9.23 48.40
C MET B 121 21.45 -10.02 47.07
N ALA B 122 21.58 -9.31 45.99
CA ALA B 122 21.53 -9.85 44.65
C ALA B 122 22.61 -9.16 43.81
N PRO B 123 23.14 -9.83 42.77
CA PRO B 123 24.05 -9.14 41.80
C PRO B 123 23.31 -8.35 40.76
N ASN B 124 21.99 -8.53 40.72
CA ASN B 124 21.13 -7.81 39.76
C ASN B 124 19.71 -7.69 40.27
N TYR B 125 19.16 -6.48 40.20
CA TYR B 125 17.82 -6.17 40.75
C TYR B 125 16.74 -6.07 39.69
N SER B 126 17.09 -6.45 38.46
CA SER B 126 16.13 -6.47 37.38
C SER B 126 15.31 -7.76 37.37
N VAL B 127 14.07 -7.64 36.96
CA VAL B 127 13.20 -8.83 36.78
C VAL B 127 13.79 -9.81 35.74
N GLY B 128 14.25 -9.26 34.61
CA GLY B 128 14.74 -10.03 33.50
C GLY B 128 15.94 -10.85 33.87
N VAL B 129 16.92 -10.28 34.54
CA VAL B 129 18.08 -11.13 34.97
C VAL B 129 17.70 -12.28 35.90
N ASN B 130 16.73 -12.03 36.78
CA ASN B 130 16.34 -13.03 37.80
C ASN B 130 15.54 -14.13 37.13
N LEU B 131 14.72 -13.75 36.17
CA LEU B 131 14.11 -14.72 35.27
C LEU B 131 15.22 -15.52 34.59
N VAL B 132 16.19 -14.82 34.04
CA VAL B 132 17.30 -15.47 33.28
C VAL B 132 18.05 -16.49 34.14
N PHE B 133 18.36 -16.18 35.40
CA PHE B 133 18.99 -17.17 36.29
C PHE B 133 18.21 -18.51 36.33
N LYS B 134 16.87 -18.40 36.39
CA LYS B 134 16.02 -19.58 36.39
C LYS B 134 16.08 -20.35 35.04
N LEU B 135 16.12 -19.62 33.93
CA LEU B 135 16.15 -20.23 32.60
C LEU B 135 17.45 -20.95 32.37
N LEU B 136 18.48 -20.36 32.89
CA LEU B 136 19.81 -20.95 32.80
C LEU B 136 19.86 -22.30 33.43
N GLU B 137 19.21 -22.40 34.58
CA GLU B 137 19.15 -23.67 35.34
C GLU B 137 18.55 -24.76 34.48
N LYS B 138 17.44 -24.43 33.87
CA LYS B 138 16.78 -25.37 32.95
C LYS B 138 17.69 -25.75 31.77
N ALA B 139 18.29 -24.77 31.15
CA ALA B 139 19.17 -25.01 30.01
C ALA B 139 20.34 -25.86 30.45
N ALA B 140 20.82 -25.63 31.63
CA ALA B 140 22.03 -26.37 32.10
C ALA B 140 21.77 -27.84 32.32
N LYS B 141 20.59 -28.16 32.81
CA LYS B 141 20.19 -29.54 33.05
C LYS B 141 20.09 -30.31 31.71
N VAL B 142 19.53 -29.67 30.70
CA VAL B 142 19.25 -30.30 29.46
C VAL B 142 20.53 -30.38 28.62
N MET B 143 21.26 -29.28 28.48
CA MET B 143 22.38 -29.18 27.51
C MET B 143 23.75 -29.14 28.14
N GLY B 144 23.83 -28.81 29.40
CA GLY B 144 25.11 -28.47 30.00
C GLY B 144 26.21 -29.54 29.86
N ASP B 145 25.83 -30.79 29.95
CA ASP B 145 26.74 -31.96 29.84
C ASP B 145 27.34 -32.17 28.45
N TYR B 146 26.58 -31.86 27.42
CA TYR B 146 27.11 -31.97 26.06
C TYR B 146 27.85 -30.71 25.58
N CYS B 147 27.34 -29.59 26.05
CA CYS B 147 27.74 -28.27 25.50
C CYS B 147 28.93 -27.58 26.09
N ASP B 148 29.53 -26.73 25.28
CA ASP B 148 30.45 -25.73 25.78
C ASP B 148 29.62 -24.51 26.25
N ILE B 149 29.92 -24.10 27.49
CA ILE B 149 29.27 -22.99 28.19
C ILE B 149 30.18 -21.74 28.28
N GLU B 150 29.75 -20.64 27.66
CA GLU B 150 30.51 -19.37 27.65
C GLU B 150 29.61 -18.22 28.13
N ILE B 151 30.18 -17.36 28.97
CA ILE B 151 29.48 -16.20 29.49
C ILE B 151 30.20 -14.89 29.06
N VAL B 152 29.47 -14.05 28.34
CA VAL B 152 30.03 -12.83 27.80
C VAL B 152 29.21 -11.66 28.30
N GLU B 153 29.91 -10.68 28.81
CA GLU B 153 29.24 -9.48 29.36
C GLU B 153 29.92 -8.18 28.96
N ALA B 154 29.07 -7.19 28.67
CA ALA B 154 29.52 -5.84 28.32
C ALA B 154 28.97 -4.84 29.36
N HIS B 155 29.85 -3.96 29.82
CA HIS B 155 29.47 -2.79 30.61
C HIS B 155 30.19 -1.56 30.23
N HIS B 156 29.58 -0.43 30.62
CA HIS B 156 30.17 0.90 30.49
C HIS B 156 31.62 1.04 30.99
N ARG B 157 32.30 2.11 30.53
CA ARG B 157 33.74 2.31 30.76
C ARG B 157 34.17 2.46 32.19
N HIS B 158 33.23 2.76 33.09
CA HIS B 158 33.59 3.11 34.48
C HIS B 158 33.57 1.93 35.42
N LYS B 159 33.00 0.82 34.99
CA LYS B 159 32.90 -0.31 35.90
C LYS B 159 34.30 -0.80 36.28
N VAL B 160 34.55 -1.00 37.56
CA VAL B 160 35.90 -1.25 38.08
C VAL B 160 36.21 -2.71 38.30
N ASP B 161 35.15 -3.52 38.33
CA ASP B 161 35.28 -4.96 38.65
C ASP B 161 34.89 -5.82 37.41
N ALA B 162 35.65 -6.89 37.19
CA ALA B 162 35.45 -7.84 36.09
C ALA B 162 35.66 -9.26 36.57
N PRO B 163 34.78 -10.15 36.19
CA PRO B 163 33.64 -9.83 35.34
C PRO B 163 32.59 -9.37 36.28
N SER B 164 31.48 -8.96 35.69
CA SER B 164 30.36 -8.50 36.45
C SER B 164 29.93 -9.50 37.46
N GLY B 165 29.34 -9.02 38.54
CA GLY B 165 28.67 -9.85 39.58
C GLY B 165 27.46 -10.59 39.04
N THR B 166 26.74 -9.95 38.12
CA THR B 166 25.69 -10.66 37.34
C THR B 166 26.25 -11.87 36.52
N ALA B 167 27.40 -11.71 35.86
CA ALA B 167 27.99 -12.83 35.10
C ALA B 167 28.34 -13.95 36.04
N ILE B 168 29.02 -13.61 37.14
CA ILE B 168 29.36 -14.60 38.15
C ILE B 168 28.10 -15.25 38.65
N GLY B 169 27.05 -14.48 38.85
CA GLY B 169 25.74 -15.03 39.21
C GLY B 169 25.21 -16.04 38.21
N MET B 170 25.44 -15.81 36.93
CA MET B 170 24.98 -16.72 35.89
C MET B 170 25.76 -18.06 35.88
N GLY B 171 27.08 -17.94 36.04
CA GLY B 171 28.00 -19.04 36.24
C GLY B 171 27.63 -19.93 37.40
N GLU B 172 27.29 -19.32 38.51
CA GLU B 172 26.88 -20.07 39.70
C GLU B 172 25.55 -20.81 39.50
N ALA B 173 24.57 -20.13 38.93
CA ALA B 173 23.31 -20.77 38.64
C ALA B 173 23.54 -22.04 37.78
N ILE B 174 24.34 -21.88 36.73
CA ILE B 174 24.68 -22.96 35.78
C ILE B 174 25.46 -24.10 36.49
N ALA B 175 26.58 -23.73 37.10
CA ALA B 175 27.39 -24.71 37.84
C ALA B 175 26.62 -25.50 38.92
N GLY B 176 25.89 -24.77 39.73
CA GLY B 176 25.03 -25.36 40.78
C GLY B 176 24.02 -26.33 40.23
N ALA B 177 23.37 -25.94 39.14
CA ALA B 177 22.34 -26.86 38.48
C ALA B 177 22.95 -28.16 37.88
N MET B 178 24.23 -28.12 37.62
CA MET B 178 25.03 -29.22 37.16
C MET B 178 25.86 -29.89 38.27
N GLY B 179 25.53 -29.62 39.52
CA GLY B 179 26.23 -30.24 40.65
C GLY B 179 27.72 -29.97 40.70
N ASN B 180 28.10 -28.80 40.17
CA ASN B 180 29.47 -28.28 40.31
C ASN B 180 29.60 -26.97 41.09
N LYS B 181 30.85 -26.69 41.42
CA LYS B 181 31.30 -25.42 42.02
C LYS B 181 31.92 -24.57 40.91
N LEU B 182 31.43 -23.35 40.73
CA LEU B 182 31.96 -22.42 39.72
C LEU B 182 33.46 -22.22 39.71
N SER B 183 34.03 -22.11 40.89
CA SER B 183 35.50 -21.89 41.01
C SER B 183 36.34 -23.05 40.40
N ASP B 184 35.81 -24.27 40.42
CA ASP B 184 36.45 -25.44 39.78
C ASP B 184 36.53 -25.33 38.27
N VAL B 185 35.48 -24.80 37.66
CA VAL B 185 35.35 -24.81 36.21
C VAL B 185 35.61 -23.48 35.51
N ALA B 186 35.62 -22.36 36.24
CA ALA B 186 35.67 -21.05 35.59
C ALA B 186 37.00 -20.71 35.02
N VAL B 187 36.96 -20.11 33.86
CA VAL B 187 38.16 -19.55 33.15
C VAL B 187 37.91 -18.07 32.77
N TYR B 188 38.73 -17.20 33.33
CA TYR B 188 38.45 -15.75 33.32
C TYR B 188 39.28 -14.99 32.30
N ALA B 189 40.36 -15.61 31.85
CA ALA B 189 41.25 -15.00 30.89
C ALA B 189 41.80 -16.02 29.90
N ARG B 190 41.95 -15.61 28.66
CA ARG B 190 42.48 -16.42 27.61
C ARG B 190 43.46 -15.62 26.79
N GLU B 191 44.73 -15.87 26.98
CA GLU B 191 45.76 -15.10 26.26
C GLU B 191 46.90 -16.02 25.78
N GLY B 192 47.29 -15.88 24.52
CA GLY B 192 48.42 -16.62 23.95
C GLY B 192 48.03 -17.99 23.50
N ILE B 193 48.93 -18.93 23.72
CA ILE B 193 48.67 -20.32 23.40
C ILE B 193 47.90 -20.94 24.58
N THR B 194 46.58 -21.04 24.48
CA THR B 194 45.76 -21.66 25.53
C THR B 194 45.57 -23.20 25.37
N GLY B 195 45.86 -23.73 24.19
CA GLY B 195 45.53 -25.10 23.84
C GLY B 195 44.08 -25.25 23.49
N GLU B 196 43.68 -26.49 23.31
CA GLU B 196 42.27 -26.85 23.11
C GLU B 196 41.45 -26.62 24.37
N ARG B 197 40.22 -26.18 24.18
CA ARG B 197 39.32 -25.93 25.29
C ARG B 197 39.08 -27.23 26.08
N THR B 198 39.04 -27.15 27.39
CA THR B 198 38.61 -28.28 28.20
C THR B 198 37.09 -28.43 28.07
N LYS B 199 36.60 -29.60 28.45
CA LYS B 199 35.15 -29.93 28.35
C LYS B 199 34.26 -29.20 29.35
N ASP B 200 34.72 -29.13 30.61
CA ASP B 200 33.88 -28.59 31.74
C ASP B 200 33.96 -27.11 31.99
N GLU B 201 34.99 -26.46 31.46
CA GLU B 201 35.23 -25.06 31.70
C GLU B 201 34.04 -24.17 31.27
N ILE B 202 33.81 -23.13 32.09
CA ILE B 202 32.90 -22.02 31.81
C ILE B 202 33.80 -20.83 31.58
N GLY B 203 33.80 -20.38 30.33
CA GLY B 203 34.63 -19.23 29.88
C GLY B 203 33.93 -17.88 30.06
N PHE B 204 34.69 -16.90 30.52
CA PHE B 204 34.20 -15.49 30.79
C PHE B 204 34.92 -14.50 29.93
N ALA B 205 34.13 -13.76 29.20
CA ALA B 205 34.60 -12.71 28.33
C ALA B 205 34.00 -11.39 28.75
N THR B 206 34.86 -10.41 28.94
CA THR B 206 34.46 -9.11 29.52
C THR B 206 34.77 -7.93 28.55
N ILE B 207 33.73 -7.24 28.15
CA ILE B 207 33.84 -6.01 27.36
C ILE B 207 33.54 -4.72 28.22
N ARG B 208 34.37 -3.69 28.04
CA ARG B 208 34.28 -2.43 28.77
C ARG B 208 34.30 -1.28 27.78
N ALA B 209 33.17 -0.57 27.70
CA ALA B 209 32.99 0.40 26.62
C ALA B 209 31.80 1.31 26.83
N GLY B 210 32.04 2.55 26.48
CA GLY B 210 31.00 3.56 26.39
C GLY B 210 30.18 3.70 27.66
N ASP B 211 28.88 3.77 27.46
CA ASP B 211 27.92 3.97 28.47
C ASP B 211 27.03 2.81 28.65
N ILE B 212 27.51 1.65 28.33
CA ILE B 212 26.67 0.46 28.27
C ILE B 212 26.13 0.16 29.67
N VAL B 213 24.82 0.17 29.77
CA VAL B 213 24.16 -0.09 31.04
C VAL B 213 24.32 -1.52 31.50
N GLY B 214 24.24 -2.48 30.60
CA GLY B 214 24.61 -3.88 30.94
C GLY B 214 24.07 -4.91 29.98
N GLU B 215 24.98 -5.64 29.38
CA GLU B 215 24.61 -6.78 28.49
C GLU B 215 25.23 -8.05 28.93
N HIS B 216 24.38 -9.07 29.06
CA HIS B 216 24.85 -10.45 29.42
C HIS B 216 24.31 -11.51 28.47
N THR B 217 25.21 -12.38 28.08
CA THR B 217 24.87 -13.52 27.23
C THR B 217 25.49 -14.74 27.81
N ALA B 218 24.64 -15.71 28.10
CA ALA B 218 25.10 -17.09 28.35
C ALA B 218 24.88 -17.94 27.11
N MET B 219 25.95 -18.57 26.66
CA MET B 219 25.97 -19.40 25.44
C MET B 219 26.16 -20.90 25.78
N PHE B 220 25.25 -21.73 25.30
CA PHE B 220 25.38 -23.20 25.30
C PHE B 220 25.64 -23.68 23.88
N ALA B 221 26.86 -24.10 23.65
CA ALA B 221 27.30 -24.46 22.28
C ALA B 221 27.67 -25.93 22.10
N ASP B 222 27.01 -26.53 21.13
CA ASP B 222 27.20 -27.89 20.76
C ASP B 222 27.73 -27.84 19.35
N ILE B 223 28.27 -28.94 18.87
CA ILE B 223 28.61 -29.05 17.46
C ILE B 223 27.31 -29.05 16.68
N GLY B 224 27.15 -28.15 15.73
CA GLY B 224 25.93 -28.08 14.97
C GLY B 224 24.86 -27.12 15.44
N GLU B 225 24.91 -26.69 16.70
CA GLU B 225 23.99 -25.69 17.17
C GLU B 225 24.44 -24.94 18.44
N ARG B 226 23.84 -23.75 18.65
CA ARG B 226 23.92 -23.12 19.96
C ARG B 226 22.73 -22.36 20.39
N VAL B 227 22.65 -22.30 21.70
CA VAL B 227 21.56 -21.59 22.41
C VAL B 227 22.19 -20.44 23.16
N GLU B 228 21.64 -19.27 22.92
CA GLU B 228 22.10 -18.03 23.55
C GLU B 228 20.99 -17.36 24.33
N ILE B 229 21.22 -17.14 25.62
CA ILE B 229 20.25 -16.47 26.51
C ILE B 229 20.83 -15.14 26.97
N THR B 230 20.17 -14.05 26.57
CA THR B 230 20.72 -12.75 26.63
C THR B 230 19.83 -11.80 27.37
N HIS B 231 20.46 -11.07 28.29
CA HIS B 231 19.79 -9.96 28.98
C HIS B 231 20.44 -8.62 28.62
N LYS B 232 19.59 -7.67 28.21
CA LYS B 232 20.00 -6.30 27.98
C LYS B 232 19.31 -5.29 28.91
N ALA B 233 20.14 -4.60 29.69
CA ALA B 233 19.68 -3.52 30.56
C ALA B 233 19.85 -2.19 29.87
N THR B 234 18.78 -1.46 29.76
CA THR B 234 18.76 -0.23 28.96
C THR B 234 18.84 1.03 29.83
N ASP B 235 18.42 0.91 31.07
CA ASP B 235 18.22 2.05 31.97
C ASP B 235 18.47 1.63 33.42
N ARG B 236 19.26 2.41 34.16
CA ARG B 236 19.51 2.11 35.58
C ARG B 236 18.26 2.11 36.45
N MET B 237 17.19 2.77 35.99
CA MET B 237 15.88 2.68 36.64
C MET B 237 15.33 1.27 36.76
N THR B 238 15.63 0.38 35.82
CA THR B 238 15.30 -1.02 36.04
C THR B 238 15.92 -1.50 37.33
N PHE B 239 17.20 -1.25 37.57
CA PHE B 239 17.83 -1.72 38.82
C PHE B 239 17.27 -1.04 40.05
N ALA B 240 17.12 0.26 39.94
CA ALA B 240 16.74 1.11 41.09
C ALA B 240 15.32 0.81 41.57
N ASN B 241 14.37 0.73 40.64
CA ASN B 241 12.98 0.32 40.96
C ASN B 241 12.93 -1.04 41.63
N GLY B 242 13.75 -1.96 41.16
CA GLY B 242 13.79 -3.27 41.76
C GLY B 242 14.32 -3.23 43.18
N ALA B 243 15.43 -2.51 43.39
CA ALA B 243 16.08 -2.40 44.70
C ALA B 243 15.14 -1.72 45.73
N VAL B 244 14.36 -0.78 45.26
CA VAL B 244 13.37 -0.08 46.12
C VAL B 244 12.21 -1.03 46.49
N LYS B 245 11.71 -1.72 45.46
CA LYS B 245 10.74 -2.82 45.62
C LYS B 245 11.26 -3.88 46.62
N ALA B 246 12.54 -4.21 46.53
CA ALA B 246 13.16 -5.09 47.52
C ALA B 246 13.19 -4.45 48.93
N ALA B 247 13.51 -3.15 49.04
CA ALA B 247 13.54 -2.47 50.36
C ALA B 247 12.13 -2.49 51.03
N VAL B 248 11.10 -2.19 50.25
CA VAL B 248 9.70 -2.18 50.73
C VAL B 248 9.31 -3.55 51.27
N TRP B 249 9.50 -4.57 50.44
CA TRP B 249 9.38 -6.00 50.81
C TRP B 249 10.23 -6.41 52.03
N LEU B 250 11.46 -5.94 52.13
CA LEU B 250 12.34 -6.29 53.28
C LEU B 250 11.87 -5.72 54.61
N HIS B 251 11.11 -4.64 54.54
CA HIS B 251 10.67 -3.93 55.77
C HIS B 251 9.91 -4.84 56.73
N GLU B 252 9.00 -5.61 56.14
CA GLU B 252 8.19 -6.54 56.91
C GLU B 252 8.98 -7.71 57.58
N LYS B 253 10.18 -8.01 57.09
CA LYS B 253 10.79 -9.31 57.29
C LYS B 253 11.75 -9.46 58.49
N PRO B 254 11.93 -10.70 58.95
CA PRO B 254 12.91 -11.02 59.95
C PRO B 254 14.26 -11.21 59.39
N ALA B 255 15.20 -11.49 60.29
CA ALA B 255 16.58 -11.74 59.91
C ALA B 255 16.71 -12.87 58.91
N GLY B 256 17.72 -12.75 58.06
CA GLY B 256 17.91 -13.64 56.91
C GLY B 256 18.57 -13.04 55.69
N PHE B 257 19.12 -13.93 54.89
CA PHE B 257 19.76 -13.62 53.64
C PHE B 257 18.70 -13.84 52.59
N TYR B 258 18.26 -12.77 51.96
CA TYR B 258 17.27 -12.89 50.88
C TYR B 258 17.89 -12.43 49.54
N THR B 259 17.28 -12.90 48.45
CA THR B 259 17.70 -12.53 47.09
C THR B 259 16.49 -12.02 46.37
N MET B 260 16.71 -11.53 45.16
CA MET B 260 15.58 -11.02 44.36
C MET B 260 14.64 -12.12 43.96
N THR B 261 15.18 -13.32 43.95
CA THR B 261 14.40 -14.53 43.62
C THR B 261 13.31 -14.63 44.67
N ASP B 262 13.70 -14.46 45.93
CA ASP B 262 12.77 -14.39 47.07
C ASP B 262 11.80 -13.25 46.92
N VAL B 263 12.30 -12.06 46.63
CA VAL B 263 11.45 -10.81 46.57
C VAL B 263 10.34 -10.96 45.51
N LEU B 264 10.74 -11.50 44.38
CA LEU B 264 9.88 -11.63 43.19
C LEU B 264 9.04 -12.94 43.14
N GLY B 265 9.27 -13.85 44.08
CA GLY B 265 8.58 -15.15 44.12
C GLY B 265 8.88 -16.07 42.92
N LEU B 266 10.15 -16.16 42.54
CA LEU B 266 10.61 -16.92 41.34
C LEU B 266 11.29 -18.27 41.62
N ASN B 267 11.33 -18.69 42.89
CA ASN B 267 12.11 -19.89 43.28
C ASN B 267 11.69 -21.23 42.67
N ASP B 268 10.40 -21.36 42.40
CA ASP B 268 9.84 -22.63 41.90
C ASP B 268 9.31 -22.48 40.49
N LEU B 269 10.11 -21.83 39.65
CA LEU B 269 9.68 -21.62 38.27
C LEU B 269 9.64 -22.92 37.43
N MET C 1 15.27 -53.08 15.04
CA MET C 1 15.64 -52.55 13.68
C MET C 1 14.47 -51.78 13.02
N VAL C 2 14.68 -50.49 12.75
CA VAL C 2 13.68 -49.61 12.15
C VAL C 2 14.07 -49.24 10.71
N ARG C 3 13.16 -49.51 9.81
CA ARG C 3 13.43 -49.44 8.37
C ARG C 3 12.83 -48.15 7.93
N ILE C 4 13.72 -47.29 7.39
CA ILE C 4 13.33 -45.93 7.09
C ILE C 4 13.27 -45.70 5.64
N ALA C 5 12.19 -45.06 5.26
CA ALA C 5 12.04 -44.49 3.92
C ALA C 5 12.26 -42.98 3.99
N VAL C 6 13.22 -42.46 3.22
CA VAL C 6 13.43 -40.99 3.11
C VAL C 6 12.71 -40.38 1.93
N ALA C 7 11.66 -39.63 2.19
CA ALA C 7 10.95 -38.91 1.11
C ALA C 7 11.83 -37.81 0.56
N GLY C 8 11.70 -37.55 -0.73
CA GLY C 8 12.62 -36.59 -1.43
C GLY C 8 14.07 -36.66 -0.96
N ALA C 9 14.66 -37.80 -1.25
CA ALA C 9 16.04 -38.10 -0.85
C ALA C 9 17.13 -37.21 -1.51
N ALA C 10 16.80 -36.59 -2.63
CA ALA C 10 17.75 -35.66 -3.32
C ALA C 10 17.77 -34.23 -2.74
N GLY C 11 16.76 -33.84 -1.98
CA GLY C 11 16.73 -32.48 -1.34
C GLY C 11 17.85 -32.14 -0.36
N ARG C 12 17.90 -30.90 0.11
CA ARG C 12 18.93 -30.46 1.09
C ARG C 12 18.83 -31.31 2.35
N MET C 13 17.62 -31.37 2.89
CA MET C 13 17.31 -32.27 4.02
C MET C 13 17.37 -33.76 3.70
N GLY C 14 16.66 -34.13 2.66
CA GLY C 14 16.71 -35.53 2.17
C GLY C 14 18.09 -36.20 2.17
N ARG C 15 19.08 -35.53 1.57
CA ARG C 15 20.42 -36.09 1.49
C ARG C 15 21.05 -36.22 2.85
N ASN C 16 20.78 -35.27 3.73
CA ASN C 16 21.25 -35.34 5.13
C ASN C 16 20.54 -36.46 5.95
N LEU C 17 19.28 -36.70 5.63
CA LEU C 17 18.46 -37.77 6.29
C LEU C 17 18.95 -39.14 5.93
N VAL C 18 19.16 -39.33 4.63
CA VAL C 18 19.82 -40.54 4.15
C VAL C 18 21.12 -40.77 4.94
N LYS C 19 21.98 -39.78 4.98
CA LYS C 19 23.29 -39.92 5.63
C LYS C 19 23.15 -40.21 7.14
N ALA C 20 22.10 -39.65 7.73
CA ALA C 20 21.86 -39.76 9.19
C ALA C 20 21.32 -41.13 9.56
N ALA C 21 20.34 -41.59 8.79
CA ALA C 21 19.82 -42.99 8.92
C ALA C 21 20.90 -44.04 8.73
N HIS C 22 21.79 -43.76 7.79
CA HIS C 22 22.96 -44.63 7.50
C HIS C 22 23.86 -44.75 8.72
N HIS C 23 24.05 -43.64 9.42
CA HIS C 23 24.92 -43.61 10.60
C HIS C 23 24.34 -44.17 11.90
N ASN C 24 23.01 -44.33 11.93
CA ASN C 24 22.34 -44.91 13.07
C ASN C 24 22.20 -46.49 12.87
N PRO C 25 22.88 -47.37 13.67
CA PRO C 25 22.70 -48.80 13.51
C PRO C 25 21.39 -49.37 13.93
N VAL C 26 20.56 -48.64 14.68
CA VAL C 26 19.22 -49.14 15.00
C VAL C 26 18.32 -48.93 13.79
N ALA C 27 18.77 -48.13 12.83
CA ALA C 27 17.96 -47.82 11.65
C ALA C 27 18.61 -48.41 10.39
N LYS C 28 17.78 -48.80 9.43
CA LYS C 28 18.24 -49.17 8.09
C LYS C 28 17.64 -48.26 7.02
N VAL C 29 18.51 -47.79 6.12
CA VAL C 29 18.05 -47.01 4.99
C VAL C 29 17.41 -48.07 4.08
N ALA C 30 16.09 -48.01 3.96
CA ALA C 30 15.36 -49.02 3.24
C ALA C 30 14.73 -48.58 1.93
N ALA C 31 14.49 -47.31 1.77
CA ALA C 31 13.72 -46.79 0.64
C ALA C 31 13.90 -45.27 0.56
N GLY C 32 13.49 -44.71 -0.56
CA GLY C 32 13.74 -43.30 -0.88
C GLY C 32 12.99 -42.85 -2.11
N SER C 33 12.37 -41.68 -2.04
CA SER C 33 11.64 -41.18 -3.16
C SER C 33 12.26 -39.94 -3.75
N GLU C 34 11.79 -39.64 -4.95
CA GLU C 34 11.92 -38.32 -5.54
C GLU C 34 10.68 -38.04 -6.33
N ARG C 35 10.58 -36.82 -6.85
CA ARG C 35 9.49 -36.46 -7.74
C ARG C 35 9.51 -37.41 -8.98
N PRO C 36 8.34 -37.92 -9.43
CA PRO C 36 8.28 -38.78 -10.64
C PRO C 36 9.05 -38.29 -11.88
N GLU C 37 8.88 -37.02 -12.18
CA GLU C 37 9.63 -36.30 -13.24
C GLU C 37 11.16 -36.41 -13.18
N SER C 38 11.66 -36.55 -11.97
CA SER C 38 13.09 -36.74 -11.75
C SER C 38 13.65 -37.97 -12.48
N SER C 39 14.88 -37.83 -12.93
CA SER C 39 15.67 -38.94 -13.57
C SER C 39 16.56 -39.73 -12.58
N LEU C 40 16.53 -39.30 -11.34
CA LEU C 40 17.26 -39.93 -10.25
C LEU C 40 16.66 -41.29 -9.88
N VAL C 41 15.40 -41.49 -10.25
CA VAL C 41 14.76 -42.81 -10.11
C VAL C 41 15.59 -43.88 -10.80
N GLY C 42 15.90 -44.96 -10.06
CA GLY C 42 16.78 -46.04 -10.56
C GLY C 42 18.20 -45.91 -10.04
N VAL C 43 18.54 -44.73 -9.56
CA VAL C 43 19.85 -44.47 -8.93
C VAL C 43 19.93 -45.01 -7.48
N ASP C 44 21.12 -45.39 -7.07
CA ASP C 44 21.33 -45.91 -5.72
C ASP C 44 21.44 -44.78 -4.68
N LEU C 45 20.76 -44.96 -3.54
CA LEU C 45 20.69 -43.95 -2.41
C LEU C 45 22.01 -43.59 -1.79
N GLY C 46 22.87 -44.59 -1.65
CA GLY C 46 24.22 -44.38 -1.12
C GLY C 46 25.10 -43.50 -1.99
N GLU C 47 25.00 -43.71 -3.30
CA GLU C 47 25.78 -42.93 -4.30
C GLU C 47 25.34 -41.47 -4.33
N LEU C 48 24.04 -41.27 -4.12
CA LEU C 48 23.42 -39.95 -4.01
C LEU C 48 24.01 -39.06 -2.87
N CYS C 49 24.27 -39.65 -1.71
CA CYS C 49 24.85 -38.92 -0.55
C CYS C 49 26.38 -39.09 -0.41
N GLY C 50 27.01 -39.64 -1.45
CA GLY C 50 28.48 -39.77 -1.54
C GLY C 50 29.09 -40.68 -0.49
N GLU C 51 28.48 -41.86 -0.33
CA GLU C 51 28.87 -42.82 0.73
C GLU C 51 28.92 -44.32 0.28
N GLY C 52 29.11 -44.56 -1.02
CA GLY C 52 29.20 -45.92 -1.58
C GLY C 52 27.83 -46.50 -1.88
N LYS C 53 27.76 -47.68 -2.53
CA LYS C 53 26.45 -48.32 -2.89
C LYS C 53 25.78 -49.01 -1.71
N PHE C 54 24.47 -48.83 -1.63
CA PHE C 54 23.59 -49.39 -0.57
C PHE C 54 22.73 -50.57 -1.00
N ASP C 55 22.61 -50.77 -2.32
CA ASP C 55 21.68 -51.79 -2.91
C ASP C 55 20.19 -51.37 -2.68
N VAL C 56 19.96 -50.07 -2.58
CA VAL C 56 18.61 -49.51 -2.53
C VAL C 56 18.53 -48.38 -3.53
N VAL C 57 17.40 -48.25 -4.19
CA VAL C 57 17.24 -47.20 -5.21
C VAL C 57 16.15 -46.22 -4.93
N VAL C 58 16.29 -45.07 -5.57
CA VAL C 58 15.32 -44.00 -5.43
C VAL C 58 14.13 -44.45 -6.27
N CYS C 59 12.96 -44.66 -5.69
CA CYS C 59 11.74 -44.90 -6.46
C CYS C 59 10.98 -43.57 -6.66
N ASP C 60 10.06 -43.57 -7.61
CA ASP C 60 9.23 -42.36 -7.92
C ASP C 60 7.97 -42.32 -7.13
N ASP C 61 7.78 -43.35 -6.34
CA ASP C 61 6.59 -43.49 -5.53
C ASP C 61 6.89 -44.49 -4.43
N LEU C 62 6.83 -44.01 -3.20
CA LEU C 62 7.03 -44.88 -2.04
C LEU C 62 5.97 -46.03 -1.91
N ALA C 63 4.80 -45.84 -2.50
CA ALA C 63 3.80 -46.89 -2.64
C ALA C 63 4.41 -48.21 -3.15
N LYS C 64 5.28 -48.09 -4.13
CA LYS C 64 6.00 -49.24 -4.75
C LYS C 64 6.97 -49.95 -3.80
N GLN C 65 7.36 -49.30 -2.70
CA GLN C 65 8.32 -49.93 -1.77
C GLN C 65 7.77 -50.15 -0.38
N ILE C 66 6.44 -50.18 -0.25
CA ILE C 66 5.77 -50.29 1.06
C ILE C 66 6.22 -51.44 1.99
N ASP C 67 6.52 -52.62 1.45
CA ASP C 67 6.93 -53.77 2.29
C ASP C 67 8.36 -53.67 2.80
N GLN C 68 9.15 -52.77 2.25
CA GLN C 68 10.55 -52.56 2.67
C GLN C 68 10.78 -51.54 3.83
N PHE C 69 9.75 -50.75 4.19
CA PHE C 69 9.86 -49.77 5.25
C PHE C 69 8.77 -49.80 6.35
N ASP C 70 9.17 -49.36 7.54
CA ASP C 70 8.26 -49.12 8.70
C ASP C 70 7.82 -47.67 8.81
N VAL C 71 8.78 -46.77 8.70
CA VAL C 71 8.57 -45.36 8.91
C VAL C 71 9.06 -44.52 7.74
N ILE C 72 8.21 -43.54 7.34
CA ILE C 72 8.61 -42.50 6.40
C ILE C 72 9.13 -41.23 7.10
N ILE C 73 10.30 -40.77 6.72
CA ILE C 73 10.76 -39.43 7.13
C ILE C 73 10.59 -38.44 5.95
N ASP C 74 9.78 -37.40 6.17
CA ASP C 74 9.25 -36.53 5.12
C ASP C 74 9.51 -35.02 5.35
N PHE C 75 10.52 -34.53 4.63
CA PHE C 75 10.91 -33.16 4.56
C PHE C 75 10.90 -32.77 3.12
N THR C 76 9.70 -32.54 2.61
CA THR C 76 9.54 -32.25 1.17
C THR C 76 8.67 -31.04 0.94
N ALA C 77 7.43 -31.26 0.55
CA ALA C 77 6.50 -30.17 0.21
C ALA C 77 5.10 -30.59 0.64
N PRO C 78 4.22 -29.61 0.90
CA PRO C 78 2.97 -29.98 1.58
C PRO C 78 2.14 -31.08 0.90
N ALA C 79 1.92 -30.97 -0.41
CA ALA C 79 1.07 -31.96 -1.11
C ALA C 79 1.68 -33.38 -1.07
N SER C 80 2.99 -33.43 -1.29
CA SER C 80 3.72 -34.68 -1.24
C SER C 80 3.56 -35.36 0.15
N THR C 81 3.68 -34.54 1.19
CA THR C 81 3.63 -35.05 2.54
C THR C 81 2.22 -35.57 2.83
N LEU C 82 1.20 -34.89 2.37
CA LEU C 82 -0.16 -35.36 2.56
C LEU C 82 -0.43 -36.76 1.89
N ASN C 83 0.10 -36.97 0.70
CA ASN C 83 0.07 -38.28 0.02
C ASN C 83 0.77 -39.37 0.85
N ASN C 84 1.93 -39.03 1.42
CA ASN C 84 2.71 -40.01 2.21
C ASN C 84 2.00 -40.38 3.49
N LEU C 85 1.21 -39.44 3.98
CA LEU C 85 0.37 -39.67 5.18
C LEU C 85 -0.72 -40.67 4.91
N ALA C 86 -1.35 -40.47 3.77
CA ALA C 86 -2.42 -41.33 3.27
C ALA C 86 -1.91 -42.78 3.10
N LEU C 87 -0.68 -42.92 2.62
CA LEU C 87 -0.02 -44.25 2.49
C LEU C 87 0.12 -44.91 3.83
N CYS C 88 0.55 -44.15 4.83
CA CYS C 88 0.72 -44.64 6.19
C CYS C 88 -0.59 -45.22 6.76
N GLN C 89 -1.67 -44.50 6.52
CA GLN C 89 -2.97 -44.86 7.01
C GLN C 89 -3.37 -46.21 6.39
N GLN C 90 -3.29 -46.28 5.08
CA GLN C 90 -3.72 -47.44 4.33
C GLN C 90 -2.87 -48.70 4.54
N TYR C 91 -1.59 -48.55 4.82
CA TYR C 91 -0.66 -49.68 5.00
C TYR C 91 -0.03 -49.83 6.39
N GLY C 92 -0.60 -49.14 7.36
CA GLY C 92 -0.15 -49.23 8.78
C GLY C 92 1.29 -48.85 9.02
N LYS C 93 1.70 -47.78 8.36
CA LYS C 93 3.04 -47.18 8.55
C LYS C 93 2.97 -45.94 9.43
N SER C 94 4.16 -45.55 9.89
CA SER C 94 4.38 -44.34 10.66
C SER C 94 5.07 -43.26 9.79
N ILE C 95 4.97 -42.00 10.24
CA ILE C 95 5.62 -40.87 9.57
C ILE C 95 6.21 -39.83 10.54
N VAL C 96 7.41 -39.35 10.21
CA VAL C 96 8.05 -38.21 10.88
C VAL C 96 8.00 -37.06 9.88
N ILE C 97 7.24 -36.02 10.21
CA ILE C 97 7.02 -34.89 9.27
C ILE C 97 7.85 -33.71 9.68
N GLY C 98 8.67 -33.25 8.74
CA GLY C 98 9.51 -32.02 8.88
C GLY C 98 9.06 -30.87 7.98
N THR C 99 8.34 -31.22 6.92
CA THR C 99 7.80 -30.27 5.98
C THR C 99 7.13 -29.09 6.72
N THR C 100 7.34 -27.88 6.23
CA THR C 100 6.63 -26.70 6.72
C THR C 100 5.87 -26.03 5.58
N GLY C 101 5.13 -25.00 5.92
CA GLY C 101 4.34 -24.26 4.92
C GLY C 101 2.96 -24.83 4.63
N PHE C 102 2.38 -25.59 5.57
CA PHE C 102 1.04 -26.13 5.37
C PHE C 102 0.02 -25.04 5.60
N THR C 103 -1.11 -25.11 4.89
CA THR C 103 -2.28 -24.24 5.17
C THR C 103 -2.95 -24.74 6.48
N GLU C 104 -3.81 -23.94 7.10
CA GLU C 104 -4.45 -24.41 8.32
C GLU C 104 -5.33 -25.63 8.05
N GLU C 105 -6.06 -25.61 6.94
CA GLU C 105 -6.93 -26.76 6.58
C GLU C 105 -6.10 -28.02 6.56
N GLN C 106 -4.90 -27.94 5.97
CA GLN C 106 -3.98 -29.11 5.82
C GLN C 106 -3.46 -29.60 7.16
N ARG C 107 -3.18 -28.66 8.08
CA ARG C 107 -2.79 -29.02 9.46
C ARG C 107 -3.93 -29.74 10.19
N GLU C 108 -5.16 -29.36 9.88
CA GLU C 108 -6.36 -30.00 10.47
C GLU C 108 -6.47 -31.46 9.98
N GLN C 109 -6.19 -31.66 8.69
CA GLN C 109 -6.13 -33.00 8.10
C GLN C 109 -5.10 -33.93 8.78
N ILE C 110 -3.92 -33.38 9.03
CA ILE C 110 -2.84 -34.12 9.70
C ILE C 110 -3.27 -34.53 11.11
N ASP C 111 -3.92 -33.61 11.85
CA ASP C 111 -4.48 -33.89 13.20
C ASP C 111 -5.46 -35.07 13.17
N LEU C 112 -6.34 -35.05 12.17
CA LEU C 112 -7.30 -36.14 11.91
C LEU C 112 -6.58 -37.48 11.66
N VAL C 113 -5.69 -37.49 10.67
CA VAL C 113 -4.98 -38.72 10.31
C VAL C 113 -4.13 -39.24 11.47
N ALA C 114 -3.61 -38.33 12.29
CA ALA C 114 -2.81 -38.70 13.49
C ALA C 114 -3.58 -39.40 14.60
N GLN C 115 -4.91 -39.41 14.49
CA GLN C 115 -5.77 -40.27 15.37
C GLN C 115 -5.61 -41.77 15.07
N GLN C 116 -5.33 -42.10 13.79
CA GLN C 116 -5.14 -43.51 13.33
C GLN C 116 -3.70 -43.93 13.14
N VAL C 117 -2.83 -42.96 12.90
CA VAL C 117 -1.44 -43.19 12.46
C VAL C 117 -0.47 -42.58 13.49
N PRO C 118 0.63 -43.28 13.79
CA PRO C 118 1.68 -42.62 14.57
C PRO C 118 2.46 -41.59 13.75
N VAL C 119 2.35 -40.36 14.20
CA VAL C 119 2.86 -39.20 13.51
C VAL C 119 3.73 -38.42 14.49
N VAL C 120 4.97 -38.15 14.11
CA VAL C 120 5.78 -37.12 14.76
C VAL C 120 5.77 -35.93 13.84
N MET C 121 5.33 -34.77 14.37
CA MET C 121 5.40 -33.51 13.62
C MET C 121 5.95 -32.40 14.47
N ALA C 122 7.05 -31.84 14.00
CA ALA C 122 7.72 -30.75 14.68
C ALA C 122 8.19 -29.77 13.62
N PRO C 123 8.16 -28.45 13.93
CA PRO C 123 8.78 -27.47 13.01
C PRO C 123 10.30 -27.43 13.09
N ASN C 124 10.86 -28.07 14.12
CA ASN C 124 12.29 -28.16 14.31
C ASN C 124 12.67 -29.43 15.04
N TYR C 125 13.67 -30.12 14.50
CA TYR C 125 14.12 -31.41 15.04
C TYR C 125 15.39 -31.28 15.91
N SER C 126 15.80 -30.06 16.22
CA SER C 126 17.00 -29.86 17.00
C SER C 126 16.71 -29.88 18.48
N VAL C 127 17.67 -30.32 19.26
CA VAL C 127 17.50 -30.31 20.71
C VAL C 127 17.30 -28.88 21.20
N GLY C 128 18.14 -28.00 20.69
CA GLY C 128 18.22 -26.59 21.18
C GLY C 128 16.96 -25.80 20.96
N VAL C 129 16.39 -25.90 19.79
CA VAL C 129 15.08 -25.26 19.58
C VAL C 129 13.97 -25.80 20.52
N ASN C 130 13.96 -27.12 20.73
CA ASN C 130 12.91 -27.68 21.59
C ASN C 130 13.13 -27.30 23.02
N LEU C 131 14.39 -27.24 23.45
CA LEU C 131 14.70 -26.64 24.77
C LEU C 131 14.14 -25.24 24.79
N VAL C 132 14.46 -24.51 23.74
CA VAL C 132 14.06 -23.09 23.63
C VAL C 132 12.52 -22.92 23.74
N PHE C 133 11.76 -23.79 23.09
CA PHE C 133 10.29 -23.73 23.26
C PHE C 133 9.88 -23.73 24.76
N LYS C 134 10.54 -24.58 25.54
CA LYS C 134 10.24 -24.71 26.99
C LYS C 134 10.62 -23.47 27.75
N LEU C 135 11.75 -22.87 27.38
CA LEU C 135 12.24 -21.67 28.03
C LEU C 135 11.30 -20.50 27.75
N LEU C 136 10.78 -20.47 26.52
CA LEU C 136 9.85 -19.44 26.06
C LEU C 136 8.58 -19.48 26.87
N GLU C 137 8.09 -20.67 27.14
CA GLU C 137 6.93 -20.83 28.04
C GLU C 137 7.15 -20.19 29.43
N LYS C 138 8.31 -20.45 30.03
CA LYS C 138 8.69 -19.88 31.33
C LYS C 138 8.73 -18.35 31.24
N ALA C 139 9.43 -17.88 30.25
CA ALA C 139 9.58 -16.44 30.05
C ALA C 139 8.22 -15.81 29.82
N ALA C 140 7.36 -16.49 29.11
CA ALA C 140 6.04 -15.92 28.81
C ALA C 140 5.15 -15.78 30.03
N LYS C 141 5.24 -16.72 30.96
CA LYS C 141 4.44 -16.66 32.22
C LYS C 141 4.88 -15.51 33.11
N VAL C 142 6.17 -15.26 33.17
CA VAL C 142 6.75 -14.24 34.00
C VAL C 142 6.58 -12.85 33.41
N MET C 143 6.96 -12.70 32.17
CA MET C 143 7.08 -11.37 31.52
C MET C 143 6.04 -11.09 30.46
N GLY C 144 5.40 -12.12 29.94
CA GLY C 144 4.55 -11.95 28.71
C GLY C 144 3.40 -10.95 28.76
N ASP C 145 2.78 -10.85 29.93
CA ASP C 145 1.66 -9.92 30.24
C ASP C 145 1.97 -8.45 30.07
N TYR C 146 3.18 -8.07 30.43
CA TYR C 146 3.58 -6.67 30.40
C TYR C 146 4.68 -6.30 29.42
N CYS C 147 5.18 -7.27 28.68
CA CYS C 147 6.23 -7.05 27.69
C CYS C 147 5.73 -7.11 26.27
N ASP C 148 6.47 -6.45 25.40
CA ASP C 148 6.30 -6.63 23.97
C ASP C 148 7.12 -7.83 23.54
N ILE C 149 6.43 -8.71 22.81
CA ILE C 149 6.96 -9.99 22.30
C ILE C 149 7.18 -9.98 20.79
N GLU C 150 8.45 -10.07 20.40
CA GLU C 150 8.86 -10.03 18.99
C GLU C 150 9.68 -11.31 18.63
N ILE C 151 9.35 -11.86 17.46
CA ILE C 151 10.06 -13.03 16.92
C ILE C 151 10.74 -12.70 15.60
N VAL C 152 12.05 -12.88 15.58
CA VAL C 152 12.89 -12.58 14.44
C VAL C 152 13.61 -13.84 13.97
N GLU C 153 13.52 -14.11 12.68
CA GLU C 153 14.18 -15.32 12.10
C GLU C 153 14.85 -15.09 10.77
N ALA C 154 16.02 -15.73 10.61
CA ALA C 154 16.83 -15.61 9.40
C ALA C 154 17.02 -17.00 8.83
N HIS C 155 16.82 -17.10 7.52
CA HIS C 155 17.16 -18.29 6.76
C HIS C 155 17.79 -17.99 5.46
N HIS C 156 18.47 -18.99 4.97
CA HIS C 156 19.02 -19.04 3.57
C HIS C 156 18.04 -18.64 2.45
N ARG C 157 18.62 -18.21 1.35
CA ARG C 157 17.85 -17.58 0.27
C ARG C 157 16.83 -18.49 -0.44
N HIS C 158 16.95 -19.79 -0.25
CA HIS C 158 16.11 -20.77 -0.96
C HIS C 158 14.83 -21.07 -0.22
N LYS C 159 14.73 -20.67 1.04
CA LYS C 159 13.52 -20.99 1.81
C LYS C 159 12.29 -20.27 1.18
N VAL C 160 11.22 -21.03 0.91
CA VAL C 160 10.10 -20.52 0.11
C VAL C 160 8.94 -20.04 0.95
N ASP C 161 8.95 -20.43 2.22
CA ASP C 161 7.86 -20.07 3.18
C ASP C 161 8.37 -19.08 4.26
N ALA C 162 7.53 -18.08 4.55
CA ALA C 162 7.77 -17.05 5.61
C ALA C 162 6.54 -16.75 6.48
N PRO C 163 6.74 -16.57 7.78
CA PRO C 163 7.95 -16.92 8.47
C PRO C 163 8.13 -18.44 8.63
N SER C 164 9.29 -18.82 9.13
CA SER C 164 9.66 -20.18 9.40
C SER C 164 8.61 -20.86 10.27
N GLY C 165 8.43 -22.16 10.03
CA GLY C 165 7.62 -22.99 10.90
C GLY C 165 8.14 -23.06 12.36
N THR C 166 9.46 -22.98 12.54
CA THR C 166 10.06 -22.82 13.84
C THR C 166 9.64 -21.47 14.51
N ALA C 167 9.61 -20.38 13.77
CA ALA C 167 9.17 -19.13 14.37
C ALA C 167 7.74 -19.26 14.80
N ILE C 168 6.92 -19.81 13.91
CA ILE C 168 5.47 -20.03 14.24
C ILE C 168 5.35 -20.94 15.45
N GLY C 169 6.20 -21.93 15.53
CA GLY C 169 6.31 -22.77 16.74
C GLY C 169 6.67 -22.04 18.06
N MET C 170 7.49 -21.01 17.96
CA MET C 170 7.83 -20.18 19.11
C MET C 170 6.68 -19.31 19.57
N GLY C 171 6.00 -18.74 18.58
CA GLY C 171 4.75 -17.97 18.77
C GLY C 171 3.66 -18.77 19.48
N GLU C 172 3.46 -20.00 19.02
CA GLU C 172 2.48 -20.93 19.61
C GLU C 172 2.82 -21.32 21.05
N ALA C 173 4.07 -21.68 21.29
CA ALA C 173 4.52 -21.92 22.66
C ALA C 173 4.24 -20.70 23.62
N ILE C 174 4.58 -19.49 23.17
CA ILE C 174 4.38 -18.27 23.92
C ILE C 174 2.89 -17.97 24.11
N ALA C 175 2.16 -17.92 23.00
CA ALA C 175 0.69 -17.67 23.08
C ALA C 175 -0.08 -18.67 24.00
N GLY C 176 0.18 -19.93 23.78
CA GLY C 176 -0.41 -21.03 24.55
C GLY C 176 -0.11 -20.94 26.03
N ALA C 177 1.14 -20.64 26.37
CA ALA C 177 1.51 -20.41 27.79
C ALA C 177 0.80 -19.19 28.45
N MET C 178 0.35 -18.25 27.63
CA MET C 178 -0.41 -17.10 28.06
C MET C 178 -1.94 -17.25 27.87
N GLY C 179 -2.40 -18.47 27.61
CA GLY C 179 -3.82 -18.73 27.37
C GLY C 179 -4.42 -18.03 26.14
N ASN C 180 -3.59 -17.77 25.15
CA ASN C 180 -4.03 -17.19 23.87
C ASN C 180 -3.81 -18.10 22.66
N LYS C 181 -4.48 -17.72 21.59
CA LYS C 181 -4.37 -18.32 20.26
C LYS C 181 -3.45 -17.43 19.42
N LEU C 182 -2.38 -17.99 18.91
CA LEU C 182 -1.43 -17.19 18.07
C LEU C 182 -2.08 -16.38 16.95
N SER C 183 -3.04 -16.98 16.27
CA SER C 183 -3.68 -16.29 15.12
C SER C 183 -4.37 -14.97 15.53
N ASP C 184 -4.85 -14.89 16.77
CA ASP C 184 -5.47 -13.66 17.30
C ASP C 184 -4.49 -12.52 17.46
N VAL C 185 -3.28 -12.84 17.87
CA VAL C 185 -2.28 -11.84 18.26
C VAL C 185 -1.16 -11.60 17.25
N ALA C 186 -0.97 -12.52 16.32
CA ALA C 186 0.20 -12.43 15.41
C ALA C 186 0.10 -11.32 14.36
N VAL C 187 1.26 -10.69 14.15
CA VAL C 187 1.45 -9.65 13.11
C VAL C 187 2.68 -10.03 12.25
N TYR C 188 2.44 -10.25 10.98
CA TYR C 188 3.46 -10.86 10.11
C TYR C 188 4.17 -9.87 9.20
N ALA C 189 3.56 -8.71 9.01
CA ALA C 189 4.10 -7.68 8.13
C ALA C 189 3.87 -6.30 8.72
N ARG C 190 4.86 -5.44 8.53
CA ARG C 190 4.80 -4.09 9.01
C ARG C 190 5.32 -3.21 7.93
N GLU C 191 4.39 -2.54 7.23
CA GLU C 191 4.76 -1.69 6.13
C GLU C 191 3.95 -0.39 6.16
N GLY C 192 4.64 0.74 6.03
CA GLY C 192 4.01 2.06 6.01
C GLY C 192 3.64 2.59 7.38
N ILE C 193 2.49 3.23 7.44
CA ILE C 193 1.98 3.79 8.68
C ILE C 193 1.19 2.67 9.40
N THR C 194 1.81 2.05 10.40
CA THR C 194 1.17 0.94 11.16
C THR C 194 0.41 1.38 12.42
N GLY C 195 0.66 2.62 12.84
CA GLY C 195 0.18 3.13 14.12
C GLY C 195 1.04 2.62 15.26
N GLU C 196 0.59 2.96 16.46
CA GLU C 196 1.26 2.51 17.70
C GLU C 196 1.07 1.03 17.85
N ARG C 197 2.11 0.35 18.32
CA ARG C 197 2.05 -1.09 18.52
C ARG C 197 0.89 -1.43 19.52
N THR C 198 0.11 -2.46 19.23
CA THR C 198 -0.86 -2.97 20.22
C THR C 198 -0.10 -3.69 21.36
N LYS C 199 -0.78 -3.87 22.48
CA LYS C 199 -0.14 -4.51 23.66
C LYS C 199 0.08 -6.02 23.51
N ASP C 200 -0.91 -6.70 22.92
CA ASP C 200 -0.96 -8.19 22.86
C ASP C 200 -0.31 -8.79 21.61
N GLU C 201 -0.10 -8.01 20.56
CA GLU C 201 0.51 -8.51 19.33
C GLU C 201 1.88 -9.15 19.53
N ILE C 202 2.09 -10.21 18.75
CA ILE C 202 3.38 -10.85 18.59
C ILE C 202 3.81 -10.54 17.19
N GLY C 203 4.90 -9.81 17.08
CA GLY C 203 5.46 -9.39 15.79
C GLY C 203 6.46 -10.35 15.25
N PHE C 204 6.38 -10.55 13.92
CA PHE C 204 7.29 -11.43 13.20
C PHE C 204 8.09 -10.65 12.22
N ALA C 205 9.39 -10.84 12.30
CA ALA C 205 10.34 -10.27 11.30
C ALA C 205 11.18 -11.39 10.58
N THR C 206 11.26 -11.34 9.27
CA THR C 206 11.78 -12.45 8.47
C THR C 206 12.90 -11.98 7.58
N ILE C 207 14.06 -12.55 7.79
CA ILE C 207 15.27 -12.30 6.95
C ILE C 207 15.58 -13.53 6.01
N ARG C 208 15.86 -13.25 4.76
CA ARG C 208 16.22 -14.24 3.80
C ARG C 208 17.53 -13.84 3.18
N ALA C 209 18.55 -14.66 3.41
CA ALA C 209 19.86 -14.35 2.95
C ALA C 209 20.82 -15.55 2.92
N GLY C 210 21.63 -15.57 1.87
CA GLY C 210 22.82 -16.39 1.80
C GLY C 210 22.50 -17.84 1.98
N ASP C 211 23.34 -18.47 2.80
CA ASP C 211 23.26 -19.87 3.08
C ASP C 211 22.90 -20.13 4.54
N ILE C 212 22.19 -19.21 5.16
CA ILE C 212 21.94 -19.31 6.59
C ILE C 212 21.13 -20.54 6.88
N VAL C 213 21.71 -21.41 7.68
CA VAL C 213 21.04 -22.66 8.07
C VAL C 213 19.81 -22.38 8.94
N GLY C 214 19.90 -21.46 9.89
CA GLY C 214 18.73 -21.06 10.65
C GLY C 214 19.10 -20.29 11.91
N GLU C 215 18.64 -19.06 11.97
CA GLU C 215 18.64 -18.27 13.21
C GLU C 215 17.24 -17.86 13.69
N HIS C 216 16.97 -18.06 14.98
CA HIS C 216 15.76 -17.58 15.63
C HIS C 216 16.09 -16.78 16.92
N THR C 217 15.40 -15.65 17.07
CA THR C 217 15.40 -14.89 18.31
C THR C 217 13.95 -14.57 18.72
N ALA C 218 13.58 -14.99 19.92
CA ALA C 218 12.40 -14.42 20.63
C ALA C 218 12.85 -13.35 21.66
N MET C 219 12.24 -12.19 21.51
CA MET C 219 12.50 -11.00 22.32
C MET C 219 11.29 -10.70 23.24
N PHE C 220 11.56 -10.59 24.55
CA PHE C 220 10.62 -10.01 25.57
C PHE C 220 11.13 -8.59 26.00
N ALA C 221 10.43 -7.56 25.55
CA ALA C 221 10.86 -6.18 25.72
C ALA C 221 9.90 -5.36 26.60
N ASP C 222 10.48 -4.87 27.67
CA ASP C 222 9.80 -4.03 28.61
C ASP C 222 10.48 -2.67 28.49
N ILE C 223 9.90 -1.65 29.08
CA ILE C 223 10.59 -0.37 29.18
C ILE C 223 11.75 -0.53 30.14
N GLY C 224 12.95 -0.21 29.71
CA GLY C 224 14.12 -0.36 30.57
C GLY C 224 14.96 -1.63 30.40
N GLU C 225 14.37 -2.69 29.81
CA GLU C 225 15.08 -3.94 29.70
C GLU C 225 14.46 -4.92 28.70
N ARG C 226 15.31 -5.82 28.20
CA ARG C 226 14.79 -6.92 27.45
C ARG C 226 15.59 -8.20 27.56
N VAL C 227 14.83 -9.25 27.38
CA VAL C 227 15.30 -10.60 27.42
C VAL C 227 15.19 -11.17 25.96
N GLU C 228 16.32 -11.68 25.46
CA GLU C 228 16.42 -12.29 24.18
C GLU C 228 16.89 -13.71 24.28
N ILE C 229 16.07 -14.59 23.73
CA ILE C 229 16.38 -16.01 23.67
C ILE C 229 16.61 -16.37 22.20
N THR C 230 17.84 -16.78 21.90
CA THR C 230 18.30 -17.04 20.54
C THR C 230 18.79 -18.48 20.28
N HIS C 231 18.29 -19.05 19.19
CA HIS C 231 18.85 -20.30 18.67
C HIS C 231 19.54 -20.07 17.34
N LYS C 232 20.74 -20.63 17.25
CA LYS C 232 21.49 -20.76 15.95
C LYS C 232 21.79 -22.16 15.50
N ALA C 233 21.28 -22.49 14.32
CA ALA C 233 21.56 -23.78 13.67
C ALA C 233 22.71 -23.63 12.68
N THR C 234 23.69 -24.51 12.83
CA THR C 234 24.94 -24.47 12.06
C THR C 234 25.05 -25.51 10.95
N ASP C 235 24.28 -26.61 11.07
CA ASP C 235 24.45 -27.79 10.22
C ASP C 235 23.12 -28.49 10.09
N ARG C 236 22.70 -28.81 8.87
CA ARG C 236 21.47 -29.60 8.67
C ARG C 236 21.44 -31.00 9.33
N MET C 237 22.63 -31.55 9.57
CA MET C 237 22.75 -32.79 10.36
C MET C 237 22.10 -32.67 11.71
N THR C 238 22.05 -31.48 12.30
CA THR C 238 21.36 -31.33 13.60
C THR C 238 19.94 -31.74 13.38
N PHE C 239 19.30 -31.24 12.33
CA PHE C 239 17.90 -31.62 12.11
C PHE C 239 17.76 -33.11 11.78
N ALA C 240 18.63 -33.59 10.90
CA ALA C 240 18.50 -34.92 10.34
C ALA C 240 18.70 -36.01 11.43
N ASN C 241 19.75 -35.88 12.22
CA ASN C 241 19.96 -36.78 13.39
C ASN C 241 18.74 -36.77 14.30
N GLY C 242 18.11 -35.62 14.46
CA GLY C 242 16.96 -35.54 15.33
C GLY C 242 15.77 -36.25 14.79
N ALA C 243 15.52 -36.02 13.52
CA ALA C 243 14.40 -36.66 12.79
C ALA C 243 14.50 -38.26 12.72
N VAL C 244 15.72 -38.74 12.60
CA VAL C 244 16.00 -40.15 12.66
C VAL C 244 15.79 -40.71 14.04
N LYS C 245 16.33 -40.00 15.04
CA LYS C 245 16.02 -40.24 16.46
C LYS C 245 14.51 -40.31 16.68
N ALA C 246 13.76 -39.37 16.09
CA ALA C 246 12.32 -39.39 16.24
C ALA C 246 11.68 -40.62 15.57
N ALA C 247 12.19 -40.99 14.39
CA ALA C 247 11.70 -42.20 13.69
C ALA C 247 11.89 -43.51 14.48
N VAL C 248 13.08 -43.66 15.04
CA VAL C 248 13.41 -44.80 15.91
C VAL C 248 12.45 -44.89 17.10
N TRP C 249 12.33 -43.81 17.83
CA TRP C 249 11.35 -43.63 18.90
C TRP C 249 9.88 -43.87 18.47
N LEU C 250 9.49 -43.37 17.32
CA LEU C 250 8.10 -43.53 16.86
C LEU C 250 7.72 -45.00 16.54
N HIS C 251 8.72 -45.81 16.25
CA HIS C 251 8.50 -47.20 15.84
C HIS C 251 7.71 -47.96 16.88
N GLU C 252 8.11 -47.77 18.13
CA GLU C 252 7.46 -48.43 19.27
C GLU C 252 5.95 -47.99 19.49
N LYS C 253 5.55 -46.84 18.96
CA LYS C 253 4.39 -46.11 19.49
C LYS C 253 3.06 -46.32 18.80
N PRO C 254 1.97 -46.02 19.54
CA PRO C 254 0.63 -46.09 18.99
C PRO C 254 0.26 -44.82 18.31
N ALA C 255 -0.94 -44.83 17.74
CA ALA C 255 -1.46 -43.68 17.02
C ALA C 255 -1.45 -42.44 17.93
N GLY C 256 -1.31 -41.29 17.30
CA GLY C 256 -1.16 -40.05 17.99
C GLY C 256 -0.33 -39.00 17.24
N PHE C 257 -0.54 -37.76 17.64
CA PHE C 257 0.25 -36.60 17.19
C PHE C 257 1.34 -36.33 18.21
N TYR C 258 2.58 -36.54 17.84
CA TYR C 258 3.69 -36.37 18.75
C TYR C 258 4.56 -35.24 18.24
N THR C 259 5.34 -34.66 19.16
CA THR C 259 6.32 -33.58 18.87
C THR C 259 7.68 -34.01 19.39
N MET C 260 8.71 -33.23 19.05
CA MET C 260 10.08 -33.46 19.53
C MET C 260 10.23 -33.25 21.04
N THR C 261 9.28 -32.49 21.61
CA THR C 261 9.12 -32.41 23.04
C THR C 261 8.87 -33.80 23.62
N ASP C 262 7.91 -34.49 23.04
CA ASP C 262 7.62 -35.87 23.42
C ASP C 262 8.85 -36.77 23.26
N VAL C 263 9.49 -36.67 22.12
CA VAL C 263 10.60 -37.61 21.75
C VAL C 263 11.76 -37.50 22.75
N LEU C 264 12.03 -36.27 23.10
CA LEU C 264 13.18 -35.90 23.93
C LEU C 264 12.90 -35.92 25.44
N GLY C 265 11.64 -36.17 25.79
CA GLY C 265 11.19 -36.18 27.20
C GLY C 265 11.33 -34.81 27.90
N LEU C 266 10.92 -33.74 27.21
CA LEU C 266 11.09 -32.36 27.69
C LEU C 266 9.82 -31.71 28.22
N ASN C 267 8.72 -32.45 28.28
CA ASN C 267 7.40 -31.87 28.64
C ASN C 267 7.27 -31.25 30.04
N ASP C 268 8.00 -31.82 31.00
CA ASP C 268 7.92 -31.41 32.42
C ASP C 268 9.18 -30.68 32.84
N LEU C 269 9.61 -29.75 31.99
CA LEU C 269 10.73 -28.85 32.22
C LEU C 269 10.23 -27.51 32.79
N MET D 1 49.42 -22.38 -15.45
CA MET D 1 49.15 -23.54 -14.52
C MET D 1 50.06 -23.51 -13.27
N VAL D 2 49.42 -23.36 -12.11
CA VAL D 2 50.14 -23.20 -10.81
C VAL D 2 49.99 -24.46 -9.98
N ARG D 3 51.15 -25.00 -9.61
CA ARG D 3 51.23 -26.30 -9.01
C ARG D 3 51.35 -26.06 -7.51
N ILE D 4 50.35 -26.55 -6.80
CA ILE D 4 50.19 -26.24 -5.42
C ILE D 4 50.51 -27.45 -4.54
N ALA D 5 51.30 -27.18 -3.51
CA ALA D 5 51.51 -28.09 -2.43
C ALA D 5 50.68 -27.60 -1.25
N VAL D 6 49.81 -28.47 -0.75
CA VAL D 6 49.08 -28.18 0.48
C VAL D 6 49.78 -28.77 1.71
N ALA D 7 50.30 -27.92 2.58
CA ALA D 7 50.89 -28.38 3.87
C ALA D 7 49.77 -28.85 4.79
N GLY D 8 50.06 -29.84 5.63
CA GLY D 8 49.05 -30.42 6.51
C GLY D 8 47.69 -30.57 5.81
N ALA D 9 47.69 -31.42 4.79
CA ALA D 9 46.47 -31.64 4.00
C ALA D 9 45.30 -32.33 4.75
N ALA D 10 45.58 -33.04 5.84
CA ALA D 10 44.51 -33.67 6.67
C ALA D 10 43.73 -32.70 7.55
N GLY D 11 44.32 -31.53 7.82
CA GLY D 11 43.73 -30.57 8.77
C GLY D 11 42.41 -29.97 8.30
N ARG D 12 41.75 -29.22 9.20
CA ARG D 12 40.41 -28.73 8.90
C ARG D 12 40.53 -27.84 7.66
N MET D 13 41.49 -26.92 7.71
CA MET D 13 41.90 -26.07 6.52
C MET D 13 42.56 -26.84 5.35
N GLY D 14 43.59 -27.60 5.64
CA GLY D 14 44.19 -28.46 4.62
C GLY D 14 43.24 -29.19 3.69
N ARG D 15 42.24 -29.88 4.25
CA ARG D 15 41.28 -30.64 3.41
C ARG D 15 40.50 -29.69 2.52
N ASN D 16 40.16 -28.52 3.04
CA ASN D 16 39.37 -27.57 2.26
C ASN D 16 40.24 -26.89 1.18
N LEU D 17 41.52 -26.73 1.48
CA LEU D 17 42.51 -26.22 0.51
C LEU D 17 42.63 -27.20 -0.64
N VAL D 18 42.81 -28.47 -0.30
CA VAL D 18 42.90 -29.50 -1.34
C VAL D 18 41.70 -29.37 -2.27
N LYS D 19 40.52 -29.35 -1.65
CA LYS D 19 39.26 -29.30 -2.41
C LYS D 19 39.16 -28.02 -3.27
N ALA D 20 39.73 -26.95 -2.74
CA ALA D 20 39.66 -25.60 -3.40
C ALA D 20 40.62 -25.50 -4.58
N ALA D 21 41.85 -25.96 -4.37
CA ALA D 21 42.87 -26.08 -5.47
C ALA D 21 42.40 -27.00 -6.62
N HIS D 22 41.72 -28.07 -6.23
CA HIS D 22 41.10 -28.98 -7.18
C HIS D 22 40.10 -28.25 -8.07
N HIS D 23 39.29 -27.41 -7.47
CA HIS D 23 38.19 -26.75 -8.21
C HIS D 23 38.64 -25.54 -9.03
N ASN D 24 39.80 -25.00 -8.69
CA ASN D 24 40.34 -23.87 -9.43
C ASN D 24 41.00 -24.43 -10.67
N PRO D 25 40.49 -24.04 -11.86
CA PRO D 25 41.06 -24.49 -13.11
C PRO D 25 42.48 -24.02 -13.51
N VAL D 26 42.96 -22.94 -12.93
CA VAL D 26 44.33 -22.45 -13.13
C VAL D 26 45.32 -23.13 -12.18
N ALA D 27 44.81 -23.88 -11.21
CA ALA D 27 45.69 -24.52 -10.24
C ALA D 27 45.57 -26.01 -10.29
N LYS D 28 46.64 -26.65 -9.87
CA LYS D 28 46.62 -28.05 -9.76
C LYS D 28 47.15 -28.50 -8.40
N VAL D 29 46.51 -29.52 -7.86
CA VAL D 29 46.97 -30.15 -6.66
C VAL D 29 48.15 -31.03 -7.01
N ALA D 30 49.30 -30.64 -6.57
CA ALA D 30 50.52 -31.33 -6.93
C ALA D 30 51.20 -32.12 -5.81
N ALA D 31 50.92 -31.78 -4.56
CA ALA D 31 51.67 -32.31 -3.41
C ALA D 31 50.94 -31.93 -2.13
N GLY D 32 51.30 -32.62 -1.08
CA GLY D 32 50.60 -32.53 0.18
C GLY D 32 51.37 -33.17 1.32
N SER D 33 51.42 -32.48 2.47
CA SER D 33 52.11 -33.04 3.65
C SER D 33 51.18 -33.35 4.84
N GLU D 34 51.70 -34.20 5.72
CA GLU D 34 51.19 -34.36 7.07
C GLU D 34 52.35 -34.59 7.98
N ARG D 35 52.06 -34.59 9.27
CA ARG D 35 53.09 -34.85 10.30
C ARG D 35 53.66 -36.24 10.08
N PRO D 36 54.98 -36.41 10.21
CA PRO D 36 55.64 -37.70 9.87
C PRO D 36 55.02 -38.91 10.56
N GLU D 37 54.78 -38.77 11.87
CA GLU D 37 54.14 -39.84 12.70
C GLU D 37 52.70 -40.21 12.20
N SER D 38 52.03 -39.31 11.47
CA SER D 38 50.67 -39.54 10.92
C SER D 38 50.59 -40.72 9.98
N SER D 39 49.45 -41.42 10.07
CA SER D 39 49.13 -42.59 9.21
C SER D 39 48.45 -42.22 7.90
N LEU D 40 48.06 -40.95 7.77
CA LEU D 40 47.55 -40.42 6.49
C LEU D 40 48.66 -40.22 5.45
N VAL D 41 49.92 -40.20 5.92
CA VAL D 41 51.08 -40.34 5.04
C VAL D 41 50.86 -41.58 4.19
N GLY D 42 50.84 -41.38 2.87
CA GLY D 42 50.68 -42.49 1.89
C GLY D 42 49.34 -42.47 1.21
N VAL D 43 48.38 -41.83 1.84
CA VAL D 43 47.02 -41.80 1.33
C VAL D 43 46.91 -40.82 0.17
N ASP D 44 46.05 -41.14 -0.79
CA ASP D 44 45.87 -40.30 -1.96
C ASP D 44 45.08 -39.06 -1.55
N LEU D 45 45.53 -37.90 -2.01
CA LEU D 45 44.96 -36.56 -1.62
C LEU D 45 43.51 -36.36 -1.99
N GLY D 46 43.14 -36.88 -3.14
CA GLY D 46 41.74 -36.80 -3.56
C GLY D 46 40.80 -37.56 -2.63
N GLU D 47 41.25 -38.72 -2.17
CA GLU D 47 40.42 -39.60 -1.31
C GLU D 47 40.15 -38.97 0.01
N LEU D 48 41.16 -38.23 0.48
CA LEU D 48 41.11 -37.48 1.74
C LEU D 48 39.97 -36.48 1.83
N CYS D 49 39.77 -35.73 0.75
CA CYS D 49 38.69 -34.72 0.69
C CYS D 49 37.38 -35.26 0.05
N GLY D 50 37.32 -36.57 -0.17
CA GLY D 50 36.12 -37.26 -0.68
C GLY D 50 35.67 -36.86 -2.08
N GLU D 51 36.61 -36.76 -3.02
CA GLU D 51 36.25 -36.43 -4.46
C GLU D 51 37.01 -37.27 -5.52
N GLY D 52 37.41 -38.49 -5.14
CA GLY D 52 38.07 -39.45 -6.06
C GLY D 52 39.60 -39.38 -6.11
N LYS D 53 40.25 -40.32 -6.80
CA LYS D 53 41.73 -40.45 -6.81
C LYS D 53 42.43 -39.41 -7.71
N PHE D 54 43.53 -38.87 -7.22
CA PHE D 54 44.31 -37.80 -7.92
C PHE D 54 45.66 -38.26 -8.47
N ASP D 55 46.14 -39.40 -7.99
CA ASP D 55 47.49 -39.90 -8.31
C ASP D 55 48.58 -39.06 -7.66
N VAL D 56 48.22 -38.47 -6.53
CA VAL D 56 49.16 -37.74 -5.66
C VAL D 56 48.93 -38.19 -4.22
N VAL D 57 50.00 -38.33 -3.47
CA VAL D 57 49.89 -38.83 -2.12
C VAL D 57 50.40 -37.83 -1.13
N VAL D 58 49.95 -38.03 0.09
CA VAL D 58 50.38 -37.24 1.22
C VAL D 58 51.80 -37.69 1.60
N CYS D 59 52.81 -36.85 1.46
CA CYS D 59 54.18 -37.21 1.87
C CYS D 59 54.36 -36.73 3.32
N ASP D 60 55.38 -37.25 3.99
CA ASP D 60 55.74 -36.80 5.36
C ASP D 60 56.71 -35.62 5.41
N ASP D 61 57.09 -35.15 4.24
CA ASP D 61 58.05 -34.08 4.08
C ASP D 61 57.92 -33.54 2.64
N LEU D 62 57.50 -32.29 2.51
CA LEU D 62 57.40 -31.63 1.20
C LEU D 62 58.75 -31.53 0.48
N ALA D 63 59.86 -31.59 1.21
CA ALA D 63 61.22 -31.67 0.61
C ALA D 63 61.28 -32.75 -0.48
N LYS D 64 60.65 -33.88 -0.20
CA LYS D 64 60.62 -35.04 -1.10
C LYS D 64 59.86 -34.83 -2.37
N GLN D 65 59.01 -33.84 -2.41
CA GLN D 65 58.21 -33.59 -3.63
C GLN D 65 58.51 -32.24 -4.26
N ILE D 66 59.68 -31.68 -3.95
CA ILE D 66 60.00 -30.28 -4.32
C ILE D 66 59.90 -29.90 -5.80
N ASP D 67 60.27 -30.82 -6.68
CA ASP D 67 60.19 -30.54 -8.10
C ASP D 67 58.77 -30.53 -8.66
N GLN D 68 57.80 -31.04 -7.92
CA GLN D 68 56.40 -31.12 -8.39
C GLN D 68 55.54 -29.90 -8.13
N PHE D 69 56.03 -29.00 -7.30
CA PHE D 69 55.25 -27.80 -6.92
C PHE D 69 55.97 -26.45 -7.12
N ASP D 70 55.18 -25.42 -7.37
CA ASP D 70 55.63 -23.99 -7.43
C ASP D 70 55.44 -23.27 -6.09
N VAL D 71 54.25 -23.46 -5.53
CA VAL D 71 53.80 -22.71 -4.33
C VAL D 71 53.27 -23.65 -3.25
N ILE D 72 53.73 -23.38 -2.03
CA ILE D 72 53.19 -24.00 -0.83
C ILE D 72 52.06 -23.17 -0.21
N ILE D 73 50.92 -23.80 0.03
CA ILE D 73 49.90 -23.19 0.87
C ILE D 73 49.98 -23.85 2.26
N ASP D 74 50.24 -22.99 3.27
CA ASP D 74 50.55 -23.44 4.67
C ASP D 74 49.63 -22.85 5.82
N PHE D 75 48.69 -23.70 6.27
CA PHE D 75 47.77 -23.48 7.37
C PHE D 75 47.98 -24.64 8.30
N THR D 76 49.09 -24.60 9.02
CA THR D 76 49.42 -25.69 9.93
C THR D 76 49.76 -25.20 11.34
N ALA D 77 51.04 -25.13 11.67
CA ALA D 77 51.48 -24.67 12.99
C ALA D 77 52.78 -23.86 12.81
N PRO D 78 53.08 -22.95 13.75
CA PRO D 78 54.25 -22.09 13.54
C PRO D 78 55.56 -22.76 13.14
N ALA D 79 55.99 -23.81 13.85
CA ALA D 79 57.33 -24.47 13.56
C ALA D 79 57.35 -25.14 12.19
N SER D 80 56.24 -25.77 11.86
CA SER D 80 56.07 -26.37 10.58
C SER D 80 56.18 -25.31 9.47
N THR D 81 55.53 -24.20 9.68
CA THR D 81 55.46 -23.15 8.65
C THR D 81 56.85 -22.53 8.43
N LEU D 82 57.61 -22.38 9.50
CA LEU D 82 58.99 -21.88 9.38
C LEU D 82 59.92 -22.81 8.59
N ASN D 83 59.77 -24.12 8.79
CA ASN D 83 60.48 -25.14 7.95
C ASN D 83 60.11 -25.08 6.50
N ASN D 84 58.83 -24.94 6.22
CA ASN D 84 58.38 -24.76 4.81
C ASN D 84 58.85 -23.46 4.14
N LEU D 85 59.05 -22.42 4.95
CA LEU D 85 59.60 -21.17 4.49
C LEU D 85 61.05 -21.31 4.08
N ALA D 86 61.76 -22.03 4.94
CA ALA D 86 63.18 -22.41 4.72
C ALA D 86 63.38 -23.24 3.47
N LEU D 87 62.47 -24.17 3.24
CA LEU D 87 62.42 -24.94 2.02
C LEU D 87 62.22 -24.04 0.76
N CYS D 88 61.27 -23.10 0.83
CA CYS D 88 61.07 -22.10 -0.25
C CYS D 88 62.35 -21.31 -0.64
N GLN D 89 63.07 -20.89 0.37
CA GLN D 89 64.30 -20.10 0.22
C GLN D 89 65.38 -20.89 -0.50
N GLN D 90 65.60 -22.09 -0.01
CA GLN D 90 66.57 -23.03 -0.61
C GLN D 90 66.31 -23.46 -2.08
N TYR D 91 65.04 -23.65 -2.43
CA TYR D 91 64.65 -24.20 -3.72
C TYR D 91 63.87 -23.26 -4.61
N GLY D 92 63.87 -22.00 -4.26
CA GLY D 92 63.18 -20.97 -5.06
C GLY D 92 61.68 -21.16 -5.26
N LYS D 93 61.00 -21.49 -4.17
CA LYS D 93 59.53 -21.61 -4.13
C LYS D 93 58.89 -20.45 -3.48
N SER D 94 57.59 -20.33 -3.69
CA SER D 94 56.71 -19.31 -3.04
C SER D 94 55.84 -19.96 -1.95
N ILE D 95 55.32 -19.12 -1.04
CA ILE D 95 54.47 -19.61 0.04
C ILE D 95 53.32 -18.67 0.34
N VAL D 96 52.15 -19.26 0.55
CA VAL D 96 50.98 -18.55 1.04
C VAL D 96 50.86 -19.03 2.50
N ILE D 97 51.03 -18.10 3.47
CA ILE D 97 50.90 -18.44 4.91
C ILE D 97 49.54 -18.00 5.55
N GLY D 98 48.85 -18.96 6.11
CA GLY D 98 47.57 -18.78 6.85
C GLY D 98 47.75 -19.03 8.32
N THR D 99 48.78 -19.78 8.67
CA THR D 99 49.08 -20.13 10.07
C THR D 99 49.07 -18.86 10.93
N THR D 100 48.54 -19.00 12.13
CA THR D 100 48.57 -17.90 13.15
C THR D 100 49.24 -18.36 14.41
N GLY D 101 49.44 -17.44 15.33
CA GLY D 101 50.04 -17.79 16.63
C GLY D 101 51.56 -17.79 16.65
N PHE D 102 52.17 -17.09 15.70
CA PHE D 102 53.61 -16.89 15.72
C PHE D 102 53.99 -15.96 16.88
N THR D 103 55.17 -16.21 17.44
CA THR D 103 55.79 -15.30 18.43
C THR D 103 56.29 -14.09 17.66
N GLU D 104 56.63 -13.04 18.40
CA GLU D 104 57.15 -11.80 17.83
C GLU D 104 58.48 -12.06 17.09
N GLU D 105 59.35 -12.84 17.71
CA GLU D 105 60.65 -13.28 17.11
C GLU D 105 60.46 -14.01 15.74
N GLN D 106 59.49 -14.91 15.69
CA GLN D 106 59.17 -15.66 14.45
C GLN D 106 58.60 -14.82 13.31
N ARG D 107 57.78 -13.84 13.66
CA ARG D 107 57.24 -12.88 12.67
C ARG D 107 58.40 -12.05 12.02
N GLU D 108 59.41 -11.75 12.82
CA GLU D 108 60.61 -10.98 12.33
C GLU D 108 61.38 -11.86 11.33
N GLN D 109 61.47 -13.15 11.61
CA GLN D 109 62.10 -14.11 10.67
C GLN D 109 61.38 -14.22 9.32
N ILE D 110 60.06 -14.21 9.35
CA ILE D 110 59.23 -14.23 8.13
C ILE D 110 59.46 -13.00 7.27
N ASP D 111 59.52 -11.85 7.92
CA ASP D 111 59.85 -10.56 7.26
C ASP D 111 61.21 -10.62 6.53
N LEU D 112 62.21 -11.17 7.22
CA LEU D 112 63.54 -11.36 6.64
C LEU D 112 63.55 -12.31 5.44
N VAL D 113 62.99 -13.51 5.60
CA VAL D 113 62.89 -14.47 4.50
C VAL D 113 62.07 -13.91 3.31
N ALA D 114 61.05 -13.12 3.59
CA ALA D 114 60.22 -12.45 2.54
C ALA D 114 60.95 -11.45 1.66
N GLN D 115 62.15 -11.08 2.07
CA GLN D 115 63.06 -10.27 1.18
C GLN D 115 63.64 -11.07 0.00
N GLN D 116 63.82 -12.37 0.22
CA GLN D 116 64.33 -13.34 -0.78
C GLN D 116 63.24 -14.19 -1.48
N VAL D 117 62.11 -14.36 -0.81
CA VAL D 117 61.03 -15.30 -1.22
C VAL D 117 59.72 -14.57 -1.43
N PRO D 118 58.94 -14.96 -2.46
CA PRO D 118 57.57 -14.40 -2.55
C PRO D 118 56.63 -15.04 -1.52
N VAL D 119 56.18 -14.20 -0.60
CA VAL D 119 55.37 -14.59 0.56
C VAL D 119 54.06 -13.82 0.55
N VAL D 120 52.95 -14.53 0.60
CA VAL D 120 51.64 -13.93 0.99
C VAL D 120 51.40 -14.36 2.42
N MET D 121 51.16 -13.38 3.29
CA MET D 121 50.73 -13.65 4.64
C MET D 121 49.60 -12.75 5.04
N ALA D 122 48.50 -13.38 5.41
CA ALA D 122 47.29 -12.71 5.94
C ALA D 122 46.71 -13.52 7.10
N PRO D 123 46.08 -12.84 8.13
CA PRO D 123 45.41 -13.57 9.24
C PRO D 123 44.04 -14.10 8.81
N ASN D 124 43.59 -13.68 7.62
CA ASN D 124 42.28 -14.10 7.08
C ASN D 124 42.26 -13.97 5.59
N TYR D 125 41.81 -15.03 4.93
CA TYR D 125 41.85 -15.06 3.46
C TYR D 125 40.49 -14.70 2.84
N SER D 126 39.55 -14.26 3.66
CA SER D 126 38.19 -14.03 3.14
C SER D 126 38.15 -12.67 2.54
N VAL D 127 37.31 -12.49 1.54
CA VAL D 127 37.02 -11.16 1.00
C VAL D 127 36.46 -10.22 2.09
N GLY D 128 35.48 -10.71 2.84
CA GLY D 128 34.72 -9.90 3.81
C GLY D 128 35.61 -9.39 4.91
N VAL D 129 36.47 -10.22 5.52
CA VAL D 129 37.40 -9.70 6.55
C VAL D 129 38.34 -8.60 5.99
N ASN D 130 38.84 -8.79 4.77
CA ASN D 130 39.78 -7.82 4.20
C ASN D 130 39.02 -6.51 3.89
N LEU D 131 37.78 -6.62 3.45
CA LEU D 131 36.98 -5.45 3.25
C LEU D 131 36.87 -4.80 4.58
N VAL D 132 36.57 -5.62 5.58
CA VAL D 132 36.34 -5.09 6.98
C VAL D 132 37.58 -4.35 7.46
N PHE D 133 38.80 -4.86 7.20
CA PHE D 133 40.02 -4.11 7.60
C PHE D 133 40.05 -2.67 7.07
N LYS D 134 39.66 -2.52 5.82
CA LYS D 134 39.49 -1.19 5.21
C LYS D 134 38.41 -0.32 5.90
N LEU D 135 37.26 -0.91 6.22
CA LEU D 135 36.15 -0.18 6.83
C LEU D 135 36.48 0.30 8.25
N LEU D 136 37.21 -0.55 8.96
CA LEU D 136 37.77 -0.22 10.27
C LEU D 136 38.70 0.99 10.24
N GLU D 137 39.56 1.08 9.26
CA GLU D 137 40.40 2.28 9.02
C GLU D 137 39.60 3.55 8.90
N LYS D 138 38.53 3.49 8.11
CA LYS D 138 37.57 4.61 7.98
C LYS D 138 36.89 5.01 9.33
N ALA D 139 36.34 4.02 9.98
CA ALA D 139 35.70 4.22 11.25
C ALA D 139 36.70 4.77 12.29
N ALA D 140 37.95 4.30 12.24
CA ALA D 140 38.95 4.69 13.21
C ALA D 140 39.34 6.17 13.05
N LYS D 141 39.41 6.68 11.83
CA LYS D 141 39.70 8.10 11.61
C LYS D 141 38.60 9.00 12.13
N VAL D 142 37.36 8.63 11.93
CA VAL D 142 36.19 9.44 12.24
C VAL D 142 35.82 9.38 13.72
N MET D 143 35.79 8.19 14.28
CA MET D 143 35.36 7.94 15.69
C MET D 143 36.44 7.48 16.67
N GLY D 144 37.58 7.02 16.22
CA GLY D 144 38.57 6.41 17.09
C GLY D 144 39.16 7.18 18.22
N ASP D 145 39.36 8.47 17.98
CA ASP D 145 39.85 9.48 19.00
C ASP D 145 39.00 9.66 20.25
N TYR D 146 37.69 9.60 20.08
CA TYR D 146 36.77 9.85 21.19
C TYR D 146 35.95 8.70 21.64
N CYS D 147 36.12 7.55 20.98
CA CYS D 147 35.34 6.33 21.29
C CYS D 147 36.19 5.32 22.04
N ASP D 148 35.50 4.47 22.78
CA ASP D 148 36.06 3.19 23.23
C ASP D 148 35.95 2.13 22.12
N ILE D 149 37.09 1.49 21.86
CA ILE D 149 37.31 0.48 20.78
C ILE D 149 37.51 -0.94 21.38
N GLU D 150 36.56 -1.81 21.12
CA GLU D 150 36.60 -3.13 21.65
C GLU D 150 36.49 -4.15 20.47
N ILE D 151 37.26 -5.21 20.64
CA ILE D 151 37.29 -6.31 19.65
C ILE D 151 36.90 -7.61 20.28
N VAL D 152 35.85 -8.17 19.77
CA VAL D 152 35.34 -9.44 20.35
C VAL D 152 35.32 -10.52 19.26
N GLU D 153 35.85 -11.70 19.60
CA GLU D 153 35.92 -12.81 18.58
C GLU D 153 35.57 -14.16 19.17
N ALA D 154 34.87 -14.94 18.36
CA ALA D 154 34.43 -16.30 18.74
C ALA D 154 34.97 -17.29 17.74
N HIS D 155 35.54 -18.37 18.29
CA HIS D 155 35.95 -19.52 17.48
C HIS D 155 35.62 -20.85 18.11
N HIS D 156 35.60 -21.89 17.25
CA HIS D 156 35.48 -23.29 17.64
C HIS D 156 36.44 -23.76 18.77
N ARG D 157 36.05 -24.84 19.45
CA ARG D 157 36.76 -25.32 20.65
C ARG D 157 38.19 -25.84 20.43
N HIS D 158 38.58 -26.05 19.19
CA HIS D 158 39.94 -26.58 18.88
C HIS D 158 40.99 -25.53 18.63
N LYS D 159 40.58 -24.29 18.46
CA LYS D 159 41.59 -23.20 18.21
C LYS D 159 42.52 -23.03 19.42
N VAL D 160 43.83 -23.07 19.15
CA VAL D 160 44.85 -23.16 20.21
C VAL D 160 45.47 -21.79 20.63
N ASP D 161 45.26 -20.79 19.79
CA ASP D 161 45.79 -19.45 20.02
C ASP D 161 44.67 -18.41 20.27
N ALA D 162 44.92 -17.48 21.19
CA ALA D 162 44.01 -16.38 21.56
C ALA D 162 44.75 -15.10 21.77
N PRO D 163 44.21 -14.00 21.28
CA PRO D 163 43.01 -13.99 20.45
C PRO D 163 43.41 -14.38 19.04
N SER D 164 42.39 -14.49 18.21
CA SER D 164 42.57 -14.76 16.84
C SER D 164 43.57 -13.83 16.19
N GLY D 165 44.30 -14.33 15.23
CA GLY D 165 45.12 -13.55 14.35
C GLY D 165 44.28 -12.51 13.57
N THR D 166 43.06 -12.86 13.20
CA THR D 166 42.17 -11.92 12.56
C THR D 166 41.85 -10.76 13.53
N ALA D 167 41.63 -11.06 14.81
CA ALA D 167 41.30 -9.95 15.80
C ALA D 167 42.49 -9.03 15.95
N ILE D 168 43.68 -9.63 16.08
CA ILE D 168 44.92 -8.87 16.06
C ILE D 168 45.10 -8.06 14.81
N GLY D 169 44.74 -8.65 13.69
CA GLY D 169 44.67 -7.89 12.39
C GLY D 169 43.71 -6.69 12.36
N MET D 170 42.59 -6.79 13.06
CA MET D 170 41.65 -5.68 13.14
C MET D 170 42.16 -4.53 14.06
N GLY D 171 42.77 -4.93 15.17
CA GLY D 171 43.52 -4.05 16.07
C GLY D 171 44.62 -3.24 15.39
N GLU D 172 45.41 -3.92 14.56
CA GLU D 172 46.50 -3.26 13.82
C GLU D 172 45.99 -2.27 12.80
N ALA D 173 45.00 -2.67 12.02
CA ALA D 173 44.36 -1.74 11.10
C ALA D 173 43.87 -0.45 11.83
N ILE D 174 43.18 -0.62 12.95
CA ILE D 174 42.64 0.47 13.71
C ILE D 174 43.77 1.33 14.31
N ALA D 175 44.69 0.69 15.02
CA ALA D 175 45.83 1.38 15.63
C ALA D 175 46.67 2.18 14.59
N GLY D 176 47.00 1.51 13.51
CA GLY D 176 47.76 2.09 12.43
C GLY D 176 47.08 3.30 11.80
N ALA D 177 45.78 3.21 11.60
CA ALA D 177 45.00 4.36 11.06
C ALA D 177 44.96 5.61 12.02
N MET D 178 45.17 5.35 13.29
CA MET D 178 45.22 6.35 14.33
C MET D 178 46.68 6.75 14.72
N GLY D 179 47.67 6.35 13.91
CA GLY D 179 49.09 6.61 14.17
C GLY D 179 49.67 5.95 15.41
N ASN D 180 49.09 4.82 15.83
CA ASN D 180 49.53 4.09 17.02
C ASN D 180 49.98 2.72 16.72
N LYS D 181 50.67 2.18 17.69
CA LYS D 181 51.16 0.84 17.69
C LYS D 181 50.19 0.02 18.55
N LEU D 182 49.66 -1.06 18.00
CA LEU D 182 48.75 -1.94 18.78
C LEU D 182 49.30 -2.40 20.14
N SER D 183 50.57 -2.76 20.20
CA SER D 183 51.13 -3.31 21.45
C SER D 183 51.07 -2.31 22.59
N ASP D 184 51.15 -1.00 22.26
CA ASP D 184 51.00 0.09 23.27
C ASP D 184 49.63 0.13 23.90
N VAL D 185 48.60 -0.09 23.11
CA VAL D 185 47.21 0.16 23.52
C VAL D 185 46.39 -1.10 23.83
N ALA D 186 46.83 -2.28 23.40
CA ALA D 186 46.04 -3.50 23.55
C ALA D 186 45.92 -4.02 24.99
N VAL D 187 44.72 -4.48 25.32
CA VAL D 187 44.41 -5.14 26.59
C VAL D 187 43.72 -6.47 26.32
N TYR D 188 44.37 -7.55 26.72
CA TYR D 188 43.96 -8.91 26.26
C TYR D 188 43.16 -9.65 27.30
N ALA D 189 43.28 -9.21 28.55
CA ALA D 189 42.61 -9.89 29.66
C ALA D 189 42.09 -8.85 30.65
N ARG D 190 40.91 -9.11 31.20
CA ARG D 190 40.33 -8.27 32.23
C ARG D 190 39.81 -9.17 33.34
N GLU D 191 40.52 -9.19 34.45
CA GLU D 191 40.12 -10.05 35.56
C GLU D 191 40.27 -9.29 36.86
N GLY D 192 39.23 -9.32 37.69
CA GLY D 192 39.23 -8.70 39.02
C GLY D 192 39.00 -7.24 38.98
N ILE D 193 39.73 -6.50 39.83
CA ILE D 193 39.55 -5.03 39.92
C ILE D 193 40.49 -4.40 38.88
N THR D 194 39.95 -4.01 37.73
CA THR D 194 40.75 -3.42 36.64
C THR D 194 40.83 -1.89 36.67
N GLY D 195 39.98 -1.28 37.48
CA GLY D 195 39.83 0.16 37.49
C GLY D 195 39.03 0.63 36.29
N GLU D 196 38.96 1.94 36.16
CA GLU D 196 38.22 2.59 35.07
C GLU D 196 38.98 2.36 33.81
N ARG D 197 38.24 2.17 32.74
CA ARG D 197 38.88 1.97 31.46
C ARG D 197 39.77 3.17 31.06
N THR D 198 40.96 2.92 30.55
CA THR D 198 41.76 3.97 29.94
C THR D 198 41.11 4.40 28.58
N LYS D 199 41.47 5.57 28.09
CA LYS D 199 40.83 6.14 26.90
C LYS D 199 41.29 5.49 25.60
N ASP D 200 42.57 5.17 25.56
CA ASP D 200 43.26 4.75 24.34
C ASP D 200 43.30 3.20 24.14
N GLU D 201 43.05 2.43 25.20
CA GLU D 201 43.09 0.96 25.14
C GLU D 201 42.09 0.39 24.15
N ILE D 202 42.56 -0.68 23.51
CA ILE D 202 41.76 -1.51 22.66
C ILE D 202 41.62 -2.83 23.42
N GLY D 203 40.37 -3.15 23.79
CA GLY D 203 40.07 -4.35 24.54
C GLY D 203 39.75 -5.55 23.66
N PHE D 204 40.27 -6.72 24.04
CA PHE D 204 40.08 -8.00 23.31
C PHE D 204 39.38 -9.01 24.12
N ALA D 205 38.26 -9.45 23.60
CA ALA D 205 37.43 -10.47 24.28
C ALA D 205 37.39 -11.75 23.42
N THR D 206 37.71 -12.87 24.03
CA THR D 206 37.87 -14.14 23.29
C THR D 206 36.92 -15.26 23.76
N ILE D 207 36.08 -15.71 22.84
CA ILE D 207 35.14 -16.85 23.09
C ILE D 207 35.61 -18.12 22.35
N ARG D 208 35.66 -19.22 23.07
CA ARG D 208 36.03 -20.55 22.51
C ARG D 208 34.89 -21.55 22.76
N ALA D 209 34.25 -22.00 21.69
CA ALA D 209 33.02 -22.80 21.82
C ALA D 209 32.60 -23.53 20.56
N GLY D 210 32.13 -24.76 20.77
CA GLY D 210 31.52 -25.57 19.73
C GLY D 210 32.35 -25.70 18.48
N ASP D 211 31.69 -25.47 17.37
CA ASP D 211 32.28 -25.62 16.01
C ASP D 211 32.32 -24.33 15.26
N ILE D 212 32.37 -23.22 16.00
CA ILE D 212 32.24 -21.87 15.39
C ILE D 212 33.39 -21.65 14.42
N VAL D 213 33.00 -21.42 13.18
CA VAL D 213 33.98 -21.23 12.11
C VAL D 213 34.70 -19.90 12.29
N GLY D 214 33.99 -18.85 12.64
CA GLY D 214 34.69 -17.60 13.02
C GLY D 214 33.78 -16.39 13.05
N GLU D 215 33.66 -15.79 14.22
CA GLU D 215 32.96 -14.47 14.38
C GLU D 215 33.83 -13.39 14.93
N HIS D 216 33.79 -12.24 14.26
CA HIS D 216 34.49 -11.03 14.70
C HIS D 216 33.59 -9.84 14.73
N THR D 217 33.73 -9.09 15.82
CA THR D 217 33.08 -7.77 15.95
C THR D 217 34.04 -6.77 16.45
N ALA D 218 34.17 -5.68 15.69
CA ALA D 218 34.83 -4.43 16.19
C ALA D 218 33.79 -3.40 16.54
N MET D 219 33.89 -2.94 17.76
CA MET D 219 32.93 -1.97 18.36
C MET D 219 33.59 -0.61 18.59
N PHE D 220 32.98 0.42 18.06
CA PHE D 220 33.28 1.82 18.39
C PHE D 220 32.16 2.43 19.26
N ALA D 221 32.48 2.69 20.52
CA ALA D 221 31.44 3.06 21.54
C ALA D 221 31.70 4.42 22.14
N ASP D 222 30.72 5.24 21.96
CA ASP D 222 30.67 6.58 22.48
C ASP D 222 29.53 6.64 23.48
N ILE D 223 29.49 7.67 24.28
CA ILE D 223 28.38 7.87 25.16
C ILE D 223 27.18 8.19 24.32
N GLY D 224 26.12 7.42 24.41
CA GLY D 224 24.94 7.64 23.58
C GLY D 224 24.78 6.78 22.31
N GLU D 225 25.88 6.23 21.81
CA GLU D 225 25.82 5.43 20.61
C GLU D 225 27.00 4.50 20.44
N ARG D 226 26.75 3.46 19.65
CA ARG D 226 27.86 2.69 19.12
C ARG D 226 27.66 2.13 17.74
N VAL D 227 28.80 1.99 17.13
CA VAL D 227 28.95 1.40 15.79
C VAL D 227 29.64 0.07 15.91
N GLU D 228 29.00 -0.93 15.38
CA GLU D 228 29.53 -2.33 15.37
C GLU D 228 29.72 -2.89 13.97
N ILE D 229 30.95 -3.25 13.67
CA ILE D 229 31.28 -3.85 12.37
C ILE D 229 31.63 -5.33 12.60
N THR D 230 30.80 -6.19 12.06
CA THR D 230 30.89 -7.59 12.31
C THR D 230 31.12 -8.46 11.08
N HIS D 231 32.03 -9.40 11.24
CA HIS D 231 32.25 -10.48 10.19
C HIS D 231 31.93 -11.88 10.74
N LYS D 232 31.13 -12.58 9.96
CA LYS D 232 30.80 -13.99 10.24
C LYS D 232 31.21 -14.95 9.14
N ALA D 233 32.06 -15.89 9.52
CA ALA D 233 32.53 -16.98 8.61
C ALA D 233 31.77 -18.26 8.86
N THR D 234 31.18 -18.79 7.82
CA THR D 234 30.20 -19.86 7.91
C THR D 234 30.81 -21.16 7.41
N ASP D 235 31.84 -21.08 6.57
CA ASP D 235 32.36 -22.23 5.82
C ASP D 235 33.85 -22.03 5.55
N ARG D 236 34.66 -23.02 5.84
CA ARG D 236 36.12 -22.90 5.63
C ARG D 236 36.51 -22.70 4.19
N MET D 237 35.63 -23.11 3.29
CA MET D 237 35.80 -22.82 1.84
C MET D 237 35.97 -21.31 1.53
N THR D 238 35.33 -20.43 2.28
CA THR D 238 35.66 -19.02 2.11
C THR D 238 37.17 -18.79 2.27
N PHE D 239 37.79 -19.34 3.28
CA PHE D 239 39.22 -19.14 3.46
C PHE D 239 40.04 -19.80 2.37
N ALA D 240 39.67 -21.02 2.08
CA ALA D 240 40.46 -21.87 1.17
C ALA D 240 40.49 -21.33 -0.25
N ASN D 241 39.31 -20.95 -0.76
CA ASN D 241 39.21 -20.30 -2.08
C ASN D 241 40.03 -19.05 -2.16
N GLY D 242 40.05 -18.28 -1.09
CA GLY D 242 40.88 -17.08 -1.08
C GLY D 242 42.37 -17.41 -1.12
N ALA D 243 42.79 -18.39 -0.31
CA ALA D 243 44.22 -18.76 -0.19
C ALA D 243 44.78 -19.29 -1.53
N VAL D 244 43.90 -19.98 -2.24
CA VAL D 244 44.25 -20.56 -3.55
C VAL D 244 44.35 -19.41 -4.55
N LYS D 245 43.35 -18.55 -4.56
CA LYS D 245 43.40 -17.31 -5.33
C LYS D 245 44.70 -16.53 -5.05
N ALA D 246 45.09 -16.46 -3.79
CA ALA D 246 46.39 -15.85 -3.46
C ALA D 246 47.58 -16.61 -4.06
N ALA D 247 47.55 -17.94 -4.00
CA ALA D 247 48.65 -18.74 -4.56
C ALA D 247 48.81 -18.50 -6.08
N VAL D 248 47.69 -18.48 -6.79
CA VAL D 248 47.68 -18.22 -8.26
C VAL D 248 48.31 -16.87 -8.55
N TRP D 249 47.80 -15.86 -7.88
CA TRP D 249 48.36 -14.48 -7.92
C TRP D 249 49.87 -14.38 -7.55
N LEU D 250 50.30 -15.14 -6.56
CA LEU D 250 51.68 -15.08 -6.10
C LEU D 250 52.67 -15.66 -7.11
N HIS D 251 52.17 -16.54 -7.97
CA HIS D 251 53.00 -17.28 -8.91
C HIS D 251 53.83 -16.37 -9.81
N GLU D 252 53.18 -15.36 -10.34
CA GLU D 252 53.88 -14.39 -11.22
C GLU D 252 54.95 -13.47 -10.52
N LYS D 253 54.74 -13.25 -9.22
CA LYS D 253 55.42 -12.18 -8.43
C LYS D 253 56.84 -12.43 -7.94
N PRO D 254 57.60 -11.36 -7.79
CA PRO D 254 58.93 -11.38 -7.20
C PRO D 254 58.89 -11.40 -5.71
N ALA D 255 60.07 -11.50 -5.12
CA ALA D 255 60.22 -11.53 -3.67
C ALA D 255 59.54 -10.32 -2.98
N GLY D 256 59.06 -10.56 -1.78
CA GLY D 256 58.26 -9.59 -1.03
C GLY D 256 57.26 -10.16 -0.07
N PHE D 257 56.86 -9.31 0.89
CA PHE D 257 55.81 -9.63 1.87
C PHE D 257 54.48 -9.07 1.34
N TYR D 258 53.52 -9.91 1.02
CA TYR D 258 52.23 -9.46 0.45
C TYR D 258 51.13 -9.87 1.37
N THR D 259 49.99 -9.21 1.22
CA THR D 259 48.80 -9.50 2.01
C THR D 259 47.64 -9.69 1.09
N MET D 260 46.52 -10.14 1.64
CA MET D 260 45.29 -10.26 0.84
C MET D 260 44.78 -8.96 0.27
N THR D 261 45.14 -7.87 0.96
CA THR D 261 44.77 -6.52 0.55
C THR D 261 45.42 -6.29 -0.79
N ASP D 262 46.69 -6.67 -0.86
CA ASP D 262 47.44 -6.68 -2.15
C ASP D 262 46.77 -7.60 -3.21
N VAL D 263 46.44 -8.84 -2.84
CA VAL D 263 45.92 -9.84 -3.81
C VAL D 263 44.59 -9.40 -4.40
N LEU D 264 43.75 -8.85 -3.51
CA LEU D 264 42.38 -8.41 -3.87
C LEU D 264 42.26 -7.00 -4.44
N GLY D 265 43.39 -6.28 -4.46
CA GLY D 265 43.42 -4.88 -4.98
C GLY D 265 42.53 -3.93 -4.17
N LEU D 266 42.62 -4.05 -2.83
CA LEU D 266 41.79 -3.28 -1.90
C LEU D 266 42.50 -2.11 -1.21
N ASN D 267 43.77 -1.86 -1.54
CA ASN D 267 44.59 -0.84 -0.80
C ASN D 267 44.07 0.61 -0.88
N ASP D 268 43.43 0.96 -2.00
CA ASP D 268 42.93 2.32 -2.28
C ASP D 268 41.43 2.45 -2.02
N LEU D 269 40.84 1.50 -1.33
CA LEU D 269 39.41 1.58 -1.04
C LEU D 269 39.04 2.79 -0.11
N MET E 1 -44.43 23.57 18.06
CA MET E 1 -43.31 24.49 17.66
C MET E 1 -41.94 23.99 18.09
N VAL E 2 -41.09 23.72 17.10
CA VAL E 2 -39.77 23.14 17.32
C VAL E 2 -38.72 24.20 17.08
N ARG E 3 -37.89 24.38 18.10
CA ARG E 3 -36.90 25.45 18.13
C ARG E 3 -35.56 24.87 17.73
N ILE E 4 -35.02 25.37 16.63
CA ILE E 4 -33.90 24.75 15.97
C ILE E 4 -32.68 25.60 16.11
N ALA E 5 -31.60 24.94 16.47
CA ALA E 5 -30.25 25.49 16.42
C ALA E 5 -29.50 24.92 15.22
N VAL E 6 -29.03 25.80 14.34
CA VAL E 6 -28.23 25.40 13.17
C VAL E 6 -26.76 25.53 13.45
N ALA E 7 -26.08 24.41 13.55
CA ALA E 7 -24.61 24.41 13.76
C ALA E 7 -23.92 24.80 12.47
N GLY E 8 -22.76 25.45 12.59
CA GLY E 8 -22.10 26.09 11.44
C GLY E 8 -23.05 26.76 10.43
N ALA E 9 -23.73 27.81 10.86
CA ALA E 9 -24.78 28.44 10.02
C ALA E 9 -24.29 29.15 8.77
N ALA E 10 -23.01 29.46 8.75
CA ALA E 10 -22.39 30.09 7.54
C ALA E 10 -22.02 29.13 6.43
N GLY E 11 -21.87 27.84 6.76
CA GLY E 11 -21.47 26.83 5.79
C GLY E 11 -22.43 26.69 4.62
N ARG E 12 -22.05 25.87 3.65
CA ARG E 12 -22.88 25.68 2.45
C ARG E 12 -24.23 25.15 2.89
N MET E 13 -24.18 24.10 3.71
CA MET E 13 -25.41 23.50 4.30
C MET E 13 -26.08 24.36 5.34
N GLY E 14 -25.28 24.83 6.29
CA GLY E 14 -25.76 25.76 7.37
C GLY E 14 -26.65 26.89 6.93
N ARG E 15 -26.20 27.60 5.94
CA ARG E 15 -26.96 28.67 5.33
C ARG E 15 -28.35 28.16 4.73
N ASN E 16 -28.34 26.98 4.15
CA ASN E 16 -29.57 26.43 3.55
C ASN E 16 -30.51 25.95 4.62
N LEU E 17 -29.91 25.46 5.68
CA LEU E 17 -30.67 24.93 6.79
C LEU E 17 -31.45 26.08 7.43
N VAL E 18 -30.72 27.17 7.66
CA VAL E 18 -31.33 28.37 8.20
C VAL E 18 -32.53 28.74 7.34
N LYS E 19 -32.33 28.84 6.04
CA LYS E 19 -33.43 29.20 5.09
C LYS E 19 -34.61 28.21 5.19
N ALA E 20 -34.26 26.97 5.44
CA ALA E 20 -35.24 25.87 5.38
C ALA E 20 -36.09 25.87 6.61
N ALA E 21 -35.41 25.98 7.74
CA ALA E 21 -36.09 26.10 9.06
C ALA E 21 -37.00 27.34 9.11
N HIS E 22 -36.54 28.42 8.49
CA HIS E 22 -37.34 29.65 8.35
C HIS E 22 -38.65 29.37 7.62
N HIS E 23 -38.58 28.57 6.56
CA HIS E 23 -39.76 28.34 5.70
C HIS E 23 -40.71 27.31 6.24
N ASN E 24 -40.22 26.47 7.14
CA ASN E 24 -41.06 25.46 7.74
C ASN E 24 -41.86 26.11 8.85
N PRO E 25 -43.21 26.06 8.74
CA PRO E 25 -44.06 26.74 9.72
C PRO E 25 -44.14 26.12 11.14
N VAL E 26 -43.79 24.85 11.24
CA VAL E 26 -43.74 24.14 12.54
C VAL E 26 -42.38 24.36 13.24
N ALA E 27 -41.44 24.97 12.55
CA ALA E 27 -40.11 25.19 13.12
C ALA E 27 -39.75 26.66 13.26
N LYS E 28 -38.92 26.95 14.25
CA LYS E 28 -38.39 28.27 14.43
C LYS E 28 -36.88 28.25 14.48
N VAL E 29 -36.30 29.21 13.78
CA VAL E 29 -34.85 29.40 13.84
C VAL E 29 -34.53 30.08 15.14
N ALA E 30 -33.92 29.34 16.04
CA ALA E 30 -33.73 29.83 17.41
C ALA E 30 -32.28 30.15 17.78
N ALA E 31 -31.33 29.59 17.07
CA ALA E 31 -29.93 29.72 17.43
C ALA E 31 -29.08 29.25 16.25
N GLY E 32 -27.80 29.56 16.34
CA GLY E 32 -26.87 29.30 15.23
C GLY E 32 -25.42 29.48 15.63
N SER E 33 -24.55 28.56 15.23
CA SER E 33 -23.13 28.66 15.59
C SER E 33 -22.24 28.87 14.36
N GLU E 34 -21.03 29.31 14.66
CA GLU E 34 -19.91 29.25 13.75
C GLU E 34 -18.66 29.02 14.55
N ARG E 35 -17.56 28.80 13.85
CA ARG E 35 -16.24 28.55 14.51
C ARG E 35 -15.90 29.80 15.29
N PRO E 36 -15.34 29.65 16.50
CA PRO E 36 -15.06 30.82 17.35
C PRO E 36 -14.24 31.93 16.69
N GLU E 37 -13.17 31.52 16.00
CA GLU E 37 -12.34 32.41 15.20
C GLU E 37 -13.08 33.23 14.08
N SER E 38 -14.21 32.71 13.60
CA SER E 38 -15.05 33.38 12.57
C SER E 38 -15.59 34.75 12.96
N SER E 39 -15.66 35.60 11.95
CA SER E 39 -16.19 36.97 12.11
C SER E 39 -17.68 37.11 11.88
N LEU E 40 -18.26 36.05 11.39
CA LEU E 40 -19.72 35.99 11.30
C LEU E 40 -20.40 35.84 12.68
N VAL E 41 -19.62 35.42 13.69
CA VAL E 41 -20.04 35.49 15.11
C VAL E 41 -20.50 36.90 15.39
N GLY E 42 -21.76 37.03 15.80
CA GLY E 42 -22.40 38.34 16.09
C GLY E 42 -23.42 38.78 15.04
N VAL E 43 -23.31 38.23 13.84
CA VAL E 43 -24.19 38.61 12.71
C VAL E 43 -25.57 37.98 12.89
N ASP E 44 -26.60 38.69 12.45
CA ASP E 44 -27.97 38.20 12.55
C ASP E 44 -28.18 37.09 11.50
N LEU E 45 -28.81 36.00 11.94
CA LEU E 45 -28.99 34.77 11.11
C LEU E 45 -29.80 34.98 9.86
N GLY E 46 -30.81 35.82 9.95
CA GLY E 46 -31.65 36.16 8.79
C GLY E 46 -30.90 36.91 7.71
N GLU E 47 -30.02 37.80 8.13
CA GLU E 47 -29.18 38.59 7.19
C GLU E 47 -28.21 37.71 6.42
N LEU E 48 -27.72 36.68 7.11
CA LEU E 48 -26.81 35.65 6.54
C LEU E 48 -27.35 34.95 5.29
N CYS E 49 -28.61 34.54 5.37
CA CYS E 49 -29.25 33.83 4.27
C CYS E 49 -30.07 34.74 3.33
N GLY E 50 -29.90 36.05 3.50
CA GLY E 50 -30.51 37.06 2.62
C GLY E 50 -32.02 37.11 2.70
N GLU E 51 -32.54 37.11 3.92
CA GLU E 51 -34.01 37.01 4.16
C GLU E 51 -34.56 37.98 5.24
N GLY E 52 -33.85 39.09 5.50
CA GLY E 52 -34.26 40.09 6.53
C GLY E 52 -33.82 39.71 7.94
N LYS E 53 -34.02 40.59 8.91
CA LYS E 53 -33.59 40.35 10.31
C LYS E 53 -34.51 39.40 11.11
N PHE E 54 -33.91 38.50 11.88
CA PHE E 54 -34.62 37.50 12.73
C PHE E 54 -34.60 37.79 14.22
N ASP E 55 -33.75 38.72 14.65
CA ASP E 55 -33.47 38.99 16.10
C ASP E 55 -32.77 37.77 16.79
N VAL E 56 -32.00 37.03 16.00
CA VAL E 56 -31.14 35.93 16.50
C VAL E 56 -29.77 36.11 15.90
N VAL E 57 -28.75 35.84 16.68
CA VAL E 57 -27.37 35.99 16.18
C VAL E 57 -26.61 34.68 16.15
N VAL E 58 -25.57 34.69 15.34
CA VAL E 58 -24.64 33.58 15.29
C VAL E 58 -23.75 33.65 16.54
N CYS E 59 -23.70 32.60 17.34
CA CYS E 59 -22.85 32.58 18.55
C CYS E 59 -21.66 31.71 18.22
N ASP E 60 -20.63 31.81 19.02
CA ASP E 60 -19.42 31.01 18.85
C ASP E 60 -19.44 29.70 19.60
N ASP E 61 -20.55 29.45 20.27
CA ASP E 61 -20.75 28.25 21.08
C ASP E 61 -22.25 28.14 21.37
N LEU E 62 -22.85 27.06 20.89
CA LEU E 62 -24.26 26.75 21.16
C LEU E 62 -24.57 26.53 22.65
N ALA E 63 -23.56 26.16 23.43
CA ALA E 63 -23.69 26.13 24.93
C ALA E 63 -24.31 27.41 25.53
N LYS E 64 -23.87 28.54 24.98
CA LYS E 64 -24.37 29.87 25.33
C LYS E 64 -25.83 30.13 24.96
N GLN E 65 -26.42 29.38 24.06
CA GLN E 65 -27.84 29.59 23.72
C GLN E 65 -28.72 28.40 24.05
N ILE E 66 -28.25 27.54 24.95
CA ILE E 66 -28.93 26.27 25.25
C ILE E 66 -30.44 26.32 25.58
N ASP E 67 -30.87 27.34 26.29
CA ASP E 67 -32.29 27.43 26.69
C ASP E 67 -33.22 27.87 25.58
N GLN E 68 -32.65 28.37 24.48
CA GLN E 68 -33.46 28.82 23.32
C GLN E 68 -33.79 27.76 22.28
N PHE E 69 -33.15 26.60 22.35
CA PHE E 69 -33.37 25.53 21.35
C PHE E 69 -33.72 24.13 21.92
N ASP E 70 -34.48 23.37 21.12
CA ASP E 70 -34.85 21.96 21.41
C ASP E 70 -33.92 20.99 20.69
N VAL E 71 -33.72 21.25 19.40
CA VAL E 71 -32.96 20.34 18.51
C VAL E 71 -31.86 21.05 17.76
N ILE E 72 -30.69 20.43 17.74
CA ILE E 72 -29.55 20.89 16.92
C ILE E 72 -29.54 20.17 15.59
N ILE E 73 -29.45 20.95 14.53
CA ILE E 73 -29.12 20.37 13.20
C ILE E 73 -27.67 20.66 12.82
N ASP E 74 -26.92 19.59 12.59
CA ASP E 74 -25.44 19.62 12.53
C ASP E 74 -24.80 18.96 11.28
N PHE E 75 -24.39 19.85 10.39
CA PHE E 75 -23.74 19.55 9.14
C PHE E 75 -22.48 20.35 9.13
N THR E 76 -21.52 19.91 9.89
CA THR E 76 -20.28 20.66 10.06
C THR E 76 -19.06 19.76 9.87
N ALA E 77 -18.44 19.36 10.95
CA ALA E 77 -17.19 18.57 10.89
C ALA E 77 -17.20 17.62 12.06
N PRO E 78 -16.49 16.51 11.95
CA PRO E 78 -16.60 15.49 12.99
C PRO E 78 -16.41 15.92 14.42
N ALA E 79 -15.33 16.64 14.72
CA ALA E 79 -15.06 17.06 16.13
C ALA E 79 -16.13 18.00 16.68
N SER E 80 -16.55 18.94 15.83
CA SER E 80 -17.62 19.87 16.17
C SER E 80 -18.93 19.13 16.50
N THR E 81 -19.26 18.14 15.68
CA THR E 81 -20.49 17.39 15.85
C THR E 81 -20.46 16.56 17.12
N LEU E 82 -19.32 16.01 17.45
CA LEU E 82 -19.21 15.29 18.70
C LEU E 82 -19.47 16.21 19.94
N ASN E 83 -18.94 17.43 19.89
CA ASN E 83 -19.14 18.43 20.96
C ASN E 83 -20.61 18.77 21.09
N ASN E 84 -21.28 18.95 19.96
CA ASN E 84 -22.73 19.26 19.97
C ASN E 84 -23.59 18.10 20.47
N LEU E 85 -23.07 16.90 20.25
CA LEU E 85 -23.72 15.68 20.74
C LEU E 85 -23.67 15.66 22.24
N ALA E 86 -22.52 16.08 22.73
CA ALA E 86 -22.25 16.15 24.16
C ALA E 86 -23.21 17.08 24.89
N LEU E 87 -23.54 18.20 24.25
CA LEU E 87 -24.51 19.14 24.85
C LEU E 87 -25.84 18.52 25.00
N CYS E 88 -26.25 17.82 23.96
CA CYS E 88 -27.56 17.18 23.96
C CYS E 88 -27.71 16.22 25.16
N GLN E 89 -26.64 15.48 25.42
CA GLN E 89 -26.57 14.52 26.52
C GLN E 89 -26.67 15.24 27.88
N GLN E 90 -25.83 16.27 28.03
CA GLN E 90 -25.77 17.12 29.22
C GLN E 90 -27.03 17.96 29.51
N TYR E 91 -27.70 18.46 28.49
CA TYR E 91 -28.86 19.38 28.66
C TYR E 91 -30.18 18.85 28.12
N GLY E 92 -30.25 17.54 27.87
CA GLY E 92 -31.50 16.90 27.38
C GLY E 92 -32.06 17.41 26.04
N LYS E 93 -31.16 17.59 25.09
CA LYS E 93 -31.55 17.97 23.71
C LYS E 93 -31.46 16.84 22.77
N SER E 94 -32.03 17.10 21.59
CA SER E 94 -31.96 16.23 20.42
C SER E 94 -31.03 16.79 19.34
N ILE E 95 -30.58 15.89 18.45
CA ILE E 95 -29.67 16.28 17.33
C ILE E 95 -30.00 15.51 16.03
N VAL E 96 -29.97 16.25 14.92
CA VAL E 96 -30.04 15.69 13.58
C VAL E 96 -28.62 15.85 13.05
N ILE E 97 -27.95 14.73 12.78
CA ILE E 97 -26.59 14.74 12.24
C ILE E 97 -26.52 14.45 10.75
N GLY E 98 -25.90 15.37 10.03
CA GLY E 98 -25.60 15.26 8.58
C GLY E 98 -24.13 15.09 8.28
N THR E 99 -23.31 15.52 9.20
CA THR E 99 -21.87 15.48 9.05
C THR E 99 -21.44 14.08 8.61
N THR E 100 -20.45 14.02 7.72
CA THR E 100 -19.83 12.73 7.31
C THR E 100 -18.33 12.72 7.61
N GLY E 101 -17.68 11.59 7.38
CA GLY E 101 -16.26 11.53 7.55
C GLY E 101 -15.81 11.26 8.95
N PHE E 102 -16.68 10.62 9.71
CA PHE E 102 -16.30 10.16 11.06
C PHE E 102 -15.36 8.96 10.99
N THR E 103 -14.46 8.87 11.97
CA THR E 103 -13.64 7.70 12.22
C THR E 103 -14.57 6.59 12.71
N GLU E 104 -14.14 5.36 12.58
CA GLU E 104 -14.93 4.23 13.11
C GLU E 104 -15.17 4.40 14.63
N GLU E 105 -14.09 4.76 15.33
CA GLU E 105 -14.10 4.98 16.80
C GLU E 105 -15.21 6.00 17.15
N GLN E 106 -15.26 7.07 16.36
CA GLN E 106 -16.27 8.13 16.53
C GLN E 106 -17.71 7.69 16.24
N ARG E 107 -17.91 6.85 15.22
CA ARG E 107 -19.24 6.29 14.88
C ARG E 107 -19.75 5.40 16.06
N GLU E 108 -18.80 4.74 16.73
CA GLU E 108 -19.12 3.89 17.91
C GLU E 108 -19.61 4.75 19.08
N GLN E 109 -18.95 5.89 19.26
CA GLN E 109 -19.36 6.87 20.27
C GLN E 109 -20.77 7.41 20.05
N ILE E 110 -21.10 7.68 18.80
CA ILE E 110 -22.45 8.21 18.44
C ILE E 110 -23.53 7.18 18.78
N ASP E 111 -23.25 5.93 18.45
CA ASP E 111 -24.15 4.78 18.80
C ASP E 111 -24.41 4.72 20.30
N LEU E 112 -23.33 4.86 21.07
CA LEU E 112 -23.40 4.92 22.55
C LEU E 112 -24.28 6.09 23.03
N VAL E 113 -23.93 7.29 22.61
CA VAL E 113 -24.66 8.48 23.03
C VAL E 113 -26.15 8.40 22.64
N ALA E 114 -26.42 7.77 21.50
CA ALA E 114 -27.81 7.60 20.99
C ALA E 114 -28.70 6.68 21.81
N GLN E 115 -28.09 5.96 22.75
CA GLN E 115 -28.87 5.24 23.77
C GLN E 115 -29.56 6.17 24.81
N GLN E 116 -28.92 7.31 25.09
CA GLN E 116 -29.43 8.34 26.04
C GLN E 116 -30.12 9.56 25.34
N VAL E 117 -29.77 9.81 24.09
CA VAL E 117 -30.17 11.03 23.34
C VAL E 117 -30.95 10.67 22.06
N PRO E 118 -32.01 11.43 21.74
CA PRO E 118 -32.63 11.24 20.44
C PRO E 118 -31.76 11.82 19.31
N VAL E 119 -31.37 10.92 18.43
CA VAL E 119 -30.40 11.20 17.36
C VAL E 119 -30.96 10.70 16.05
N VAL E 120 -31.03 11.60 15.07
CA VAL E 120 -31.26 11.19 13.66
C VAL E 120 -29.92 11.32 12.98
N MET E 121 -29.47 10.24 12.40
CA MET E 121 -28.22 10.25 11.63
C MET E 121 -28.39 9.48 10.30
N ALA E 122 -28.18 10.21 9.22
CA ALA E 122 -28.29 9.71 7.88
C ALA E 122 -27.14 10.31 7.06
N PRO E 123 -26.62 9.52 6.07
CA PRO E 123 -25.60 10.10 5.17
C PRO E 123 -26.21 10.98 4.09
N ASN E 124 -27.54 10.92 3.98
CA ASN E 124 -28.26 11.72 3.03
C ASN E 124 -29.69 12.01 3.50
N TYR E 125 -30.13 13.28 3.42
CA TYR E 125 -31.46 13.69 3.92
C TYR E 125 -32.47 13.85 2.81
N SER E 126 -32.11 13.44 1.61
CA SER E 126 -33.02 13.57 0.45
C SER E 126 -33.98 12.41 0.40
N VAL E 127 -35.17 12.66 -0.09
CA VAL E 127 -36.14 11.56 -0.30
C VAL E 127 -35.57 10.51 -1.27
N GLY E 128 -35.00 11.03 -2.35
CA GLY E 128 -34.56 10.21 -3.48
C GLY E 128 -33.48 9.20 -3.07
N VAL E 129 -32.49 9.65 -2.35
CA VAL E 129 -31.43 8.74 -1.92
C VAL E 129 -31.99 7.64 -1.01
N ASN E 130 -32.91 7.99 -0.14
CA ASN E 130 -33.46 7.01 0.84
C ASN E 130 -34.36 6.04 0.16
N LEU E 131 -35.08 6.51 -0.86
CA LEU E 131 -35.76 5.61 -1.79
C LEU E 131 -34.74 4.70 -2.47
N VAL E 132 -33.67 5.31 -2.96
CA VAL E 132 -32.59 4.56 -3.65
C VAL E 132 -31.97 3.44 -2.78
N PHE E 133 -31.70 3.72 -1.50
CA PHE E 133 -31.23 2.66 -0.58
C PHE E 133 -32.16 1.43 -0.57
N LYS E 134 -33.47 1.68 -0.55
CA LYS E 134 -34.46 0.59 -0.61
C LYS E 134 -34.43 -0.15 -1.96
N LEU E 135 -34.27 0.56 -3.06
CA LEU E 135 -34.24 -0.06 -4.39
C LEU E 135 -33.00 -0.93 -4.57
N LEU E 136 -31.92 -0.46 -3.97
CA LEU E 136 -30.63 -1.18 -3.99
C LEU E 136 -30.75 -2.52 -3.34
N GLU E 137 -31.47 -2.54 -2.24
CA GLU E 137 -31.72 -3.79 -1.49
C GLU E 137 -32.42 -4.82 -2.37
N LYS E 138 -33.45 -4.37 -3.06
CA LYS E 138 -34.17 -5.22 -4.03
C LYS E 138 -33.26 -5.72 -5.17
N ALA E 139 -32.54 -4.80 -5.79
CA ALA E 139 -31.61 -5.14 -6.84
C ALA E 139 -30.53 -6.11 -6.34
N ALA E 140 -30.08 -5.92 -5.12
CA ALA E 140 -29.02 -6.76 -4.59
C ALA E 140 -29.47 -8.20 -4.39
N LYS E 141 -30.71 -8.39 -3.97
CA LYS E 141 -31.26 -9.74 -3.74
C LYS E 141 -31.38 -10.50 -5.04
N VAL E 142 -31.80 -9.83 -6.09
CA VAL E 142 -32.03 -10.44 -7.40
C VAL E 142 -30.77 -10.66 -8.18
N MET E 143 -29.93 -9.66 -8.28
CA MET E 143 -28.71 -9.69 -9.14
C MET E 143 -27.38 -9.70 -8.45
N GLY E 144 -27.34 -9.32 -7.18
CA GLY E 144 -26.06 -9.17 -6.46
C GLY E 144 -25.07 -10.33 -6.48
N ASP E 145 -25.60 -11.56 -6.38
CA ASP E 145 -24.79 -12.82 -6.31
C ASP E 145 -23.95 -13.09 -7.53
N TYR E 146 -24.47 -12.70 -8.68
CA TYR E 146 -23.78 -12.96 -9.93
C TYR E 146 -23.35 -11.77 -10.75
N CYS E 147 -23.61 -10.58 -10.23
CA CYS E 147 -23.17 -9.36 -10.88
C CYS E 147 -21.92 -8.78 -10.22
N ASP E 148 -21.18 -8.00 -10.99
CA ASP E 148 -20.24 -7.04 -10.42
C ASP E 148 -20.96 -5.75 -10.00
N ILE E 149 -20.69 -5.35 -8.76
CA ILE E 149 -21.26 -4.18 -8.09
C ILE E 149 -20.25 -3.03 -7.91
N GLU E 150 -20.52 -1.92 -8.60
CA GLU E 150 -19.65 -0.74 -8.60
C GLU E 150 -20.45 0.51 -8.19
N ILE E 151 -19.83 1.27 -7.29
CA ILE E 151 -20.42 2.54 -6.79
C ILE E 151 -19.52 3.73 -7.22
N VAL E 152 -20.10 4.61 -7.98
CA VAL E 152 -19.41 5.80 -8.50
C VAL E 152 -20.10 7.08 -8.04
N GLU E 153 -19.33 7.98 -7.45
CA GLU E 153 -19.88 9.25 -6.89
C GLU E 153 -19.05 10.44 -7.21
N ALA E 154 -19.75 11.52 -7.49
CA ALA E 154 -19.13 12.83 -7.83
C ALA E 154 -19.61 13.85 -6.84
N HIS E 155 -18.67 14.59 -6.31
CA HIS E 155 -18.96 15.83 -5.56
C HIS E 155 -18.07 17.03 -5.89
N HIS E 156 -18.57 18.22 -5.53
CA HIS E 156 -17.84 19.51 -5.65
C HIS E 156 -16.42 19.50 -5.06
N ARG E 157 -15.59 20.46 -5.49
CA ARG E 157 -14.16 20.49 -5.17
C ARG E 157 -13.77 20.74 -3.70
N HIS E 158 -14.72 21.18 -2.87
CA HIS E 158 -14.49 21.44 -1.46
C HIS E 158 -14.74 20.26 -0.53
N LYS E 159 -15.36 19.17 -1.01
CA LYS E 159 -15.61 18.01 -0.16
C LYS E 159 -14.29 17.40 0.27
N VAL E 160 -14.14 17.23 1.57
CA VAL E 160 -12.82 16.79 2.17
C VAL E 160 -12.68 15.26 2.39
N ASP E 161 -13.80 14.56 2.37
CA ASP E 161 -13.85 13.14 2.66
C ASP E 161 -14.23 12.35 1.38
N ALA E 162 -13.56 11.20 1.20
CA ALA E 162 -13.81 10.23 0.11
C ALA E 162 -13.79 8.75 0.58
N PRO E 163 -14.70 7.94 0.07
CA PRO E 163 -15.84 8.38 -0.76
C PRO E 163 -16.89 8.98 0.13
N SER E 164 -17.92 9.50 -0.52
CA SER E 164 -19.04 10.10 0.17
C SER E 164 -19.65 9.17 1.17
N GLY E 165 -20.20 9.72 2.21
CA GLY E 165 -20.99 8.96 3.18
C GLY E 165 -22.23 8.34 2.57
N THR E 166 -22.83 9.01 1.60
CA THR E 166 -23.93 8.45 0.82
C THR E 166 -23.46 7.20 0.03
N ALA E 167 -22.27 7.25 -0.56
CA ALA E 167 -21.76 6.06 -1.33
C ALA E 167 -21.55 4.87 -0.39
N ILE E 168 -20.92 5.15 0.75
CA ILE E 168 -20.78 4.16 1.80
C ILE E 168 -22.13 3.67 2.23
N GLY E 169 -23.10 4.56 2.35
CA GLY E 169 -24.46 4.14 2.68
C GLY E 169 -25.08 3.18 1.66
N MET E 170 -24.73 3.35 0.40
CA MET E 170 -25.24 2.49 -0.67
C MET E 170 -24.61 1.11 -0.63
N GLY E 171 -23.31 1.08 -0.39
CA GLY E 171 -22.54 -0.14 -0.13
C GLY E 171 -23.11 -0.98 0.98
N GLU E 172 -23.42 -0.33 2.08
CA GLU E 172 -23.95 -1.00 3.27
C GLU E 172 -25.33 -1.59 3.04
N ALA E 173 -26.19 -0.82 2.44
CA ALA E 173 -27.50 -1.33 2.03
C ALA E 173 -27.35 -2.60 1.16
N ILE E 174 -26.48 -2.54 0.15
CA ILE E 174 -26.23 -3.68 -0.76
C ILE E 174 -25.63 -4.88 0.00
N ALA E 175 -24.50 -4.65 0.66
CA ALA E 175 -23.83 -5.70 1.45
C ALA E 175 -24.73 -6.40 2.46
N GLY E 176 -25.43 -5.56 3.23
CA GLY E 176 -26.41 -6.03 4.26
C GLY E 176 -27.51 -6.88 3.66
N ALA E 177 -28.07 -6.45 2.53
CA ALA E 177 -29.10 -7.22 1.84
C ALA E 177 -28.59 -8.61 1.32
N MET E 178 -27.28 -8.70 1.13
CA MET E 178 -26.61 -9.95 0.68
C MET E 178 -25.94 -10.68 1.83
N GLY E 179 -26.29 -10.32 3.07
CA GLY E 179 -25.74 -10.97 4.28
C GLY E 179 -24.25 -10.79 4.47
N ASN E 180 -23.72 -9.72 3.93
CA ASN E 180 -22.29 -9.38 4.08
C ASN E 180 -22.04 -8.10 4.83
N LYS E 181 -20.78 -7.96 5.23
CA LYS E 181 -20.25 -6.76 5.86
C LYS E 181 -19.49 -5.95 4.75
N LEU E 182 -19.84 -4.68 4.56
CA LEU E 182 -19.15 -3.83 3.58
C LEU E 182 -17.63 -3.78 3.70
N SER E 183 -17.12 -3.70 4.91
CA SER E 183 -15.66 -3.64 5.11
C SER E 183 -14.89 -4.88 4.58
N ASP E 184 -15.54 -6.06 4.59
CA ASP E 184 -15.01 -7.31 3.96
C ASP E 184 -14.83 -7.25 2.42
N VAL E 185 -15.77 -6.63 1.75
CA VAL E 185 -15.82 -6.62 0.27
C VAL E 185 -15.37 -5.35 -0.42
N ALA E 186 -15.33 -4.24 0.30
CA ALA E 186 -15.11 -2.92 -0.33
C ALA E 186 -13.69 -2.74 -0.84
N VAL E 187 -13.61 -2.14 -2.03
CA VAL E 187 -12.34 -1.71 -2.63
C VAL E 187 -12.41 -0.22 -3.02
N TYR E 188 -11.54 0.58 -2.40
CA TYR E 188 -11.69 2.06 -2.44
C TYR E 188 -10.75 2.73 -3.42
N ALA E 189 -9.71 2.01 -3.80
CA ALA E 189 -8.68 2.54 -4.69
C ALA E 189 -8.18 1.47 -5.63
N ARG E 190 -7.90 1.87 -6.86
CA ARG E 190 -7.42 0.97 -7.88
C ARG E 190 -6.30 1.64 -8.64
N GLU E 191 -5.07 1.28 -8.31
CA GLU E 191 -3.91 1.94 -8.92
C GLU E 191 -2.85 0.88 -9.31
N GLY E 192 -2.36 0.97 -10.53
CA GLY E 192 -1.35 0.04 -11.05
C GLY E 192 -1.91 -1.34 -11.48
N ILE E 193 -1.13 -2.38 -11.20
CA ILE E 193 -1.50 -3.73 -11.55
C ILE E 193 -2.34 -4.28 -10.38
N THR E 194 -3.65 -4.29 -10.55
CA THR E 194 -4.57 -4.76 -9.50
C THR E 194 -4.92 -6.22 -9.60
N GLY E 195 -4.61 -6.82 -10.76
CA GLY E 195 -5.09 -8.16 -11.10
C GLY E 195 -6.55 -8.14 -11.55
N GLU E 196 -7.07 -9.31 -11.80
CA GLU E 196 -8.47 -9.46 -12.17
C GLU E 196 -9.36 -9.12 -11.01
N ARG E 197 -10.49 -8.49 -11.28
CA ARG E 197 -11.40 -8.15 -10.21
C ARG E 197 -11.95 -9.38 -9.51
N THR E 198 -11.98 -9.31 -8.19
CA THR E 198 -12.54 -10.34 -7.34
C THR E 198 -14.04 -10.44 -7.62
N LYS E 199 -14.64 -11.55 -7.28
CA LYS E 199 -16.10 -11.74 -7.50
C LYS E 199 -17.00 -10.92 -6.58
N ASP E 200 -16.62 -10.84 -5.31
CA ASP E 200 -17.47 -10.25 -4.25
C ASP E 200 -17.25 -8.77 -4.01
N GLU E 201 -16.12 -8.24 -4.47
CA GLU E 201 -15.75 -6.86 -4.18
C GLU E 201 -16.80 -5.87 -4.69
N ILE E 202 -16.93 -4.81 -3.92
CA ILE E 202 -17.70 -3.65 -4.27
C ILE E 202 -16.66 -2.57 -4.47
N GLY E 203 -16.58 -2.09 -5.69
CA GLY E 203 -15.65 -1.05 -6.04
C GLY E 203 -16.25 0.36 -5.83
N PHE E 204 -15.40 1.30 -5.35
CA PHE E 204 -15.76 2.69 -5.18
C PHE E 204 -14.91 3.58 -6.06
N ALA E 205 -15.57 4.39 -6.89
CA ALA E 205 -14.90 5.37 -7.73
C ALA E 205 -15.35 6.81 -7.32
N THR E 206 -14.39 7.68 -7.06
CA THR E 206 -14.66 8.99 -6.48
C THR E 206 -14.19 10.11 -7.38
N ILE E 207 -15.12 10.93 -7.82
CA ILE E 207 -14.83 12.13 -8.61
C ILE E 207 -14.99 13.42 -7.73
N ARG E 208 -14.04 14.33 -7.86
CA ARG E 208 -14.09 15.67 -7.15
C ARG E 208 -13.88 16.76 -8.16
N ALA E 209 -14.92 17.56 -8.35
CA ALA E 209 -14.90 18.58 -9.39
C ALA E 209 -15.93 19.66 -9.21
N GLY E 210 -15.51 20.89 -9.52
CA GLY E 210 -16.41 21.99 -9.72
C GLY E 210 -17.30 22.20 -8.50
N ASP E 211 -18.59 22.42 -8.80
CA ASP E 211 -19.60 22.77 -7.80
C ASP E 211 -20.63 21.68 -7.64
N ILE E 212 -20.23 20.46 -7.92
CA ILE E 212 -21.21 19.39 -8.05
C ILE E 212 -21.86 19.17 -6.71
N VAL E 213 -23.17 19.34 -6.69
CA VAL E 213 -23.94 19.15 -5.48
C VAL E 213 -23.96 17.69 -5.04
N GLY E 214 -24.10 16.74 -5.95
CA GLY E 214 -23.93 15.32 -5.56
C GLY E 214 -24.54 14.36 -6.60
N GLU E 215 -23.68 13.56 -7.19
CA GLU E 215 -24.09 12.46 -8.03
C GLU E 215 -23.63 11.09 -7.51
N HIS E 216 -24.60 10.17 -7.43
CA HIS E 216 -24.35 8.78 -7.11
C HIS E 216 -24.95 7.79 -8.14
N THR E 217 -24.13 6.81 -8.50
CA THR E 217 -24.57 5.70 -9.31
C THR E 217 -24.10 4.36 -8.73
N ALA E 218 -25.06 3.49 -8.47
CA ALA E 218 -24.78 2.10 -8.20
C ALA E 218 -25.08 1.29 -9.46
N MET E 219 -24.05 0.56 -9.84
CA MET E 219 -24.05 -0.30 -11.05
C MET E 219 -24.02 -1.79 -10.69
N PHE E 220 -24.99 -2.51 -11.23
CA PHE E 220 -25.04 -4.01 -11.22
C PHE E 220 -24.71 -4.49 -12.62
N ALA E 221 -23.53 -5.07 -12.78
CA ALA E 221 -23.02 -5.48 -14.13
C ALA E 221 -22.80 -6.98 -14.29
N ASP E 222 -23.50 -7.49 -15.27
CA ASP E 222 -23.46 -8.87 -15.66
C ASP E 222 -22.85 -8.90 -17.04
N ILE E 223 -22.39 -10.05 -17.47
CA ILE E 223 -21.95 -10.16 -18.90
C ILE E 223 -23.21 -10.08 -19.76
N GLY E 224 -23.29 -9.18 -20.69
CA GLY E 224 -24.50 -9.01 -21.49
C GLY E 224 -25.49 -7.90 -21.10
N GLU E 225 -25.43 -7.44 -19.85
CA GLU E 225 -26.31 -6.37 -19.42
C GLU E 225 -25.83 -5.68 -18.13
N ARG E 226 -26.29 -4.45 -17.94
CA ARG E 226 -26.22 -3.87 -16.63
C ARG E 226 -27.37 -2.96 -16.25
N VAL E 227 -27.51 -2.86 -14.93
CA VAL E 227 -28.52 -2.11 -14.30
C VAL E 227 -27.80 -1.02 -13.55
N GLU E 228 -28.24 0.20 -13.81
CA GLU E 228 -27.72 1.38 -13.12
C GLU E 228 -28.81 2.10 -12.39
N ILE E 229 -28.59 2.35 -11.11
CA ILE E 229 -29.48 3.17 -10.29
C ILE E 229 -28.74 4.41 -9.83
N THR E 230 -29.25 5.54 -10.31
CA THR E 230 -28.58 6.83 -10.12
C THR E 230 -29.44 7.85 -9.33
N HIS E 231 -28.78 8.51 -8.41
CA HIS E 231 -29.32 9.77 -7.79
C HIS E 231 -28.48 11.04 -8.08
N LYS E 232 -29.20 12.07 -8.49
CA LYS E 232 -28.62 13.43 -8.73
C LYS E 232 -29.26 14.51 -7.84
N ALA E 233 -28.41 15.11 -7.02
CA ALA E 233 -28.77 16.22 -6.19
C ALA E 233 -28.36 17.54 -6.84
N THR E 234 -29.31 18.42 -7.00
CA THR E 234 -29.20 19.62 -7.82
C THR E 234 -29.05 20.86 -6.96
N ASP E 235 -29.55 20.77 -5.71
CA ASP E 235 -29.84 21.93 -4.81
C ASP E 235 -29.74 21.49 -3.37
N ARG E 236 -28.93 22.16 -2.57
CA ARG E 236 -28.74 21.75 -1.20
C ARG E 236 -30.07 21.76 -0.46
N MET E 237 -30.95 22.66 -0.87
CA MET E 237 -32.33 22.70 -0.28
C MET E 237 -33.03 21.32 -0.22
N THR E 238 -32.76 20.42 -1.15
CA THR E 238 -33.23 19.04 -0.99
C THR E 238 -32.75 18.44 0.34
N PHE E 239 -31.49 18.57 0.64
CA PHE E 239 -30.99 18.09 1.93
C PHE E 239 -31.56 18.83 3.13
N ALA E 240 -31.54 20.14 3.01
CA ALA E 240 -31.90 21.01 4.14
C ALA E 240 -33.37 20.86 4.56
N ASN E 241 -34.27 20.85 3.59
CA ASN E 241 -35.69 20.57 3.87
C ASN E 241 -35.89 19.20 4.52
N GLY E 242 -35.11 18.23 4.10
CA GLY E 242 -35.22 16.89 4.73
C GLY E 242 -34.75 16.84 6.15
N ALA E 243 -33.62 17.44 6.39
CA ALA E 243 -33.04 17.55 7.72
C ALA E 243 -33.97 18.31 8.74
N VAL E 244 -34.63 19.35 8.26
CA VAL E 244 -35.57 20.11 9.08
C VAL E 244 -36.78 19.26 9.38
N LYS E 245 -37.29 18.59 8.33
CA LYS E 245 -38.34 17.60 8.50
C LYS E 245 -37.95 16.57 9.52
N ALA E 246 -36.73 16.13 9.47
CA ALA E 246 -36.26 15.15 10.48
C ALA E 246 -36.25 15.74 11.89
N ALA E 247 -35.82 16.99 12.00
CA ALA E 247 -35.78 17.67 13.31
C ALA E 247 -37.16 17.80 13.94
N VAL E 248 -38.13 18.20 13.13
CA VAL E 248 -39.54 18.29 13.55
C VAL E 248 -40.05 16.94 14.08
N TRP E 249 -39.87 15.92 13.27
CA TRP E 249 -40.17 14.53 13.64
C TRP E 249 -39.43 14.06 14.91
N LEU E 250 -38.18 14.42 15.05
CA LEU E 250 -37.38 13.96 16.20
C LEU E 250 -37.83 14.57 17.53
N HIS E 251 -38.51 15.71 17.46
CA HIS E 251 -38.95 16.45 18.64
C HIS E 251 -39.82 15.60 19.54
N GLU E 252 -40.77 14.90 18.92
CA GLU E 252 -41.69 14.00 19.65
C GLU E 252 -41.01 12.75 20.27
N LYS E 253 -39.81 12.37 19.82
CA LYS E 253 -39.29 11.01 20.03
C LYS E 253 -38.36 10.79 21.26
N PRO E 254 -38.30 9.54 21.75
CA PRO E 254 -37.39 9.16 22.83
C PRO E 254 -36.02 8.86 22.33
N ALA E 255 -35.13 8.52 23.25
CA ALA E 255 -33.75 8.17 22.91
C ALA E 255 -33.68 7.03 21.91
N GLY E 256 -32.65 7.07 21.11
CA GLY E 256 -32.48 6.15 19.99
C GLY E 256 -31.71 6.70 18.81
N PHE E 257 -31.19 5.76 18.03
CA PHE E 257 -30.52 6.04 16.78
C PHE E 257 -31.58 5.91 15.70
N TYR E 258 -31.91 6.99 15.05
CA TYR E 258 -32.87 6.96 13.91
C TYR E 258 -32.18 7.33 12.61
N THR E 259 -32.81 6.93 11.52
CA THR E 259 -32.35 7.28 10.16
C THR E 259 -33.50 7.92 9.40
N MET E 260 -33.21 8.40 8.18
CA MET E 260 -34.24 9.02 7.34
C MET E 260 -35.25 8.02 6.89
N THR E 261 -34.84 6.78 6.90
CA THR E 261 -35.72 5.67 6.55
C THR E 261 -36.85 5.68 7.57
N ASP E 262 -36.47 5.77 8.84
CA ASP E 262 -37.42 5.91 9.96
C ASP E 262 -38.30 7.17 9.82
N VAL E 263 -37.70 8.32 9.56
CA VAL E 263 -38.43 9.60 9.46
C VAL E 263 -39.51 9.55 8.36
N LEU E 264 -39.11 8.99 7.23
CA LEU E 264 -39.95 8.96 6.01
C LEU E 264 -40.93 7.81 5.94
N GLY E 265 -40.83 6.89 6.88
CA GLY E 265 -41.63 5.65 6.90
C GLY E 265 -41.39 4.73 5.72
N LEU E 266 -40.13 4.52 5.38
CA LEU E 266 -39.70 3.73 4.18
C LEU E 266 -39.21 2.29 4.46
N ASN E 267 -39.24 1.86 5.72
CA ASN E 267 -38.60 0.58 6.12
C ASN E 267 -39.19 -0.70 5.51
N ASP E 268 -40.49 -0.67 5.23
CA ASP E 268 -41.23 -1.81 4.68
C ASP E 268 -41.62 -1.59 3.22
N LEU E 269 -40.67 -1.09 2.44
CA LEU E 269 -40.92 -0.83 1.01
C LEU E 269 -40.94 -2.05 0.04
N MET F 1 0.77 -6.80 -49.98
CA MET F 1 0.35 -7.88 -49.03
C MET F 1 1.21 -7.90 -47.75
N VAL F 2 0.55 -7.65 -46.62
CA VAL F 2 1.21 -7.54 -45.34
C VAL F 2 0.89 -8.77 -44.53
N ARG F 3 1.96 -9.39 -44.07
CA ARG F 3 1.90 -10.68 -43.37
C ARG F 3 1.97 -10.39 -41.86
N ILE F 4 0.91 -10.75 -41.17
CA ILE F 4 0.74 -10.37 -39.79
C ILE F 4 0.88 -11.58 -38.88
N ALA F 5 1.65 -11.37 -37.83
CA ALA F 5 1.75 -12.26 -36.69
C ALA F 5 0.95 -11.66 -35.51
N VAL F 6 -0.02 -12.41 -35.01
CA VAL F 6 -0.82 -11.99 -33.84
C VAL F 6 -0.27 -12.58 -32.59
N ALA F 7 0.33 -11.75 -31.74
CA ALA F 7 0.86 -12.22 -30.43
C ALA F 7 -0.32 -12.48 -29.49
N GLY F 8 -0.15 -13.44 -28.60
CA GLY F 8 -1.30 -13.98 -27.82
C GLY F 8 -2.64 -14.04 -28.56
N ALA F 9 -2.70 -14.92 -29.54
CA ALA F 9 -3.89 -15.06 -30.40
C ALA F 9 -5.14 -15.65 -29.73
N ALA F 10 -4.95 -16.33 -28.61
CA ALA F 10 -6.09 -16.81 -27.76
C ALA F 10 -6.78 -15.76 -26.87
N GLY F 11 -6.11 -14.65 -26.56
CA GLY F 11 -6.72 -13.57 -25.76
C GLY F 11 -7.98 -12.90 -26.33
N ARG F 12 -8.57 -12.00 -25.57
CA ARG F 12 -9.81 -11.34 -26.00
C ARG F 12 -9.53 -10.56 -27.29
N MET F 13 -8.49 -9.75 -27.20
CA MET F 13 -8.01 -8.96 -28.33
C MET F 13 -7.43 -9.87 -29.43
N GLY F 14 -6.50 -10.75 -29.04
CA GLY F 14 -5.88 -11.68 -29.97
C GLY F 14 -6.84 -12.37 -30.92
N ARG F 15 -7.90 -12.95 -30.41
CA ARG F 15 -8.91 -13.59 -31.26
C ARG F 15 -9.58 -12.62 -32.25
N ASN F 16 -9.80 -11.40 -31.80
CA ASN F 16 -10.44 -10.38 -32.68
C ASN F 16 -9.49 -9.91 -33.77
N LEU F 17 -8.21 -9.86 -33.38
CA LEU F 17 -7.15 -9.41 -34.28
C LEU F 17 -7.02 -10.41 -35.39
N VAL F 18 -6.98 -11.67 -35.00
CA VAL F 18 -6.97 -12.74 -35.97
C VAL F 18 -8.15 -12.52 -36.96
N LYS F 19 -9.35 -12.36 -36.42
CA LYS F 19 -10.53 -12.23 -37.28
C LYS F 19 -10.42 -11.01 -38.22
N ALA F 20 -9.82 -9.96 -37.69
CA ALA F 20 -9.76 -8.65 -38.36
C ALA F 20 -8.76 -8.71 -39.47
N ALA F 21 -7.59 -9.27 -39.19
CA ALA F 21 -6.55 -9.49 -40.22
C ALA F 21 -7.08 -10.40 -41.35
N HIS F 22 -7.86 -11.39 -40.96
CA HIS F 22 -8.49 -12.29 -41.92
C HIS F 22 -9.40 -11.48 -42.89
N HIS F 23 -10.15 -10.53 -42.36
CA HIS F 23 -11.12 -9.77 -43.18
C HIS F 23 -10.56 -8.63 -43.97
N ASN F 24 -9.36 -8.19 -43.60
CA ASN F 24 -8.67 -7.16 -44.35
C ASN F 24 -8.00 -7.78 -45.56
N PRO F 25 -8.40 -7.35 -46.78
CA PRO F 25 -7.87 -7.95 -48.02
C PRO F 25 -6.39 -7.64 -48.39
N VAL F 26 -5.83 -6.59 -47.82
CA VAL F 26 -4.40 -6.27 -47.93
C VAL F 26 -3.52 -6.99 -46.89
N ALA F 27 -4.14 -7.68 -45.94
CA ALA F 27 -3.38 -8.40 -44.93
C ALA F 27 -3.59 -9.91 -44.98
N LYS F 28 -2.57 -10.64 -44.55
CA LYS F 28 -2.69 -12.07 -44.37
C LYS F 28 -2.36 -12.46 -42.93
N VAL F 29 -3.17 -13.35 -42.37
CA VAL F 29 -2.83 -14.02 -41.08
C VAL F 29 -1.75 -15.03 -41.27
N ALA F 30 -0.56 -14.71 -40.79
CA ALA F 30 0.62 -15.54 -41.10
C ALA F 30 1.17 -16.36 -39.95
N ALA F 31 0.88 -15.95 -38.75
CA ALA F 31 1.51 -16.52 -37.55
C ALA F 31 0.77 -16.02 -36.33
N GLY F 32 1.02 -16.70 -35.23
CA GLY F 32 0.28 -16.46 -33.98
C GLY F 32 0.92 -17.12 -32.79
N SER F 33 1.02 -16.41 -31.66
CA SER F 33 1.63 -16.99 -30.48
C SER F 33 0.66 -17.17 -29.35
N GLU F 34 1.09 -18.01 -28.42
CA GLU F 34 0.52 -18.08 -27.09
C GLU F 34 1.63 -18.37 -26.11
N ARG F 35 1.30 -18.28 -24.81
CA ARG F 35 2.29 -18.56 -23.73
C ARG F 35 2.73 -20.00 -23.92
N PRO F 36 4.02 -20.30 -23.76
CA PRO F 36 4.54 -21.68 -23.96
C PRO F 36 3.78 -22.79 -23.23
N GLU F 37 3.51 -22.57 -21.94
CA GLU F 37 2.73 -23.50 -21.09
C GLU F 37 1.28 -23.79 -21.63
N SER F 38 0.73 -22.88 -22.44
CA SER F 38 -0.64 -23.02 -23.02
C SER F 38 -0.81 -24.23 -23.92
N SER F 39 -2.00 -24.81 -23.82
CA SER F 39 -2.41 -25.94 -24.66
C SER F 39 -3.01 -25.57 -26.01
N LEU F 40 -3.28 -24.27 -26.19
CA LEU F 40 -3.71 -23.72 -27.48
C LEU F 40 -2.54 -23.73 -28.50
N VAL F 41 -1.29 -23.79 -28.01
CA VAL F 41 -0.11 -24.10 -28.85
C VAL F 41 -0.38 -25.37 -29.65
N GLY F 42 -0.31 -25.25 -30.98
CA GLY F 42 -0.60 -26.36 -31.92
C GLY F 42 -1.94 -26.26 -32.64
N VAL F 43 -2.87 -25.52 -32.05
CA VAL F 43 -4.23 -25.33 -32.60
C VAL F 43 -4.21 -24.37 -33.80
N ASP F 44 -5.07 -24.64 -34.77
CA ASP F 44 -5.11 -23.83 -35.98
C ASP F 44 -5.75 -22.50 -35.62
N LEU F 45 -5.17 -21.41 -36.11
CA LEU F 45 -5.63 -20.00 -35.83
C LEU F 45 -7.06 -19.66 -36.26
N GLY F 46 -7.45 -20.19 -37.40
CA GLY F 46 -8.83 -20.02 -37.86
C GLY F 46 -9.88 -20.65 -36.96
N GLU F 47 -9.56 -21.83 -36.44
CA GLU F 47 -10.48 -22.62 -35.59
C GLU F 47 -10.70 -21.90 -34.31
N LEU F 48 -9.65 -21.23 -33.86
CA LEU F 48 -9.66 -20.38 -32.65
C LEU F 48 -10.71 -19.27 -32.64
N CYS F 49 -10.80 -18.54 -33.74
CA CYS F 49 -11.77 -17.41 -33.85
C CYS F 49 -13.12 -17.77 -34.49
N GLY F 50 -13.37 -19.05 -34.67
CA GLY F 50 -14.66 -19.59 -35.16
C GLY F 50 -14.99 -19.36 -36.65
N GLU F 51 -13.98 -19.43 -37.53
CA GLU F 51 -14.20 -19.29 -39.01
C GLU F 51 -13.52 -20.38 -39.88
N GLY F 52 -13.25 -21.53 -39.27
CA GLY F 52 -12.68 -22.69 -39.98
C GLY F 52 -11.17 -22.63 -40.08
N LYS F 53 -10.54 -23.66 -40.65
CA LYS F 53 -9.06 -23.77 -40.67
C LYS F 53 -8.34 -22.82 -41.66
N PHE F 54 -7.23 -22.23 -41.19
CA PHE F 54 -6.35 -21.27 -41.93
C PHE F 54 -5.07 -21.88 -42.45
N ASP F 55 -4.73 -23.06 -41.95
CA ASP F 55 -3.46 -23.73 -42.27
C ASP F 55 -2.27 -23.00 -41.62
N VAL F 56 -2.55 -22.34 -40.51
CA VAL F 56 -1.52 -21.72 -39.66
C VAL F 56 -1.82 -22.15 -38.24
N VAL F 57 -0.76 -22.38 -37.47
CA VAL F 57 -0.94 -22.81 -36.08
C VAL F 57 -0.37 -21.82 -35.10
N VAL F 58 -0.88 -21.94 -33.89
CA VAL F 58 -0.39 -21.14 -32.79
C VAL F 58 0.96 -21.70 -32.37
N CYS F 59 2.04 -20.93 -32.51
CA CYS F 59 3.35 -21.38 -32.02
C CYS F 59 3.56 -20.83 -30.61
N ASP F 60 4.51 -21.41 -29.90
CA ASP F 60 4.84 -20.99 -28.53
C ASP F 60 5.90 -19.91 -28.47
N ASP F 61 6.38 -19.54 -29.64
CA ASP F 61 7.43 -18.56 -29.77
C ASP F 61 7.40 -18.08 -31.22
N LEU F 62 7.12 -16.80 -31.41
CA LEU F 62 7.15 -16.16 -32.74
C LEU F 62 8.52 -16.19 -33.41
N ALA F 63 9.59 -16.34 -32.63
CA ALA F 63 10.96 -16.59 -33.16
C ALA F 63 11.03 -17.77 -34.18
N LYS F 64 10.32 -18.84 -33.88
CA LYS F 64 10.23 -20.00 -34.77
C LYS F 64 9.42 -19.77 -36.07
N GLN F 65 8.65 -18.70 -36.19
CA GLN F 65 7.92 -18.38 -37.45
C GLN F 65 8.38 -17.10 -38.15
N ILE F 66 9.57 -16.65 -37.82
CA ILE F 66 10.04 -15.33 -38.22
C ILE F 66 10.01 -15.01 -39.71
N ASP F 67 10.26 -16.01 -40.54
CA ASP F 67 10.29 -15.79 -41.99
C ASP F 67 8.93 -15.68 -42.61
N GLN F 68 7.89 -16.06 -41.87
CA GLN F 68 6.51 -16.00 -42.37
C GLN F 68 5.77 -14.69 -42.14
N PHE F 69 6.32 -13.80 -41.33
CA PHE F 69 5.64 -12.48 -41.01
C PHE F 69 6.51 -11.21 -41.17
N ASP F 70 5.82 -10.13 -41.50
CA ASP F 70 6.42 -8.75 -41.63
C ASP F 70 6.24 -7.94 -40.38
N VAL F 71 5.02 -7.95 -39.87
CA VAL F 71 4.61 -7.12 -38.71
C VAL F 71 3.94 -7.95 -37.62
N ILE F 72 4.36 -7.69 -36.38
CA ILE F 72 3.72 -8.28 -35.18
C ILE F 72 2.65 -7.32 -34.64
N ILE F 73 1.44 -7.80 -34.44
CA ILE F 73 0.45 -7.08 -33.66
C ILE F 73 0.38 -7.68 -32.25
N ASP F 74 0.68 -6.84 -31.25
CA ASP F 74 0.91 -7.27 -29.85
C ASP F 74 0.03 -6.54 -28.80
N PHE F 75 -0.98 -7.27 -28.41
CA PHE F 75 -1.91 -6.92 -27.35
C PHE F 75 -1.85 -8.07 -26.33
N THR F 76 -0.78 -8.10 -25.54
CA THR F 76 -0.55 -9.20 -24.57
C THR F 76 -0.23 -8.67 -23.15
N ALA F 77 1.03 -8.71 -22.78
CA ALA F 77 1.49 -8.32 -21.45
C ALA F 77 2.85 -7.68 -21.56
N PRO F 78 3.20 -6.78 -20.63
CA PRO F 78 4.42 -6.02 -20.83
C PRO F 78 5.69 -6.80 -21.15
N ALA F 79 5.99 -7.84 -20.39
CA ALA F 79 7.26 -8.61 -20.60
C ALA F 79 7.27 -9.31 -21.97
N SER F 80 6.13 -9.88 -22.32
CA SER F 80 5.95 -10.53 -23.63
C SER F 80 6.19 -9.54 -24.79
N THR F 81 5.63 -8.34 -24.64
CA THR F 81 5.74 -7.31 -25.68
C THR F 81 7.17 -6.81 -25.83
N LEU F 82 7.88 -6.68 -24.71
CA LEU F 82 9.31 -6.32 -24.78
C LEU F 82 10.20 -7.35 -25.51
N ASN F 83 9.94 -8.64 -25.27
CA ASN F 83 10.60 -9.70 -26.05
C ASN F 83 10.30 -9.63 -27.55
N ASN F 84 9.03 -9.40 -27.90
CA ASN F 84 8.63 -9.29 -29.32
C ASN F 84 9.24 -8.08 -30.02
N LEU F 85 9.51 -7.06 -29.24
CA LEU F 85 10.21 -5.88 -29.71
C LEU F 85 11.64 -6.17 -30.04
N ALA F 86 12.28 -6.91 -29.13
CA ALA F 86 13.68 -7.32 -29.26
C ALA F 86 13.84 -8.18 -30.49
N LEU F 87 12.83 -9.01 -30.75
CA LEU F 87 12.79 -9.87 -31.90
C LEU F 87 12.75 -9.03 -33.21
N CYS F 88 11.93 -7.99 -33.20
CA CYS F 88 11.81 -7.07 -34.35
C CYS F 88 13.13 -6.43 -34.70
N GLN F 89 13.84 -6.04 -33.65
CA GLN F 89 15.14 -5.38 -33.78
C GLN F 89 16.20 -6.30 -34.45
N GLN F 90 16.32 -7.50 -33.89
CA GLN F 90 17.27 -8.54 -34.41
C GLN F 90 16.98 -9.05 -35.82
N TYR F 91 15.71 -9.13 -36.20
CA TYR F 91 15.31 -9.70 -37.52
C TYR F 91 14.65 -8.71 -38.51
N GLY F 92 14.75 -7.41 -38.21
CA GLY F 92 14.20 -6.35 -39.06
C GLY F 92 12.71 -6.40 -39.31
N LYS F 93 11.95 -6.65 -38.23
CA LYS F 93 10.46 -6.64 -38.27
C LYS F 93 9.91 -5.39 -37.67
N SER F 94 8.64 -5.17 -37.95
CA SER F 94 7.82 -4.06 -37.38
C SER F 94 6.84 -4.60 -36.34
N ILE F 95 6.39 -3.70 -35.46
CA ILE F 95 5.43 -4.04 -34.39
C ILE F 95 4.35 -2.96 -34.19
N VAL F 96 3.11 -3.40 -33.99
CA VAL F 96 2.00 -2.59 -33.58
C VAL F 96 1.76 -3.04 -32.15
N ILE F 97 2.00 -2.12 -31.20
CA ILE F 97 1.79 -2.39 -29.75
C ILE F 97 0.46 -1.80 -29.23
N GLY F 98 -0.35 -2.66 -28.65
CA GLY F 98 -1.58 -2.31 -27.98
C GLY F 98 -1.50 -2.52 -26.49
N THR F 99 -0.55 -3.33 -26.06
CA THR F 99 -0.36 -3.68 -24.64
C THR F 99 -0.31 -2.39 -23.80
N THR F 100 -0.95 -2.42 -22.63
CA THR F 100 -0.85 -1.33 -21.68
C THR F 100 -0.28 -1.82 -20.34
N GLY F 101 -0.06 -0.90 -19.43
CA GLY F 101 0.47 -1.25 -18.09
C GLY F 101 1.98 -1.36 -18.00
N PHE F 102 2.69 -0.71 -18.91
CA PHE F 102 4.15 -0.65 -18.84
C PHE F 102 4.59 0.27 -17.72
N THR F 103 5.73 -0.05 -17.10
CA THR F 103 6.40 0.89 -16.15
C THR F 103 7.06 2.01 -16.95
N GLU F 104 7.42 3.10 -16.27
CA GLU F 104 8.13 4.20 -16.98
C GLU F 104 9.47 3.74 -17.59
N GLU F 105 10.24 2.95 -16.83
CA GLU F 105 11.50 2.34 -17.31
C GLU F 105 11.29 1.60 -18.65
N GLN F 106 10.22 0.81 -18.70
CA GLN F 106 9.86 0.04 -19.91
C GLN F 106 9.42 0.89 -21.11
N ARG F 107 8.67 1.97 -20.85
CA ARG F 107 8.28 2.92 -21.91
C ARG F 107 9.48 3.65 -22.50
N GLU F 108 10.50 3.87 -21.67
CA GLU F 108 11.78 4.46 -22.11
C GLU F 108 12.53 3.48 -23.07
N GLN F 109 12.52 2.19 -22.73
CA GLN F 109 13.08 1.12 -23.59
C GLN F 109 12.45 1.08 -24.98
N ILE F 110 11.13 1.21 -25.00
CA ILE F 110 10.36 1.20 -26.27
C ILE F 110 10.75 2.39 -27.17
N ASP F 111 10.87 3.57 -26.56
CA ASP F 111 11.31 4.78 -27.25
C ASP F 111 12.67 4.57 -27.90
N LEU F 112 13.58 3.97 -27.14
CA LEU F 112 14.94 3.61 -27.62
C LEU F 112 14.91 2.64 -28.80
N VAL F 113 14.23 1.52 -28.61
CA VAL F 113 14.11 0.53 -29.69
C VAL F 113 13.44 1.13 -30.95
N ALA F 114 12.50 2.04 -30.75
CA ALA F 114 11.76 2.70 -31.87
C ALA F 114 12.60 3.62 -32.73
N GLN F 115 13.81 3.89 -32.29
CA GLN F 115 14.82 4.54 -33.16
C GLN F 115 15.38 3.65 -34.29
N GLN F 116 15.45 2.35 -34.02
CA GLN F 116 15.92 1.30 -34.98
C GLN F 116 14.78 0.50 -35.67
N VAL F 117 13.61 0.44 -35.04
CA VAL F 117 12.47 -0.41 -35.47
C VAL F 117 11.23 0.46 -35.79
N PRO F 118 10.47 0.12 -36.87
CA PRO F 118 9.17 0.76 -37.01
C PRO F 118 8.15 0.22 -35.98
N VAL F 119 7.70 1.14 -35.14
CA VAL F 119 6.81 0.86 -34.03
C VAL F 119 5.58 1.78 -34.14
N VAL F 120 4.40 1.19 -34.12
CA VAL F 120 3.15 1.91 -33.79
C VAL F 120 2.79 1.56 -32.35
N MET F 121 2.62 2.60 -31.52
CA MET F 121 2.14 2.43 -30.17
C MET F 121 1.09 3.48 -29.82
N ALA F 122 -0.08 2.96 -29.47
CA ALA F 122 -1.20 3.72 -29.04
C ALA F 122 -1.89 3.00 -27.87
N PRO F 123 -2.47 3.75 -26.93
CA PRO F 123 -3.30 3.12 -25.90
C PRO F 123 -4.70 2.70 -26.38
N ASN F 124 -5.07 3.18 -27.58
CA ASN F 124 -6.38 2.93 -28.16
C ASN F 124 -6.35 3.02 -29.64
N TYR F 125 -6.86 1.98 -30.29
CA TYR F 125 -6.78 1.89 -31.76
C TYR F 125 -8.07 2.33 -32.47
N SER F 126 -8.98 2.90 -31.73
CA SER F 126 -10.28 3.34 -32.29
C SER F 126 -10.17 4.73 -32.89
N VAL F 127 -10.97 4.98 -33.91
CA VAL F 127 -11.02 6.27 -34.56
C VAL F 127 -11.56 7.34 -33.61
N GLY F 128 -12.59 7.00 -32.85
CA GLY F 128 -13.20 7.92 -31.92
C GLY F 128 -12.34 8.41 -30.77
N VAL F 129 -11.60 7.50 -30.15
CA VAL F 129 -10.73 7.87 -29.05
C VAL F 129 -9.62 8.79 -29.53
N ASN F 130 -9.11 8.54 -30.73
CA ASN F 130 -8.02 9.37 -31.28
C ASN F 130 -8.59 10.73 -31.67
N LEU F 131 -9.83 10.77 -32.19
CA LEU F 131 -10.53 12.03 -32.38
C LEU F 131 -10.61 12.71 -31.01
N VAL F 132 -11.04 11.95 -30.02
CA VAL F 132 -11.22 12.51 -28.64
C VAL F 132 -9.92 13.12 -28.09
N PHE F 133 -8.77 12.46 -28.29
CA PHE F 133 -7.49 13.06 -27.82
C PHE F 133 -7.26 14.49 -28.39
N LYS F 134 -7.59 14.66 -29.67
CA LYS F 134 -7.54 15.99 -30.32
C LYS F 134 -8.54 17.00 -29.73
N LEU F 135 -9.77 16.57 -29.47
CA LEU F 135 -10.81 17.41 -28.86
C LEU F 135 -10.44 17.88 -27.41
N LEU F 136 -9.82 16.96 -26.68
CA LEU F 136 -9.28 17.23 -25.32
C LEU F 136 -8.19 18.32 -25.26
N GLU F 137 -7.32 18.31 -26.25
CA GLU F 137 -6.38 19.35 -26.46
C GLU F 137 -7.05 20.74 -26.64
N LYS F 138 -8.07 20.83 -27.50
CA LYS F 138 -8.84 22.08 -27.73
C LYS F 138 -9.52 22.56 -26.42
N ALA F 139 -10.22 21.66 -25.76
CA ALA F 139 -10.89 21.94 -24.50
C ALA F 139 -9.89 22.35 -23.44
N ALA F 140 -8.71 21.72 -23.41
CA ALA F 140 -7.71 22.04 -22.37
C ALA F 140 -7.14 23.47 -22.50
N LYS F 141 -6.96 23.93 -23.73
CA LYS F 141 -6.46 25.28 -24.00
C LYS F 141 -7.45 26.33 -23.57
N VAL F 142 -8.72 26.10 -23.80
CA VAL F 142 -9.79 27.07 -23.54
C VAL F 142 -10.17 27.06 -22.07
N MET F 143 -10.42 25.89 -21.49
CA MET F 143 -10.98 25.76 -20.12
C MET F 143 -10.03 25.17 -19.08
N GLY F 144 -8.94 24.52 -19.50
CA GLY F 144 -8.04 23.82 -18.54
C GLY F 144 -7.45 24.59 -17.36
N ASP F 145 -7.07 25.86 -17.60
CA ASP F 145 -6.47 26.77 -16.60
C ASP F 145 -7.36 27.04 -15.40
N TYR F 146 -8.66 27.15 -15.64
CA TYR F 146 -9.58 27.52 -14.59
C TYR F 146 -10.60 26.45 -14.18
N CYS F 147 -10.55 25.29 -14.82
CA CYS F 147 -11.46 24.18 -14.51
C CYS F 147 -10.79 23.08 -13.75
N ASP F 148 -11.61 22.32 -13.03
CA ASP F 148 -11.20 21.02 -12.49
C ASP F 148 -11.38 19.94 -13.56
N ILE F 149 -10.28 19.21 -13.77
CA ILE F 149 -10.12 18.13 -14.82
C ILE F 149 -10.12 16.72 -14.22
N GLU F 150 -11.18 16.02 -14.50
CA GLU F 150 -11.39 14.64 -13.94
C GLU F 150 -11.55 13.65 -15.10
N ILE F 151 -10.86 12.53 -14.97
CA ILE F 151 -10.93 11.40 -15.95
C ILE F 151 -11.52 10.18 -15.28
N VAL F 152 -12.64 9.76 -15.81
CA VAL F 152 -13.33 8.54 -15.27
C VAL F 152 -13.43 7.44 -16.38
N GLU F 153 -13.06 6.22 -16.03
CA GLU F 153 -13.11 5.09 -17.00
C GLU F 153 -13.63 3.83 -16.39
N ALA F 154 -14.40 3.13 -17.22
CA ALA F 154 -14.96 1.81 -16.87
C ALA F 154 -14.43 0.77 -17.86
N HIS F 155 -14.00 -0.35 -17.31
CA HIS F 155 -13.73 -1.57 -18.10
C HIS F 155 -14.20 -2.84 -17.48
N HIS F 156 -14.25 -3.86 -18.33
CA HIS F 156 -14.60 -5.29 -17.93
C HIS F 156 -13.78 -5.85 -16.76
N ARG F 157 -14.33 -6.83 -16.10
CA ARG F 157 -13.75 -7.38 -14.84
C ARG F 157 -12.36 -8.01 -14.91
N HIS F 158 -11.92 -8.30 -16.10
CA HIS F 158 -10.64 -9.02 -16.30
C HIS F 158 -9.47 -8.07 -16.46
N LYS F 159 -9.74 -6.78 -16.68
CA LYS F 159 -8.61 -5.84 -16.94
C LYS F 159 -7.72 -5.73 -15.69
N VAL F 160 -6.43 -5.91 -15.85
CA VAL F 160 -5.49 -6.11 -14.73
C VAL F 160 -4.78 -4.84 -14.34
N ASP F 161 -4.81 -3.84 -15.23
CA ASP F 161 -4.11 -2.55 -15.01
C ASP F 161 -5.11 -1.42 -14.85
N ALA F 162 -4.80 -0.55 -13.90
CA ALA F 162 -5.62 0.65 -13.57
C ALA F 162 -4.72 1.92 -13.30
N PRO F 163 -5.09 3.07 -13.85
CA PRO F 163 -6.24 3.20 -14.77
C PRO F 163 -5.80 2.81 -16.13
N SER F 164 -6.77 2.83 -17.01
CA SER F 164 -6.59 2.40 -18.42
C SER F 164 -5.51 3.22 -19.05
N GLY F 165 -4.80 2.62 -19.98
CA GLY F 165 -3.83 3.29 -20.80
C GLY F 165 -4.50 4.42 -21.58
N THR F 166 -5.76 4.24 -21.97
CA THR F 166 -6.49 5.24 -22.71
C THR F 166 -6.76 6.38 -21.81
N ALA F 167 -7.05 6.10 -20.56
CA ALA F 167 -7.25 7.24 -19.57
C ALA F 167 -5.98 8.03 -19.43
N ILE F 168 -4.88 7.31 -19.24
CA ILE F 168 -3.56 7.92 -19.14
C ILE F 168 -3.29 8.71 -20.39
N GLY F 169 -3.65 8.19 -21.50
CA GLY F 169 -3.51 8.90 -22.76
C GLY F 169 -4.31 10.18 -22.83
N MET F 170 -5.47 10.20 -22.23
CA MET F 170 -6.27 11.40 -22.20
C MET F 170 -5.65 12.51 -21.28
N GLY F 171 -5.17 12.08 -20.12
CA GLY F 171 -4.38 12.89 -19.17
C GLY F 171 -3.16 13.53 -19.82
N GLU F 172 -2.42 12.73 -20.60
CA GLU F 172 -1.21 13.22 -21.31
C GLU F 172 -1.54 14.24 -22.41
N ALA F 173 -2.57 13.97 -23.20
CA ALA F 173 -3.07 14.96 -24.17
C ALA F 173 -3.45 16.30 -23.51
N ILE F 174 -4.19 16.22 -22.41
CA ILE F 174 -4.58 17.40 -21.64
C ILE F 174 -3.36 18.12 -21.01
N ALA F 175 -2.57 17.37 -20.23
CA ALA F 175 -1.37 17.95 -19.54
C ALA F 175 -0.37 18.62 -20.52
N GLY F 176 -0.10 17.89 -21.60
CA GLY F 176 0.76 18.39 -22.69
C GLY F 176 0.25 19.68 -23.30
N ALA F 177 -1.04 19.75 -23.57
CA ALA F 177 -1.66 20.95 -24.19
C ALA F 177 -1.59 22.18 -23.26
N MET F 178 -1.44 21.92 -21.97
CA MET F 178 -1.31 22.94 -20.94
C MET F 178 0.12 23.12 -20.49
N GLY F 179 1.06 22.59 -21.26
CA GLY F 179 2.52 22.71 -20.94
C GLY F 179 2.93 22.06 -19.61
N ASN F 180 2.21 21.02 -19.22
CA ASN F 180 2.54 20.24 -18.01
C ASN F 180 2.82 18.76 -18.30
N LYS F 181 3.42 18.14 -17.29
CA LYS F 181 3.75 16.73 -17.25
C LYS F 181 2.66 16.05 -16.41
N LEU F 182 1.99 15.06 -16.96
CA LEU F 182 0.94 14.34 -16.24
C LEU F 182 1.35 13.85 -14.84
N SER F 183 2.56 13.31 -14.74
CA SER F 183 3.02 12.72 -13.45
C SER F 183 3.07 13.74 -12.32
N ASP F 184 3.32 15.01 -12.66
CA ASP F 184 3.27 16.13 -11.69
C ASP F 184 1.87 16.39 -11.09
N VAL F 185 0.85 16.29 -11.92
CA VAL F 185 -0.52 16.69 -11.57
C VAL F 185 -1.50 15.54 -11.27
N ALA F 186 -1.17 14.33 -11.67
CA ALA F 186 -2.13 13.23 -11.55
C ALA F 186 -2.37 12.76 -10.12
N VAL F 187 -3.63 12.46 -9.86
CA VAL F 187 -4.09 11.83 -8.62
C VAL F 187 -4.94 10.58 -8.95
N TYR F 188 -4.45 9.44 -8.50
CA TYR F 188 -5.01 8.14 -8.94
C TYR F 188 -5.98 7.51 -7.94
N ALA F 189 -5.88 7.93 -6.70
CA ALA F 189 -6.64 7.33 -5.59
C ALA F 189 -7.08 8.39 -4.60
N ARG F 190 -8.28 8.22 -4.09
CA ARG F 190 -8.87 9.14 -3.18
C ARG F 190 -9.56 8.34 -2.11
N GLU F 191 -8.91 8.22 -0.97
CA GLU F 191 -9.43 7.40 0.14
C GLU F 191 -9.27 8.13 1.49
N GLY F 192 -10.35 8.20 2.27
CA GLY F 192 -10.36 8.90 3.56
C GLY F 192 -10.45 10.41 3.47
N ILE F 193 -9.69 11.07 4.33
CA ILE F 193 -9.70 12.56 4.36
C ILE F 193 -8.65 13.08 3.41
N THR F 194 -9.08 13.52 2.22
CA THR F 194 -8.17 14.00 1.19
C THR F 194 -7.91 15.48 1.25
N GLY F 195 -8.74 16.18 1.99
CA GLY F 195 -8.72 17.64 2.02
C GLY F 195 -9.40 18.20 0.80
N GLU F 196 -9.31 19.51 0.68
CA GLU F 196 -9.84 20.22 -0.49
C GLU F 196 -9.03 19.90 -1.72
N ARG F 197 -9.71 19.80 -2.85
CA ARG F 197 -9.04 19.49 -4.08
C ARG F 197 -8.03 20.55 -4.41
N THR F 198 -6.87 20.16 -4.90
CA THR F 198 -5.90 21.14 -5.43
C THR F 198 -6.40 21.68 -6.79
N LYS F 199 -5.85 22.81 -7.22
CA LYS F 199 -6.31 23.44 -8.49
C LYS F 199 -5.81 22.73 -9.73
N ASP F 200 -4.56 22.28 -9.68
CA ASP F 200 -3.80 21.71 -10.81
C ASP F 200 -4.02 20.22 -11.08
N GLU F 201 -4.41 19.49 -10.04
CA GLU F 201 -4.57 18.04 -10.15
C GLU F 201 -5.57 17.57 -11.24
N ILE F 202 -5.20 16.44 -11.84
CA ILE F 202 -6.07 15.65 -12.70
C ILE F 202 -6.38 14.36 -11.97
N GLY F 203 -7.65 14.22 -11.63
CA GLY F 203 -8.14 13.08 -10.90
C GLY F 203 -8.55 11.93 -11.81
N PHE F 204 -8.20 10.72 -11.36
CA PHE F 204 -8.56 9.46 -12.08
C PHE F 204 -9.46 8.57 -11.27
N ALA F 205 -10.58 8.21 -11.85
CA ALA F 205 -11.57 7.29 -11.22
C ALA F 205 -11.76 6.04 -12.09
N THR F 206 -11.63 4.87 -11.47
CA THR F 206 -11.55 3.61 -12.20
C THR F 206 -12.65 2.65 -11.77
N ILE F 207 -13.49 2.27 -12.73
CA ILE F 207 -14.52 1.24 -12.54
C ILE F 207 -14.13 -0.08 -13.22
N ARG F 208 -14.34 -1.18 -12.52
CA ARG F 208 -14.10 -2.56 -13.07
C ARG F 208 -15.33 -3.41 -12.88
N ALA F 209 -15.97 -3.77 -13.99
CA ALA F 209 -17.26 -4.46 -13.91
C ALA F 209 -17.64 -5.18 -15.22
N GLY F 210 -18.22 -6.37 -15.05
CA GLY F 210 -18.92 -7.07 -16.11
C GLY F 210 -18.04 -7.30 -17.31
N ASP F 211 -18.62 -7.04 -18.47
CA ASP F 211 -18.00 -7.25 -19.76
C ASP F 211 -17.78 -6.00 -20.49
N ILE F 212 -17.67 -4.89 -19.75
CA ILE F 212 -17.63 -3.55 -20.37
C ILE F 212 -16.42 -3.45 -21.29
N VAL F 213 -16.74 -3.18 -22.54
CA VAL F 213 -15.70 -3.10 -23.53
C VAL F 213 -14.83 -1.89 -23.32
N GLY F 214 -15.41 -0.75 -23.01
CA GLY F 214 -14.58 0.42 -22.61
C GLY F 214 -15.37 1.69 -22.63
N GLU F 215 -15.48 2.30 -21.46
CA GLU F 215 -15.99 3.71 -21.34
C GLU F 215 -15.02 4.69 -20.75
N HIS F 216 -14.88 5.81 -21.43
CA HIS F 216 -14.05 6.95 -20.95
C HIS F 216 -14.79 8.30 -20.97
N THR F 217 -14.61 9.04 -19.89
CA THR F 217 -15.13 10.42 -19.77
C THR F 217 -14.06 11.30 -19.23
N ALA F 218 -13.74 12.33 -19.99
CA ALA F 218 -12.97 13.48 -19.47
C ALA F 218 -13.97 14.63 -19.16
N MET F 219 -13.88 15.06 -17.92
CA MET F 219 -14.68 16.19 -17.39
C MET F 219 -13.88 17.45 -17.16
N PHE F 220 -14.37 18.54 -17.73
CA PHE F 220 -13.84 19.94 -17.43
C PHE F 220 -14.91 20.71 -16.63
N ALA F 221 -14.63 20.92 -15.36
CA ALA F 221 -15.62 21.45 -14.42
C ALA F 221 -15.24 22.77 -13.86
N ASP F 222 -16.13 23.70 -14.13
CA ASP F 222 -16.08 25.08 -13.58
C ASP F 222 -17.24 25.28 -12.61
N ILE F 223 -17.16 26.28 -11.78
CA ILE F 223 -18.30 26.62 -10.99
C ILE F 223 -19.38 27.09 -11.98
N GLY F 224 -20.57 26.52 -11.95
CA GLY F 224 -21.63 26.98 -12.86
C GLY F 224 -21.82 26.20 -14.12
N GLU F 225 -20.80 25.43 -14.52
CA GLU F 225 -20.91 24.57 -15.67
C GLU F 225 -19.83 23.51 -15.79
N ARG F 226 -20.19 22.49 -16.55
CA ARG F 226 -19.17 21.54 -17.01
C ARG F 226 -19.36 20.95 -18.40
N VAL F 227 -18.20 20.63 -18.93
CA VAL F 227 -18.04 20.03 -20.22
C VAL F 227 -17.50 18.61 -20.02
N GLU F 228 -18.26 17.68 -20.55
CA GLU F 228 -17.90 16.27 -20.56
C GLU F 228 -17.69 15.76 -21.98
N ILE F 229 -16.55 15.20 -22.20
CA ILE F 229 -16.27 14.47 -23.44
C ILE F 229 -16.12 12.95 -23.19
N THR F 230 -16.98 12.16 -23.83
CA THR F 230 -17.14 10.74 -23.51
C THR F 230 -16.99 9.80 -24.74
N HIS F 231 -16.19 8.77 -24.54
CA HIS F 231 -16.07 7.72 -25.56
C HIS F 231 -16.59 6.40 -25.03
N LYS F 232 -17.43 5.77 -25.84
CA LYS F 232 -17.92 4.40 -25.58
C LYS F 232 -17.55 3.41 -26.64
N ALA F 233 -16.86 2.39 -26.20
CA ALA F 233 -16.49 1.25 -27.10
C ALA F 233 -17.43 0.12 -26.89
N THR F 234 -18.02 -0.30 -27.97
CA THR F 234 -19.06 -1.32 -27.97
C THR F 234 -18.57 -2.73 -28.36
N ASP F 235 -17.49 -2.81 -29.13
CA ASP F 235 -17.06 -4.09 -29.83
C ASP F 235 -15.57 -4.10 -29.99
N ARG F 236 -14.88 -5.16 -29.58
CA ARG F 236 -13.41 -5.23 -29.70
C ARG F 236 -12.92 -5.12 -31.10
N MET F 237 -13.82 -5.37 -32.02
CA MET F 237 -13.53 -5.21 -33.46
C MET F 237 -13.19 -3.78 -33.83
N THR F 238 -13.75 -2.80 -33.15
CA THR F 238 -13.25 -1.40 -33.34
C THR F 238 -11.76 -1.31 -33.10
N PHE F 239 -11.27 -1.83 -31.99
CA PHE F 239 -9.82 -1.83 -31.74
C PHE F 239 -9.04 -2.67 -32.78
N ALA F 240 -9.52 -3.87 -33.01
CA ALA F 240 -8.79 -4.81 -33.86
C ALA F 240 -8.65 -4.37 -35.35
N ASN F 241 -9.75 -3.94 -35.98
CA ASN F 241 -9.70 -3.29 -37.32
C ASN F 241 -8.76 -2.10 -37.37
N GLY F 242 -8.74 -1.29 -36.31
CA GLY F 242 -7.77 -0.20 -36.28
C GLY F 242 -6.31 -0.61 -36.22
N ALA F 243 -6.01 -1.57 -35.33
CA ALA F 243 -4.64 -2.12 -35.14
C ALA F 243 -4.13 -2.81 -36.43
N VAL F 244 -5.03 -3.43 -37.15
CA VAL F 244 -4.69 -4.04 -38.47
C VAL F 244 -4.44 -2.97 -39.52
N LYS F 245 -5.35 -1.98 -39.59
CA LYS F 245 -5.14 -0.76 -40.37
C LYS F 245 -3.78 -0.15 -40.04
N ALA F 246 -3.41 -0.11 -38.78
CA ALA F 246 -2.05 0.43 -38.41
C ALA F 246 -0.92 -0.43 -38.92
N ALA F 247 -1.08 -1.75 -38.81
CA ALA F 247 -0.06 -2.71 -39.29
C ALA F 247 0.17 -2.58 -40.78
N VAL F 248 -0.93 -2.47 -41.54
CA VAL F 248 -0.87 -2.23 -43.01
C VAL F 248 -0.09 -0.96 -43.36
N TRP F 249 -0.51 0.12 -42.75
CA TRP F 249 0.20 1.42 -42.79
C TRP F 249 1.68 1.40 -42.32
N LEU F 250 1.98 0.66 -41.27
CA LEU F 250 3.37 0.54 -40.75
C LEU F 250 4.32 -0.22 -41.68
N HIS F 251 3.76 -1.07 -42.53
CA HIS F 251 4.56 -1.88 -43.45
C HIS F 251 5.48 -0.99 -44.34
N GLU F 252 4.88 0.10 -44.86
CA GLU F 252 5.57 1.06 -45.70
C GLU F 252 6.63 1.92 -44.98
N LYS F 253 6.61 2.01 -43.65
CA LYS F 253 7.34 3.05 -42.92
C LYS F 253 8.74 2.69 -42.35
N PRO F 254 9.62 3.72 -42.23
CA PRO F 254 10.97 3.54 -41.65
C PRO F 254 10.88 3.53 -40.15
N ALA F 255 12.03 3.36 -39.52
CA ALA F 255 12.12 3.37 -38.07
C ALA F 255 11.53 4.64 -37.47
N GLY F 256 11.00 4.51 -36.27
CA GLY F 256 10.28 5.59 -35.62
C GLY F 256 9.22 5.11 -34.67
N PHE F 257 8.85 6.03 -33.76
CA PHE F 257 7.72 5.86 -32.83
C PHE F 257 6.51 6.52 -33.47
N TYR F 258 5.51 5.72 -33.83
CA TYR F 258 4.27 6.27 -34.44
C TYR F 258 3.07 6.01 -33.51
N THR F 259 2.00 6.77 -33.71
CA THR F 259 0.76 6.63 -32.95
C THR F 259 -0.36 6.50 -33.93
N MET F 260 -1.55 6.25 -33.40
CA MET F 260 -2.75 6.25 -34.26
C MET F 260 -3.12 7.59 -34.87
N THR F 261 -2.63 8.64 -34.23
CA THR F 261 -2.79 10.00 -34.71
C THR F 261 -2.09 10.10 -36.02
N ASP F 262 -0.87 9.59 -36.02
CA ASP F 262 -0.07 9.48 -37.27
C ASP F 262 -0.79 8.63 -38.35
N VAL F 263 -1.25 7.43 -37.97
CA VAL F 263 -1.86 6.45 -38.91
C VAL F 263 -3.12 7.05 -39.58
N LEU F 264 -3.92 7.74 -38.76
CA LEU F 264 -5.19 8.32 -39.16
C LEU F 264 -5.13 9.73 -39.75
N GLY F 265 -3.93 10.33 -39.75
CA GLY F 265 -3.71 11.69 -40.26
C GLY F 265 -4.51 12.75 -39.48
N LEU F 266 -4.49 12.66 -38.16
CA LEU F 266 -5.26 13.54 -37.27
C LEU F 266 -4.45 14.63 -36.56
N ASN F 267 -3.17 14.74 -36.87
CA ASN F 267 -2.26 15.66 -36.12
C ASN F 267 -2.58 17.15 -36.19
N ASP F 268 -3.15 17.58 -37.33
CA ASP F 268 -3.45 18.99 -37.61
C ASP F 268 -4.94 19.29 -37.55
N LEU F 269 -5.61 18.76 -36.54
CA LEU F 269 -7.07 18.90 -36.41
C LEU F 269 -7.59 20.24 -35.85
N MET G 1 -17.43 52.88 -21.02
CA MET G 1 -18.68 52.62 -20.23
C MET G 1 -19.89 52.31 -21.12
N VAL G 2 -20.40 51.10 -20.96
CA VAL G 2 -21.50 50.59 -21.79
C VAL G 2 -22.77 50.53 -20.99
N ARG G 3 -23.76 51.19 -21.53
CA ARG G 3 -25.01 51.41 -20.82
C ARG G 3 -25.98 50.36 -21.35
N ILE G 4 -26.41 49.51 -20.44
CA ILE G 4 -27.21 48.34 -20.79
C ILE G 4 -28.66 48.53 -20.38
N ALA G 5 -29.54 48.20 -21.32
CA ALA G 5 -30.95 48.01 -21.05
C ALA G 5 -31.26 46.50 -20.97
N VAL G 6 -31.83 46.04 -19.84
CA VAL G 6 -32.24 44.63 -19.65
C VAL G 6 -33.70 44.43 -19.99
N ALA G 7 -34.01 43.78 -21.12
CA ALA G 7 -35.43 43.51 -21.49
C ALA G 7 -35.97 42.38 -20.60
N GLY G 8 -37.26 42.44 -20.32
CA GLY G 8 -37.85 41.61 -19.26
C GLY G 8 -36.96 41.35 -18.02
N ALA G 9 -36.73 42.42 -17.25
CA ALA G 9 -35.82 42.36 -16.08
C ALA G 9 -36.32 41.49 -14.91
N ALA G 10 -37.63 41.23 -14.85
CA ALA G 10 -38.22 40.34 -13.82
C ALA G 10 -38.06 38.84 -14.07
N GLY G 11 -37.80 38.43 -15.31
CA GLY G 11 -37.65 37.00 -15.67
C GLY G 11 -36.51 36.26 -14.98
N ARG G 12 -36.44 34.95 -15.21
CA ARG G 12 -35.39 34.11 -14.62
C ARG G 12 -34.02 34.63 -15.08
N MET G 13 -33.86 34.77 -16.40
CA MET G 13 -32.66 35.40 -17.02
C MET G 13 -32.52 36.89 -16.71
N GLY G 14 -33.59 37.64 -16.96
CA GLY G 14 -33.58 39.08 -16.68
C GLY G 14 -32.93 39.47 -15.37
N ARG G 15 -33.38 38.85 -14.29
CA ARG G 15 -32.88 39.18 -12.93
C ARG G 15 -31.41 38.87 -12.84
N ASN G 16 -30.97 37.79 -13.49
CA ASN G 16 -29.56 37.42 -13.46
C ASN G 16 -28.71 38.41 -14.28
N LEU G 17 -29.32 38.93 -15.35
CA LEU G 17 -28.66 39.85 -16.27
C LEU G 17 -28.43 41.14 -15.56
N VAL G 18 -29.49 41.61 -14.92
CA VAL G 18 -29.39 42.85 -14.07
C VAL G 18 -28.23 42.66 -13.08
N LYS G 19 -28.21 41.55 -12.34
CA LYS G 19 -27.14 41.27 -11.35
C LYS G 19 -25.73 41.18 -11.98
N ALA G 20 -25.68 40.66 -13.20
CA ALA G 20 -24.41 40.47 -13.94
C ALA G 20 -23.86 41.79 -14.47
N ALA G 21 -24.72 42.57 -15.10
CA ALA G 21 -24.36 43.95 -15.57
C ALA G 21 -23.90 44.86 -14.40
N HIS G 22 -24.58 44.71 -13.26
CA HIS G 22 -24.19 45.41 -12.02
C HIS G 22 -22.75 45.06 -11.63
N HIS G 23 -22.38 43.79 -11.74
CA HIS G 23 -21.03 43.31 -11.29
C HIS G 23 -19.90 43.59 -12.28
N ASN G 24 -20.25 43.83 -13.53
CA ASN G 24 -19.27 44.12 -14.55
C ASN G 24 -18.91 45.59 -14.46
N PRO G 25 -17.60 45.91 -14.27
CA PRO G 25 -17.19 47.31 -14.05
C PRO G 25 -17.14 48.22 -15.32
N VAL G 26 -17.12 47.61 -16.49
CA VAL G 26 -17.23 48.34 -17.77
C VAL G 26 -18.69 48.55 -18.21
N ALA G 27 -19.63 47.96 -17.49
CA ALA G 27 -21.04 48.13 -17.82
C ALA G 27 -21.81 48.77 -16.74
N LYS G 28 -22.87 49.42 -17.16
CA LYS G 28 -23.78 49.92 -16.21
C LYS G 28 -25.24 49.53 -16.54
N VAL G 29 -25.99 49.23 -15.49
CA VAL G 29 -27.43 49.02 -15.60
C VAL G 29 -28.13 50.36 -15.77
N ALA G 30 -28.63 50.58 -16.97
CA ALA G 30 -29.20 51.90 -17.34
C ALA G 30 -30.73 51.91 -17.51
N ALA G 31 -31.31 50.76 -17.76
CA ALA G 31 -32.74 50.66 -18.15
C ALA G 31 -33.18 49.21 -18.09
N GLY G 32 -34.49 49.05 -18.09
CA GLY G 32 -35.09 47.74 -17.87
C GLY G 32 -36.56 47.75 -18.18
N SER G 33 -37.02 46.71 -18.87
CA SER G 33 -38.44 46.60 -19.20
C SER G 33 -39.13 45.43 -18.51
N GLU G 34 -40.45 45.51 -18.54
CA GLU G 34 -41.31 44.39 -18.30
C GLU G 34 -42.52 44.55 -19.17
N ARG G 35 -43.37 43.53 -19.17
CA ARG G 35 -44.62 43.55 -19.96
C ARG G 35 -45.48 44.69 -19.45
N PRO G 36 -46.14 45.44 -20.36
CA PRO G 36 -46.92 46.65 -19.91
C PRO G 36 -47.94 46.43 -18.81
N GLU G 37 -48.71 45.36 -18.95
CA GLU G 37 -49.66 44.91 -17.94
C GLU G 37 -49.04 44.63 -16.53
N SER G 38 -47.73 44.34 -16.48
CA SER G 38 -47.01 44.04 -15.20
C SER G 38 -46.99 45.21 -14.19
N SER G 39 -47.10 44.84 -12.92
CA SER G 39 -47.01 45.75 -11.78
C SER G 39 -45.59 46.06 -11.34
N LEU G 40 -44.63 45.31 -11.88
CA LEU G 40 -43.19 45.55 -11.58
C LEU G 40 -42.70 46.79 -12.32
N VAL G 41 -43.45 47.20 -13.36
CA VAL G 41 -43.34 48.56 -13.97
C VAL G 41 -43.44 49.65 -12.88
N GLY G 42 -42.37 50.44 -12.76
CA GLY G 42 -42.20 51.42 -11.69
C GLY G 42 -41.23 51.07 -10.56
N VAL G 43 -40.99 49.78 -10.35
CA VAL G 43 -40.08 49.31 -9.28
C VAL G 43 -38.62 49.59 -9.66
N ASP G 44 -37.80 49.85 -8.67
CA ASP G 44 -36.38 50.07 -8.91
C ASP G 44 -35.70 48.73 -9.25
N LEU G 45 -34.85 48.78 -10.26
CA LEU G 45 -34.10 47.57 -10.78
C LEU G 45 -33.16 46.86 -9.78
N GLY G 46 -32.49 47.64 -8.96
CA GLY G 46 -31.64 47.09 -7.89
C GLY G 46 -32.39 46.34 -6.80
N GLU G 47 -33.57 46.84 -6.45
CA GLU G 47 -34.44 46.15 -5.47
C GLU G 47 -34.97 44.80 -5.96
N LEU G 48 -35.22 44.72 -7.26
CA LEU G 48 -35.64 43.50 -7.95
C LEU G 48 -34.69 42.31 -7.77
N CYS G 49 -33.40 42.58 -7.94
CA CYS G 49 -32.37 41.52 -7.83
C CYS G 49 -31.72 41.45 -6.43
N GLY G 50 -32.33 42.15 -5.46
CA GLY G 50 -31.95 42.07 -4.04
C GLY G 50 -30.59 42.65 -3.71
N GLU G 51 -30.30 43.82 -4.25
CA GLU G 51 -28.96 44.42 -4.21
C GLU G 51 -28.94 45.94 -3.93
N GLY G 52 -30.01 46.45 -3.32
CA GLY G 52 -30.12 47.88 -2.97
C GLY G 52 -30.65 48.72 -4.11
N LYS G 53 -30.90 50.00 -3.87
CA LYS G 53 -31.44 50.92 -4.93
C LYS G 53 -30.38 51.43 -5.95
N PHE G 54 -30.79 51.45 -7.22
CA PHE G 54 -29.96 51.87 -8.37
C PHE G 54 -30.32 53.24 -8.93
N ASP G 55 -31.47 53.77 -8.55
CA ASP G 55 -32.04 55.04 -9.16
C ASP G 55 -32.43 54.83 -10.66
N VAL G 56 -32.80 53.59 -11.00
CA VAL G 56 -33.35 53.25 -12.31
C VAL G 56 -34.60 52.41 -12.08
N VAL G 57 -35.60 52.62 -12.90
CA VAL G 57 -36.84 51.88 -12.76
C VAL G 57 -37.18 51.01 -13.95
N VAL G 58 -38.03 50.02 -13.72
CA VAL G 58 -38.53 49.15 -14.75
C VAL G 58 -39.57 49.95 -15.55
N CYS G 59 -39.31 50.22 -16.84
CA CYS G 59 -40.33 50.89 -17.72
C CYS G 59 -41.13 49.82 -18.47
N ASP G 60 -42.27 50.20 -19.01
CA ASP G 60 -43.15 49.28 -19.75
C ASP G 60 -42.85 49.26 -21.22
N ASP G 61 -41.89 50.06 -21.60
CA ASP G 61 -41.50 50.21 -22.98
C ASP G 61 -40.12 50.87 -23.00
N LEU G 62 -39.14 50.13 -23.52
CA LEU G 62 -37.75 50.64 -23.65
C LEU G 62 -37.62 51.84 -24.59
N ALA G 63 -38.59 52.03 -25.46
CA ALA G 63 -38.71 53.29 -26.27
C ALA G 63 -38.64 54.57 -25.42
N LYS G 64 -39.33 54.55 -24.29
CA LYS G 64 -39.34 55.66 -23.29
C LYS G 64 -38.00 55.93 -22.60
N GLN G 65 -37.07 55.00 -22.62
CA GLN G 65 -35.76 55.22 -21.99
C GLN G 65 -34.59 55.17 -23.00
N ILE G 66 -34.89 55.39 -24.26
CA ILE G 66 -33.89 55.24 -25.30
C ILE G 66 -32.58 55.99 -25.10
N ASP G 67 -32.65 57.22 -24.55
CA ASP G 67 -31.44 58.10 -24.44
C ASP G 67 -30.52 57.65 -23.31
N GLN G 68 -31.00 56.75 -22.47
CA GLN G 68 -30.19 56.23 -21.36
C GLN G 68 -29.39 54.97 -21.64
N PHE G 69 -29.65 54.30 -22.76
CA PHE G 69 -28.93 53.02 -23.10
C PHE G 69 -28.28 52.95 -24.51
N ASP G 70 -27.18 52.20 -24.57
CA ASP G 70 -26.45 51.90 -25.83
C ASP G 70 -26.86 50.55 -26.40
N VAL G 71 -26.87 49.52 -25.55
CA VAL G 71 -27.21 48.17 -25.95
C VAL G 71 -28.29 47.47 -25.14
N ILE G 72 -29.24 46.84 -25.84
CA ILE G 72 -30.29 46.07 -25.21
C ILE G 72 -29.87 44.58 -25.09
N ILE G 73 -30.02 44.01 -23.88
CA ILE G 73 -29.88 42.57 -23.70
C ILE G 73 -31.27 41.95 -23.53
N ASP G 74 -31.61 41.03 -24.44
CA ASP G 74 -33.01 40.52 -24.64
C ASP G 74 -33.15 38.98 -24.59
N PHE G 75 -33.61 38.52 -23.43
CA PHE G 75 -33.92 37.16 -23.13
C PHE G 75 -35.39 37.14 -22.67
N THR G 76 -36.31 37.24 -23.61
CA THR G 76 -37.73 37.38 -23.28
C THR G 76 -38.57 36.44 -24.12
N ALA G 77 -39.22 36.96 -25.15
CA ALA G 77 -40.12 36.16 -26.02
C ALA G 77 -40.00 36.67 -27.44
N PRO G 78 -40.27 35.81 -28.44
CA PRO G 78 -40.03 36.20 -29.81
C PRO G 78 -40.61 37.54 -30.28
N ALA G 79 -41.88 37.79 -30.00
CA ALA G 79 -42.53 39.08 -30.46
C ALA G 79 -41.90 40.31 -29.81
N SER G 80 -41.64 40.18 -28.52
CA SER G 80 -41.01 41.27 -27.74
C SER G 80 -39.64 41.59 -28.33
N THR G 81 -38.89 40.54 -28.65
CA THR G 81 -37.51 40.70 -29.14
C THR G 81 -37.49 41.33 -30.50
N LEU G 82 -38.45 40.97 -31.34
CA LEU G 82 -38.59 41.62 -32.64
C LEU G 82 -38.90 43.12 -32.58
N ASN G 83 -39.74 43.50 -31.64
CA ASN G 83 -40.00 44.94 -31.33
C ASN G 83 -38.73 45.68 -30.90
N ASN G 84 -37.98 45.06 -30.00
CA ASN G 84 -36.75 45.66 -29.48
C ASN G 84 -35.69 45.82 -30.57
N LEU G 85 -35.72 44.92 -31.54
CA LEU G 85 -34.85 44.96 -32.73
C LEU G 85 -35.17 46.12 -33.62
N ALA G 86 -36.47 46.33 -33.81
CA ALA G 86 -37.03 47.47 -34.55
C ALA G 86 -36.67 48.82 -33.89
N LEU G 87 -36.69 48.84 -32.57
CA LEU G 87 -36.27 49.98 -31.76
C LEU G 87 -34.78 50.30 -31.99
N CYS G 88 -33.94 49.26 -32.02
CA CYS G 88 -32.50 49.41 -32.32
C CYS G 88 -32.22 50.07 -33.70
N GLN G 89 -32.98 49.62 -34.67
CA GLN G 89 -32.86 50.07 -36.05
C GLN G 89 -33.20 51.55 -36.15
N GLN G 90 -34.32 51.90 -35.56
CA GLN G 90 -34.85 53.28 -35.51
C GLN G 90 -33.98 54.31 -34.77
N TYR G 91 -33.36 53.91 -33.68
CA TYR G 91 -32.58 54.80 -32.83
C TYR G 91 -31.07 54.53 -32.77
N GLY G 92 -30.58 53.74 -33.71
CA GLY G 92 -29.15 53.38 -33.77
C GLY G 92 -28.56 52.71 -32.53
N LYS G 93 -29.30 51.74 -32.00
CA LYS G 93 -28.86 50.92 -30.84
C LYS G 93 -28.41 49.54 -31.29
N SER G 94 -27.68 48.89 -30.39
CA SER G 94 -27.24 47.50 -30.49
C SER G 94 -28.08 46.54 -29.59
N ILE G 95 -28.08 45.26 -29.96
CA ILE G 95 -28.85 44.25 -29.23
C ILE G 95 -28.10 42.93 -29.09
N VAL G 96 -28.17 42.35 -27.91
CA VAL G 96 -27.66 40.99 -27.62
C VAL G 96 -28.91 40.11 -27.38
N ILE G 97 -29.14 39.16 -28.27
CA ILE G 97 -30.35 38.37 -28.26
C ILE G 97 -30.04 37.00 -27.70
N GLY G 98 -30.76 36.63 -26.64
CA GLY G 98 -30.74 35.29 -26.06
C GLY G 98 -32.05 34.51 -26.24
N THR G 99 -33.15 35.21 -26.53
CA THR G 99 -34.47 34.63 -26.75
C THR G 99 -34.35 33.46 -27.73
N THR G 100 -35.09 32.41 -27.46
CA THR G 100 -35.19 31.26 -28.41
C THR G 100 -36.62 30.99 -28.79
N GLY G 101 -36.83 30.05 -29.70
CA GLY G 101 -38.18 29.71 -30.18
C GLY G 101 -38.75 30.55 -31.32
N PHE G 102 -37.87 31.17 -32.07
CA PHE G 102 -38.31 31.96 -33.24
C PHE G 102 -38.75 30.99 -34.33
N THR G 103 -39.72 31.43 -35.13
CA THR G 103 -40.11 30.71 -36.37
C THR G 103 -39.00 30.97 -37.42
N GLU G 104 -39.01 30.18 -38.50
CA GLU G 104 -38.08 30.41 -39.62
C GLU G 104 -38.23 31.84 -40.21
N GLU G 105 -39.48 32.26 -40.45
CA GLU G 105 -39.81 33.62 -40.98
C GLU G 105 -39.16 34.71 -40.11
N GLN G 106 -39.29 34.55 -38.80
CA GLN G 106 -38.70 35.49 -37.82
C GLN G 106 -37.17 35.50 -37.76
N ARG G 107 -36.54 34.34 -37.91
CA ARG G 107 -35.06 34.25 -38.00
C ARG G 107 -34.52 34.95 -39.27
N GLU G 108 -35.30 34.87 -40.34
CA GLU G 108 -34.99 35.58 -41.61
C GLU G 108 -35.07 37.13 -41.43
N GLN G 109 -36.08 37.60 -40.69
CA GLN G 109 -36.19 39.03 -40.27
C GLN G 109 -34.99 39.56 -39.43
N ILE G 110 -34.52 38.76 -38.49
CA ILE G 110 -33.35 39.11 -37.68
C ILE G 110 -32.09 39.27 -38.56
N ASP G 111 -31.89 38.32 -39.47
CA ASP G 111 -30.76 38.35 -40.44
C ASP G 111 -30.78 39.67 -41.24
N LEU G 112 -31.97 40.02 -41.72
CA LEU G 112 -32.22 41.29 -42.43
C LEU G 112 -31.89 42.55 -41.58
N VAL G 113 -32.50 42.64 -40.40
CA VAL G 113 -32.24 43.76 -39.52
C VAL G 113 -30.75 43.84 -39.09
N ALA G 114 -30.11 42.69 -38.96
CA ALA G 114 -28.64 42.63 -38.62
C ALA G 114 -27.67 43.17 -39.70
N GLN G 115 -28.19 43.42 -40.90
CA GLN G 115 -27.44 44.19 -41.94
C GLN G 115 -27.29 45.71 -41.60
N GLN G 116 -28.28 46.24 -40.89
CA GLN G 116 -28.28 47.64 -40.39
C GLN G 116 -27.90 47.90 -38.93
N VAL G 117 -28.07 46.89 -38.11
CA VAL G 117 -27.92 46.97 -36.64
C VAL G 117 -26.81 46.00 -36.17
N PRO G 118 -25.99 46.41 -35.17
CA PRO G 118 -25.08 45.42 -34.53
C PRO G 118 -25.86 44.48 -33.57
N VAL G 119 -25.83 43.21 -33.94
CA VAL G 119 -26.62 42.18 -33.33
C VAL G 119 -25.67 41.04 -32.92
N VAL G 120 -25.69 40.69 -31.64
CA VAL G 120 -25.15 39.45 -31.18
C VAL G 120 -26.33 38.52 -30.96
N MET G 121 -26.29 37.38 -31.63
CA MET G 121 -27.29 36.34 -31.40
C MET G 121 -26.58 34.97 -31.28
N ALA G 122 -26.80 34.40 -30.12
CA ALA G 122 -26.31 33.09 -29.80
C ALA G 122 -27.46 32.35 -29.06
N PRO G 123 -27.57 31.07 -29.30
CA PRO G 123 -28.54 30.28 -28.45
C PRO G 123 -28.05 29.95 -27.03
N ASN G 124 -26.75 30.22 -26.81
CA ASN G 124 -26.10 29.98 -25.54
C ASN G 124 -24.96 30.91 -25.34
N TYR G 125 -24.95 31.53 -24.16
CA TYR G 125 -23.93 32.51 -23.86
C TYR G 125 -22.77 31.96 -23.01
N SER G 126 -22.72 30.65 -22.82
CA SER G 126 -21.71 30.05 -21.95
C SER G 126 -20.46 29.78 -22.73
N VAL G 127 -19.35 29.84 -22.04
CA VAL G 127 -18.09 29.51 -22.64
C VAL G 127 -18.05 28.02 -23.10
N GLY G 128 -18.49 27.10 -22.23
CA GLY G 128 -18.47 25.64 -22.46
C GLY G 128 -19.29 25.25 -23.65
N VAL G 129 -20.50 25.76 -23.79
CA VAL G 129 -21.31 25.46 -25.05
C VAL G 129 -20.63 25.95 -26.36
N ASN G 130 -20.02 27.12 -26.31
CA ASN G 130 -19.38 27.66 -27.49
C ASN G 130 -18.10 26.90 -27.80
N LEU G 131 -17.35 26.52 -26.77
CA LEU G 131 -16.24 25.57 -26.95
C LEU G 131 -16.83 24.28 -27.61
N VAL G 132 -17.93 23.81 -27.05
CA VAL G 132 -18.58 22.60 -27.58
C VAL G 132 -18.97 22.74 -29.08
N PHE G 133 -19.55 23.87 -29.49
CA PHE G 133 -19.85 24.09 -30.91
C PHE G 133 -18.60 23.86 -31.84
N LYS G 134 -17.44 24.32 -31.40
CA LYS G 134 -16.15 24.09 -32.11
C LYS G 134 -15.72 22.61 -32.12
N LEU G 135 -15.89 21.93 -31.00
CA LEU G 135 -15.53 20.54 -30.88
C LEU G 135 -16.42 19.65 -31.82
N LEU G 136 -17.71 20.03 -31.88
CA LEU G 136 -18.71 19.40 -32.75
C LEU G 136 -18.33 19.49 -34.23
N GLU G 137 -17.83 20.62 -34.64
CA GLU G 137 -17.32 20.81 -36.00
C GLU G 137 -16.22 19.86 -36.33
N LYS G 138 -15.27 19.74 -35.41
CA LYS G 138 -14.13 18.81 -35.58
C LYS G 138 -14.60 17.35 -35.64
N ALA G 139 -15.44 16.96 -34.71
CA ALA G 139 -16.04 15.64 -34.67
C ALA G 139 -16.85 15.39 -35.95
N ALA G 140 -17.57 16.38 -36.43
CA ALA G 140 -18.39 16.22 -37.64
C ALA G 140 -17.56 15.95 -38.89
N LYS G 141 -16.42 16.60 -39.01
CA LYS G 141 -15.54 16.41 -40.16
C LYS G 141 -14.96 15.02 -40.20
N VAL G 142 -14.56 14.54 -39.06
CA VAL G 142 -13.89 13.25 -38.94
C VAL G 142 -14.90 12.07 -39.02
N MET G 143 -15.99 12.13 -38.25
CA MET G 143 -16.92 11.02 -38.06
C MET G 143 -18.29 11.24 -38.65
N GLY G 144 -18.66 12.45 -38.97
CA GLY G 144 -20.02 12.74 -39.42
C GLY G 144 -20.58 12.01 -40.62
N ASP G 145 -19.72 11.81 -41.61
CA ASP G 145 -20.05 11.10 -42.88
C ASP G 145 -20.50 9.65 -42.72
N TYR G 146 -19.91 8.97 -41.77
CA TYR G 146 -20.25 7.59 -41.51
C TYR G 146 -20.91 7.22 -40.16
N CYS G 147 -21.21 8.21 -39.34
CA CYS G 147 -21.89 8.05 -38.08
C CYS G 147 -23.33 8.55 -38.05
N ASP G 148 -24.13 7.96 -37.18
CA ASP G 148 -25.42 8.51 -36.85
C ASP G 148 -25.22 9.53 -35.76
N ILE G 149 -25.82 10.70 -36.05
CA ILE G 149 -25.74 11.93 -35.26
C ILE G 149 -27.07 12.20 -34.53
N GLU G 150 -27.04 12.06 -33.21
CA GLU G 150 -28.20 12.32 -32.37
C GLU G 150 -27.90 13.45 -31.33
N ILE G 151 -28.88 14.32 -31.15
CA ILE G 151 -28.81 15.38 -30.17
C ILE G 151 -29.87 15.20 -29.13
N VAL G 152 -29.43 15.08 -27.89
CA VAL G 152 -30.38 14.97 -26.77
C VAL G 152 -30.20 16.14 -25.77
N GLU G 153 -31.31 16.73 -25.36
CA GLU G 153 -31.27 17.90 -24.40
C GLU G 153 -32.34 17.83 -23.32
N ALA G 154 -31.92 18.22 -22.11
CA ALA G 154 -32.82 18.25 -20.96
C ALA G 154 -32.91 19.69 -20.45
N HIS G 155 -34.13 20.12 -20.21
CA HIS G 155 -34.38 21.41 -19.51
C HIS G 155 -35.49 21.33 -18.49
N HIS G 156 -35.44 22.27 -17.56
CA HIS G 156 -36.51 22.47 -16.59
C HIS G 156 -37.94 22.49 -17.16
N ARG G 157 -38.90 22.25 -16.31
CA ARG G 157 -40.30 22.16 -16.72
C ARG G 157 -41.01 23.37 -17.29
N HIS G 158 -40.42 24.55 -17.08
CA HIS G 158 -41.02 25.84 -17.47
C HIS G 158 -40.67 26.18 -18.90
N LYS G 159 -39.64 25.58 -19.45
CA LYS G 159 -39.23 25.92 -20.81
C LYS G 159 -40.38 25.64 -21.76
N VAL G 160 -40.72 26.62 -22.56
CA VAL G 160 -41.94 26.52 -23.46
C VAL G 160 -41.65 26.00 -24.89
N ASP G 161 -40.38 26.04 -25.30
CA ASP G 161 -39.99 25.73 -26.65
C ASP G 161 -39.13 24.44 -26.66
N ALA G 162 -39.39 23.62 -27.69
CA ALA G 162 -38.62 22.35 -27.97
C ALA G 162 -38.33 22.14 -29.41
N PRO G 163 -37.13 21.69 -29.71
CA PRO G 163 -36.05 21.55 -28.74
C PRO G 163 -35.44 22.89 -28.43
N SER G 164 -34.49 22.84 -27.52
CA SER G 164 -33.69 24.02 -27.13
C SER G 164 -33.02 24.67 -28.30
N GLY G 165 -32.88 25.95 -28.21
CA GLY G 165 -32.11 26.72 -29.18
C GLY G 165 -30.65 26.31 -29.20
N THR G 166 -30.11 25.91 -28.04
CA THR G 166 -28.74 25.39 -27.95
C THR G 166 -28.65 24.05 -28.75
N ALA G 167 -29.67 23.21 -28.67
CA ALA G 167 -29.68 21.92 -29.44
C ALA G 167 -29.69 22.19 -30.94
N ILE G 168 -30.59 23.10 -31.35
CA ILE G 168 -30.60 23.57 -32.72
C ILE G 168 -29.27 24.16 -33.09
N GLY G 169 -28.64 24.93 -32.20
CA GLY G 169 -27.28 25.45 -32.47
C GLY G 169 -26.17 24.44 -32.66
N MET G 170 -26.30 23.32 -31.95
CA MET G 170 -25.39 22.17 -32.12
C MET G 170 -25.59 21.45 -33.50
N GLY G 171 -26.86 21.27 -33.88
CA GLY G 171 -27.29 20.78 -35.20
C GLY G 171 -26.76 21.60 -36.38
N GLU G 172 -26.85 22.92 -36.25
CA GLU G 172 -26.32 23.85 -37.23
C GLU G 172 -24.78 23.81 -37.37
N ALA G 173 -24.07 23.85 -36.25
CA ALA G 173 -22.62 23.66 -36.26
C ALA G 173 -22.22 22.34 -37.00
N ILE G 174 -22.89 21.23 -36.66
CA ILE G 174 -22.61 19.96 -37.24
C ILE G 174 -22.97 20.00 -38.77
N ALA G 175 -24.22 20.34 -39.10
CA ALA G 175 -24.70 20.37 -40.50
C ALA G 175 -23.84 21.24 -41.42
N GLY G 176 -23.57 22.44 -40.92
CA GLY G 176 -22.67 23.44 -41.59
C GLY G 176 -21.25 22.92 -41.81
N ALA G 177 -20.65 22.26 -40.82
CA ALA G 177 -19.31 21.65 -41.00
C ALA G 177 -19.27 20.51 -42.08
N MET G 178 -20.42 19.89 -42.30
CA MET G 178 -20.62 18.82 -43.28
C MET G 178 -21.22 19.34 -44.60
N GLY G 179 -21.25 20.66 -44.79
CA GLY G 179 -21.80 21.29 -46.02
C GLY G 179 -23.29 21.07 -46.22
N ASN G 180 -24.03 20.88 -45.14
CA ASN G 180 -25.49 20.73 -45.19
C ASN G 180 -26.24 21.82 -44.44
N LYS G 181 -27.53 21.85 -44.73
CA LYS G 181 -28.49 22.74 -44.04
C LYS G 181 -29.26 21.86 -43.03
N LEU G 182 -29.25 22.27 -41.77
CA LEU G 182 -30.01 21.54 -40.71
C LEU G 182 -31.49 21.20 -41.00
N SER G 183 -32.22 22.14 -41.59
CA SER G 183 -33.64 21.93 -41.90
C SER G 183 -33.89 20.81 -42.88
N ASP G 184 -32.97 20.57 -43.79
CA ASP G 184 -32.99 19.39 -44.65
C ASP G 184 -32.93 18.03 -43.88
N VAL G 185 -32.09 17.94 -42.87
CA VAL G 185 -31.72 16.68 -42.24
C VAL G 185 -32.37 16.42 -40.91
N ALA G 186 -32.90 17.45 -40.28
CA ALA G 186 -33.37 17.35 -38.87
C ALA G 186 -34.67 16.54 -38.75
N VAL G 187 -34.69 15.72 -37.71
CA VAL G 187 -35.88 14.97 -37.30
C VAL G 187 -36.17 15.28 -35.79
N TYR G 188 -37.32 15.84 -35.53
CA TYR G 188 -37.64 16.39 -34.18
C TYR G 188 -38.53 15.50 -33.35
N ALA G 189 -39.24 14.59 -34.02
CA ALA G 189 -40.20 13.71 -33.34
C ALA G 189 -40.16 12.34 -33.95
N ARG G 190 -40.27 11.33 -33.11
CA ARG G 190 -40.26 9.98 -33.56
C ARG G 190 -41.39 9.31 -32.82
N GLU G 191 -42.47 9.04 -33.54
CA GLU G 191 -43.59 8.35 -32.94
C GLU G 191 -44.17 7.32 -33.88
N GLY G 192 -44.42 6.13 -33.35
CA GLY G 192 -45.01 5.01 -34.16
C GLY G 192 -43.99 4.33 -35.07
N ILE G 193 -44.41 4.01 -36.29
CA ILE G 193 -43.59 3.26 -37.23
C ILE G 193 -42.83 4.24 -38.05
N THR G 194 -41.56 4.41 -37.73
CA THR G 194 -40.71 5.43 -38.40
C THR G 194 -39.87 4.87 -39.51
N GLY G 195 -39.81 3.54 -39.57
CA GLY G 195 -38.99 2.85 -40.55
C GLY G 195 -37.56 2.86 -40.11
N GLU G 196 -36.72 2.42 -41.03
CA GLU G 196 -35.29 2.41 -40.89
C GLU G 196 -34.74 3.81 -40.85
N ARG G 197 -33.81 4.08 -39.92
CA ARG G 197 -33.27 5.44 -39.79
C ARG G 197 -32.57 5.81 -41.13
N THR G 198 -32.78 7.03 -41.64
CA THR G 198 -32.01 7.48 -42.78
C THR G 198 -30.55 7.75 -42.32
N LYS G 199 -29.65 7.87 -43.27
CA LYS G 199 -28.21 8.07 -42.95
C LYS G 199 -27.88 9.45 -42.48
N ASP G 200 -28.49 10.43 -43.13
CA ASP G 200 -28.13 11.85 -42.99
C ASP G 200 -28.92 12.60 -41.93
N GLU G 201 -30.06 12.04 -41.47
CA GLU G 201 -30.87 12.66 -40.42
C GLU G 201 -30.10 12.87 -39.12
N ILE G 202 -30.44 14.02 -38.52
CA ILE G 202 -29.96 14.39 -37.21
C ILE G 202 -31.18 14.42 -36.33
N GLY G 203 -31.17 13.53 -35.35
CA GLY G 203 -32.33 13.27 -34.48
C GLY G 203 -32.23 14.06 -33.18
N PHE G 204 -33.38 14.57 -32.78
CA PHE G 204 -33.50 15.42 -31.61
C PHE G 204 -34.42 14.79 -30.57
N ALA G 205 -33.88 14.60 -29.39
CA ALA G 205 -34.62 14.10 -28.24
C ALA G 205 -34.69 15.12 -27.11
N THR G 206 -35.90 15.38 -26.64
CA THR G 206 -36.16 16.51 -25.72
C THR G 206 -36.78 16.09 -24.39
N ILE G 207 -36.06 16.37 -23.30
CA ILE G 207 -36.52 16.06 -21.93
C ILE G 207 -36.91 17.36 -21.22
N ARG G 208 -38.06 17.32 -20.57
CA ARG G 208 -38.59 18.45 -19.78
C ARG G 208 -38.90 17.99 -18.38
N ALA G 209 -38.17 18.52 -17.42
CA ALA G 209 -38.27 18.03 -16.02
C ALA G 209 -37.61 18.93 -14.99
N GLY G 210 -38.27 18.98 -13.87
CA GLY G 210 -37.75 19.64 -12.64
C GLY G 210 -37.26 21.05 -12.92
N ASP G 211 -36.08 21.31 -12.40
CA ASP G 211 -35.45 22.62 -12.40
C ASP G 211 -34.17 22.61 -13.17
N ILE G 212 -34.08 21.69 -14.12
CA ILE G 212 -32.83 21.49 -14.84
C ILE G 212 -32.48 22.80 -15.56
N VAL G 213 -31.33 23.34 -15.16
CA VAL G 213 -30.78 24.55 -15.80
C VAL G 213 -30.44 24.25 -17.27
N GLY G 214 -29.83 23.13 -17.60
CA GLY G 214 -29.58 22.83 -19.04
C GLY G 214 -28.51 21.77 -19.28
N GLU G 215 -28.97 20.64 -19.81
CA GLU G 215 -28.08 19.59 -20.30
C GLU G 215 -28.21 19.35 -21.83
N HIS G 216 -27.05 19.31 -22.48
CA HIS G 216 -26.93 18.90 -23.87
C HIS G 216 -25.90 17.81 -24.16
N THR G 217 -26.27 16.88 -25.04
CA THR G 217 -25.40 15.84 -25.47
C THR G 217 -25.57 15.70 -26.97
N ALA G 218 -24.46 15.82 -27.68
CA ALA G 218 -24.36 15.39 -29.08
C ALA G 218 -23.62 14.07 -29.15
N MET G 219 -24.28 13.16 -29.83
CA MET G 219 -23.81 11.73 -30.00
C MET G 219 -23.43 11.42 -31.45
N PHE G 220 -22.20 10.96 -31.60
CA PHE G 220 -21.73 10.39 -32.90
C PHE G 220 -21.62 8.89 -32.74
N ALA G 221 -22.52 8.19 -33.43
CA ALA G 221 -22.63 6.72 -33.24
C ALA G 221 -22.34 5.89 -34.50
N ASP G 222 -21.33 5.07 -34.35
CA ASP G 222 -20.86 4.20 -35.38
C ASP G 222 -21.16 2.79 -34.89
N ILE G 223 -21.16 1.82 -35.77
CA ILE G 223 -21.26 0.44 -35.32
C ILE G 223 -19.95 0.17 -34.55
N GLY G 224 -20.03 -0.28 -33.34
CA GLY G 224 -18.81 -0.58 -32.57
C GLY G 224 -18.38 0.49 -31.56
N GLU G 225 -18.82 1.70 -31.77
CA GLU G 225 -18.38 2.80 -30.91
C GLU G 225 -19.27 4.05 -30.99
N ARG G 226 -19.25 4.79 -29.90
CA ARG G 226 -19.76 6.16 -29.98
C ARG G 226 -19.06 7.20 -29.12
N VAL G 227 -19.10 8.39 -29.69
CA VAL G 227 -18.50 9.56 -29.14
C VAL G 227 -19.64 10.47 -28.68
N GLU G 228 -19.61 10.77 -27.41
CA GLU G 228 -20.57 11.66 -26.81
C GLU G 228 -19.95 12.92 -26.23
N ILE G 229 -20.42 14.05 -26.72
CA ILE G 229 -19.95 15.36 -26.24
C ILE G 229 -21.08 16.02 -25.50
N THR G 230 -20.84 16.22 -24.21
CA THR G 230 -21.85 16.73 -23.31
C THR G 230 -21.51 18.12 -22.61
N HIS G 231 -22.48 19.03 -22.61
CA HIS G 231 -22.45 20.23 -21.76
C HIS G 231 -23.55 20.21 -20.66
N LYS G 232 -23.12 20.56 -19.44
CA LYS G 232 -24.02 20.77 -18.33
C LYS G 232 -23.92 22.18 -17.74
N ALA G 233 -25.07 22.86 -17.73
CA ALA G 233 -25.21 24.17 -17.10
C ALA G 233 -25.84 24.09 -15.71
N THR G 234 -25.20 24.70 -14.73
CA THR G 234 -25.52 24.60 -13.28
C THR G 234 -26.14 25.85 -12.73
N ASP G 235 -25.87 26.97 -13.37
CA ASP G 235 -26.25 28.33 -12.83
C ASP G 235 -26.53 29.33 -13.98
N ARG G 236 -27.67 30.05 -13.95
CA ARG G 236 -27.96 30.98 -15.03
C ARG G 236 -26.93 32.09 -15.15
N MET G 237 -26.18 32.33 -14.07
CA MET G 237 -25.09 33.34 -14.10
C MET G 237 -24.04 33.03 -15.16
N THR G 238 -23.81 31.76 -15.44
CA THR G 238 -22.99 31.42 -16.59
C THR G 238 -23.52 32.11 -17.86
N PHE G 239 -24.82 31.97 -18.15
CA PHE G 239 -25.39 32.68 -19.30
C PHE G 239 -25.26 34.22 -19.19
N ALA G 240 -25.65 34.76 -18.03
CA ALA G 240 -25.81 36.16 -17.92
C ALA G 240 -24.47 36.87 -18.08
N ASN G 241 -23.44 36.36 -17.41
CA ASN G 241 -22.07 36.98 -17.48
C ASN G 241 -21.61 36.98 -18.90
N GLY G 242 -21.92 35.91 -19.61
CA GLY G 242 -21.54 35.83 -21.03
C GLY G 242 -22.27 36.80 -21.94
N ALA G 243 -23.58 36.92 -21.77
CA ALA G 243 -24.40 37.93 -22.45
C ALA G 243 -23.94 39.41 -22.19
N VAL G 244 -23.53 39.69 -20.96
CA VAL G 244 -23.04 41.00 -20.62
C VAL G 244 -21.67 41.30 -21.28
N LYS G 245 -20.79 40.33 -21.12
CA LYS G 245 -19.56 40.32 -21.88
C LYS G 245 -19.79 40.54 -23.38
N ALA G 246 -20.80 39.90 -23.93
CA ALA G 246 -21.15 40.15 -25.35
C ALA G 246 -21.60 41.56 -25.62
N ALA G 247 -22.41 42.09 -24.70
CA ALA G 247 -22.89 43.51 -24.82
C ALA G 247 -21.71 44.54 -24.83
N VAL G 248 -20.79 44.34 -23.91
CA VAL G 248 -19.59 45.13 -23.83
C VAL G 248 -18.82 45.12 -25.17
N TRP G 249 -18.51 43.91 -25.61
CA TRP G 249 -17.87 43.67 -26.90
C TRP G 249 -18.64 44.28 -28.09
N LEU G 250 -19.96 44.22 -28.06
CA LEU G 250 -20.79 44.71 -29.19
C LEU G 250 -20.79 46.23 -29.32
N HIS G 251 -20.48 46.89 -28.22
CA HIS G 251 -20.50 48.34 -28.17
C HIS G 251 -19.60 48.99 -29.22
N GLU G 252 -18.39 48.47 -29.32
CA GLU G 252 -17.42 48.95 -30.29
C GLU G 252 -17.81 48.76 -31.79
N LYS G 253 -18.72 47.83 -32.08
CA LYS G 253 -18.83 47.25 -33.41
C LYS G 253 -19.85 47.91 -34.38
N PRO G 254 -19.61 47.75 -35.68
CA PRO G 254 -20.56 48.09 -36.72
C PRO G 254 -21.65 47.06 -36.89
N ALA G 255 -22.55 47.38 -37.80
CA ALA G 255 -23.63 46.45 -38.18
C ALA G 255 -23.11 45.05 -38.58
N GLY G 256 -23.95 44.06 -38.33
CA GLY G 256 -23.62 42.65 -38.55
C GLY G 256 -24.30 41.69 -37.59
N PHE G 257 -24.34 40.44 -38.04
CA PHE G 257 -24.80 39.32 -37.26
C PHE G 257 -23.58 38.71 -36.59
N TYR G 258 -23.45 38.79 -35.28
CA TYR G 258 -22.32 38.18 -34.57
C TYR G 258 -22.84 37.06 -33.65
N THR G 259 -21.91 36.19 -33.26
CA THR G 259 -22.22 35.07 -32.32
C THR G 259 -21.23 35.13 -31.16
N MET G 260 -21.43 34.27 -30.18
CA MET G 260 -20.47 34.13 -29.06
C MET G 260 -19.11 33.60 -29.43
N THR G 261 -19.08 32.94 -30.57
CA THR G 261 -17.83 32.48 -31.18
C THR G 261 -17.00 33.70 -31.48
N ASP G 262 -17.66 34.67 -32.12
CA ASP G 262 -17.03 35.96 -32.46
C ASP G 262 -16.58 36.68 -31.21
N VAL G 263 -17.46 36.76 -30.21
CA VAL G 263 -17.17 37.51 -28.95
C VAL G 263 -15.96 36.95 -28.17
N LEU G 264 -15.94 35.63 -28.06
CA LEU G 264 -14.89 34.88 -27.34
C LEU G 264 -13.60 34.59 -28.12
N GLY G 265 -13.58 34.94 -29.41
CA GLY G 265 -12.43 34.72 -30.30
C GLY G 265 -12.11 33.22 -30.53
N LEU G 266 -13.16 32.43 -30.76
CA LEU G 266 -13.07 30.98 -30.87
C LEU G 266 -13.16 30.46 -32.31
N ASN G 267 -13.24 31.34 -33.30
CA ASN G 267 -13.43 30.91 -34.72
C ASN G 267 -12.33 30.06 -35.29
N ASP G 268 -11.11 30.30 -34.81
CA ASP G 268 -9.92 29.56 -35.25
C ASP G 268 -9.44 28.55 -34.15
N LEU G 269 -10.40 27.86 -33.49
CA LEU G 269 -10.18 26.76 -32.46
C LEU G 269 -10.38 27.08 -30.96
N MET H 1 -38.96 -32.35 -22.70
CA MET H 1 -38.44 -31.86 -24.03
C MET H 1 -39.43 -30.96 -24.77
N VAL H 2 -39.05 -29.70 -24.96
CA VAL H 2 -39.91 -28.67 -25.56
C VAL H 2 -39.45 -28.35 -26.96
N ARG H 3 -40.38 -28.47 -27.89
CA ARG H 3 -40.09 -28.40 -29.32
C ARG H 3 -40.48 -27.03 -29.77
N ILE H 4 -39.49 -26.31 -30.23
CA ILE H 4 -39.64 -24.89 -30.48
C ILE H 4 -39.63 -24.62 -31.95
N ALA H 5 -40.60 -23.81 -32.35
CA ALA H 5 -40.62 -23.17 -33.66
C ALA H 5 -40.16 -21.69 -33.53
N VAL H 6 -39.12 -21.33 -34.27
CA VAL H 6 -38.67 -19.94 -34.34
C VAL H 6 -39.27 -19.24 -35.55
N ALA H 7 -40.18 -18.33 -35.29
CA ALA H 7 -40.71 -17.47 -36.36
C ALA H 7 -39.63 -16.49 -36.86
N GLY H 8 -39.68 -16.12 -38.13
CA GLY H 8 -38.60 -15.33 -38.79
C GLY H 8 -37.17 -15.67 -38.35
N ALA H 9 -36.75 -16.90 -38.64
CA ALA H 9 -35.48 -17.40 -38.13
C ALA H 9 -34.24 -16.70 -38.73
N ALA H 10 -34.40 -16.02 -39.84
CA ALA H 10 -33.29 -15.25 -40.43
C ALA H 10 -33.02 -13.88 -39.79
N GLY H 11 -34.00 -13.32 -39.08
CA GLY H 11 -33.88 -11.98 -38.44
C GLY H 11 -32.79 -11.86 -37.37
N ARG H 12 -32.56 -10.64 -36.88
CA ARG H 12 -31.47 -10.40 -35.93
C ARG H 12 -31.75 -11.30 -34.73
N MET H 13 -32.98 -11.20 -34.23
CA MET H 13 -33.45 -12.01 -33.06
C MET H 13 -33.62 -13.45 -33.40
N GLY H 14 -34.32 -13.70 -34.50
CA GLY H 14 -34.49 -15.09 -35.04
C GLY H 14 -33.25 -15.97 -35.03
N ARG H 15 -32.17 -15.49 -35.60
CA ARG H 15 -30.91 -16.24 -35.62
C ARG H 15 -30.38 -16.50 -34.22
N ASN H 16 -30.53 -15.53 -33.33
CA ASN H 16 -30.06 -15.69 -31.95
C ASN H 16 -30.93 -16.65 -31.19
N LEU H 17 -32.22 -16.64 -31.52
CA LEU H 17 -33.20 -17.55 -30.90
C LEU H 17 -32.86 -18.99 -31.29
N VAL H 18 -32.61 -19.18 -32.59
CA VAL H 18 -32.19 -20.48 -33.09
C VAL H 18 -30.96 -20.96 -32.28
N LYS H 19 -29.93 -20.14 -32.22
CA LYS H 19 -28.69 -20.48 -31.49
C LYS H 19 -28.95 -20.77 -29.99
N ALA H 20 -29.91 -20.03 -29.42
CA ALA H 20 -30.25 -20.13 -27.97
C ALA H 20 -31.03 -21.41 -27.67
N ALA H 21 -32.05 -21.70 -28.48
CA ALA H 21 -32.81 -22.97 -28.39
C ALA H 21 -31.89 -24.18 -28.58
N HIS H 22 -30.93 -24.03 -29.47
CA HIS H 22 -29.91 -25.08 -29.74
C HIS H 22 -29.10 -25.36 -28.51
N HIS H 23 -28.71 -24.32 -27.80
CA HIS H 23 -27.88 -24.47 -26.60
C HIS H 23 -28.62 -24.89 -25.33
N ASN H 24 -29.93 -24.70 -25.30
CA ASN H 24 -30.73 -25.10 -24.14
C ASN H 24 -31.02 -26.59 -24.28
N PRO H 25 -30.58 -27.39 -23.29
CA PRO H 25 -30.77 -28.86 -23.34
C PRO H 25 -32.18 -29.41 -23.13
N VAL H 26 -33.06 -28.63 -22.53
CA VAL H 26 -34.49 -28.99 -22.38
C VAL H 26 -35.29 -28.66 -23.65
N ALA H 27 -34.65 -27.98 -24.60
CA ALA H 27 -35.33 -27.62 -25.84
C ALA H 27 -34.58 -28.11 -27.07
N LYS H 28 -35.33 -28.32 -28.14
CA LYS H 28 -34.69 -28.48 -29.43
C LYS H 28 -35.42 -27.73 -30.51
N VAL H 29 -34.62 -27.32 -31.45
CA VAL H 29 -35.09 -26.54 -32.55
C VAL H 29 -35.87 -27.49 -33.44
N ALA H 30 -37.14 -27.26 -33.56
CA ALA H 30 -38.00 -28.16 -34.34
C ALA H 30 -38.50 -27.60 -35.66
N ALA H 31 -38.53 -26.29 -35.79
CA ALA H 31 -39.17 -25.63 -36.94
C ALA H 31 -38.75 -24.18 -36.98
N GLY H 32 -39.01 -23.55 -38.11
CA GLY H 32 -38.56 -22.17 -38.37
C GLY H 32 -39.24 -21.61 -39.60
N SER H 33 -39.69 -20.36 -39.51
CA SER H 33 -40.26 -19.68 -40.66
C SER H 33 -39.43 -18.48 -41.17
N GLU H 34 -39.77 -18.10 -42.38
CA GLU H 34 -39.37 -16.84 -42.97
C GLU H 34 -40.48 -16.41 -43.88
N ARG H 35 -40.37 -15.20 -44.36
CA ARG H 35 -41.38 -14.64 -45.22
C ARG H 35 -41.45 -15.52 -46.47
N PRO H 36 -42.64 -15.81 -46.98
CA PRO H 36 -42.77 -16.65 -48.17
C PRO H 36 -41.87 -16.32 -49.39
N GLU H 37 -41.84 -15.04 -49.75
CA GLU H 37 -40.97 -14.57 -50.89
C GLU H 37 -39.45 -14.91 -50.68
N SER H 38 -39.03 -15.10 -49.42
CA SER H 38 -37.61 -15.29 -49.07
C SER H 38 -37.02 -16.53 -49.65
N SER H 39 -35.77 -16.42 -50.02
CA SER H 39 -34.98 -17.51 -50.56
C SER H 39 -34.34 -18.39 -49.51
N LEU H 40 -34.39 -17.93 -48.27
CA LEU H 40 -33.89 -18.72 -47.13
C LEU H 40 -34.85 -19.88 -46.84
N VAL H 41 -36.11 -19.77 -47.28
CA VAL H 41 -37.06 -20.89 -47.32
C VAL H 41 -36.40 -22.09 -48.05
N GLY H 42 -36.30 -23.21 -47.35
CA GLY H 42 -35.58 -24.40 -47.81
C GLY H 42 -34.23 -24.65 -47.18
N VAL H 43 -33.60 -23.60 -46.65
CA VAL H 43 -32.25 -23.70 -46.03
C VAL H 43 -32.35 -24.39 -44.67
N ASP H 44 -31.32 -25.16 -44.32
CA ASP H 44 -31.27 -25.82 -43.00
C ASP H 44 -31.00 -24.78 -41.89
N LEU H 45 -31.77 -24.88 -40.80
CA LEU H 45 -31.73 -23.91 -39.68
C LEU H 45 -30.38 -23.81 -39.01
N GLY H 46 -29.71 -24.95 -38.88
CA GLY H 46 -28.36 -24.99 -38.26
C GLY H 46 -27.30 -24.27 -39.07
N GLU H 47 -27.40 -24.37 -40.39
CA GLU H 47 -26.50 -23.67 -41.31
C GLU H 47 -26.65 -22.16 -41.25
N LEU H 48 -27.89 -21.72 -41.06
CA LEU H 48 -28.24 -20.30 -40.88
C LEU H 48 -27.48 -19.60 -39.76
N CYS H 49 -27.42 -20.24 -38.60
CA CYS H 49 -26.76 -19.65 -37.41
C CYS H 49 -25.28 -20.12 -37.25
N GLY H 50 -24.75 -20.76 -38.30
CA GLY H 50 -23.33 -21.12 -38.39
C GLY H 50 -22.90 -22.18 -37.39
N GLU H 51 -23.71 -23.23 -37.27
CA GLU H 51 -23.52 -24.28 -36.23
C GLU H 51 -23.72 -25.73 -36.71
N GLY H 52 -23.55 -25.96 -38.02
CA GLY H 52 -23.70 -27.31 -38.62
C GLY H 52 -25.14 -27.65 -38.95
N LYS H 53 -25.36 -28.77 -39.62
CA LYS H 53 -26.71 -29.16 -40.06
C LYS H 53 -27.56 -29.82 -38.96
N PHE H 54 -28.83 -29.45 -38.92
CA PHE H 54 -29.81 -29.96 -37.94
C PHE H 54 -30.89 -30.89 -38.47
N ASP H 55 -30.99 -31.02 -39.79
CA ASP H 55 -32.08 -31.78 -40.45
C ASP H 55 -33.48 -31.14 -40.26
N VAL H 56 -33.48 -29.81 -40.12
CA VAL H 56 -34.72 -29.03 -40.09
C VAL H 56 -34.53 -27.89 -41.07
N VAL H 57 -35.60 -27.53 -41.76
CA VAL H 57 -35.51 -26.43 -42.73
C VAL H 57 -36.45 -25.30 -42.42
N VAL H 58 -36.10 -24.16 -43.00
CA VAL H 58 -36.92 -22.96 -42.85
C VAL H 58 -38.13 -23.20 -43.76
N CYS H 59 -39.33 -23.26 -43.21
CA CYS H 59 -40.53 -23.29 -44.03
C CYS H 59 -41.07 -21.86 -44.26
N ASP H 60 -41.94 -21.69 -45.23
CA ASP H 60 -42.58 -20.40 -45.53
C ASP H 60 -43.88 -20.15 -44.79
N ASP H 61 -44.25 -21.14 -44.01
CA ASP H 61 -45.50 -21.11 -43.26
C ASP H 61 -45.40 -22.19 -42.16
N LEU H 62 -45.40 -21.73 -40.91
CA LEU H 62 -45.37 -22.64 -39.75
C LEU H 62 -46.58 -23.60 -39.70
N ALA H 63 -47.69 -23.23 -40.34
CA ALA H 63 -48.87 -24.14 -40.53
C ALA H 63 -48.47 -25.54 -41.07
N LYS H 64 -47.56 -25.53 -42.04
CA LYS H 64 -47.02 -26.76 -42.65
C LYS H 64 -46.13 -27.63 -41.71
N GLN H 65 -45.64 -27.10 -40.60
CA GLN H 65 -44.83 -27.90 -39.68
C GLN H 65 -45.48 -28.08 -38.33
N ILE H 66 -46.78 -27.87 -38.27
CA ILE H 66 -47.51 -27.82 -36.98
C ILE H 66 -47.33 -29.01 -36.01
N ASP H 67 -47.20 -30.23 -36.56
CA ASP H 67 -47.07 -31.42 -35.72
C ASP H 67 -45.68 -31.62 -35.16
N GLN H 68 -44.71 -30.87 -35.64
CA GLN H 68 -43.34 -30.93 -35.11
C GLN H 68 -42.99 -30.00 -33.91
N PHE H 69 -43.86 -29.05 -33.60
CA PHE H 69 -43.59 -28.07 -32.52
C PHE H 69 -44.72 -27.91 -31.46
N ASP H 70 -44.29 -27.58 -30.23
CA ASP H 70 -45.18 -27.27 -29.09
C ASP H 70 -45.40 -25.75 -28.93
N VAL H 71 -44.32 -25.00 -29.01
CA VAL H 71 -44.33 -23.55 -28.77
C VAL H 71 -43.64 -22.76 -29.87
N ILE H 72 -44.30 -21.66 -30.28
CA ILE H 72 -43.73 -20.71 -31.21
C ILE H 72 -43.05 -19.54 -30.44
N ILE H 73 -41.80 -19.26 -30.80
CA ILE H 73 -41.17 -18.03 -30.37
C ILE H 73 -41.17 -17.05 -31.56
N ASP H 74 -41.79 -15.87 -31.31
CA ASP H 74 -42.12 -14.86 -32.35
C ASP H 74 -41.67 -13.41 -32.09
N PHE H 75 -40.57 -13.10 -32.75
CA PHE H 75 -39.91 -11.79 -32.74
C PHE H 75 -39.83 -11.38 -34.20
N THR H 76 -40.96 -10.98 -34.77
CA THR H 76 -41.05 -10.66 -36.21
C THR H 76 -41.68 -9.28 -36.46
N ALA H 77 -42.93 -9.28 -36.87
CA ALA H 77 -43.67 -8.05 -37.15
C ALA H 77 -45.17 -8.27 -36.71
N PRO H 78 -45.92 -7.17 -36.40
CA PRO H 78 -47.24 -7.34 -35.82
C PRO H 78 -48.17 -8.28 -36.57
N ALA H 79 -48.31 -8.11 -37.88
CA ALA H 79 -49.27 -8.91 -38.66
C ALA H 79 -48.88 -10.38 -38.64
N SER H 80 -47.60 -10.63 -38.79
CA SER H 80 -47.06 -12.01 -38.75
C SER H 80 -47.35 -12.69 -37.41
N THR H 81 -47.13 -11.92 -36.35
CA THR H 81 -47.34 -12.44 -35.00
C THR H 81 -48.82 -12.74 -34.70
N LEU H 82 -49.71 -11.88 -35.19
CA LEU H 82 -51.17 -12.18 -35.08
C LEU H 82 -51.62 -13.48 -35.81
N ASN H 83 -51.06 -13.71 -36.99
CA ASN H 83 -51.26 -14.97 -37.68
C ASN H 83 -50.77 -16.18 -36.86
N ASN H 84 -49.58 -16.05 -36.27
CA ASN H 84 -49.01 -17.16 -35.53
C ASN H 84 -49.80 -17.43 -34.28
N LEU H 85 -50.46 -16.41 -33.81
CA LEU H 85 -51.37 -16.51 -32.63
C LEU H 85 -52.58 -17.33 -32.95
N ALA H 86 -53.09 -17.05 -34.14
CA ALA H 86 -54.23 -17.75 -34.71
C ALA H 86 -53.92 -19.23 -34.93
N LEU H 87 -52.69 -19.54 -35.36
CA LEU H 87 -52.20 -20.95 -35.49
C LEU H 87 -52.29 -21.66 -34.16
N CYS H 88 -51.82 -20.97 -33.12
CA CYS H 88 -51.84 -21.50 -31.73
C CYS H 88 -53.25 -21.83 -31.18
N GLN H 89 -54.18 -20.92 -31.45
CA GLN H 89 -55.60 -21.10 -31.09
C GLN H 89 -56.24 -22.35 -31.78
N GLN H 90 -56.08 -22.42 -33.10
CA GLN H 90 -56.56 -23.53 -33.95
C GLN H 90 -56.00 -24.90 -33.61
N TYR H 91 -54.72 -24.96 -33.27
CA TYR H 91 -53.99 -26.24 -33.11
C TYR H 91 -53.42 -26.48 -31.72
N GLY H 92 -53.92 -25.72 -30.76
CA GLY H 92 -53.56 -25.93 -29.34
C GLY H 92 -52.09 -25.81 -29.03
N LYS H 93 -51.48 -24.80 -29.64
CA LYS H 93 -50.06 -24.45 -29.38
C LYS H 93 -49.97 -23.29 -28.46
N SER H 94 -48.75 -23.12 -27.95
CA SER H 94 -48.32 -21.94 -27.13
C SER H 94 -47.41 -20.97 -27.93
N ILE H 95 -47.34 -19.74 -27.46
CA ILE H 95 -46.52 -18.70 -28.09
C ILE H 95 -45.80 -17.80 -27.07
N VAL H 96 -44.55 -17.50 -27.36
CA VAL H 96 -43.77 -16.52 -26.67
C VAL H 96 -43.62 -15.34 -27.66
N ILE H 97 -44.20 -14.19 -27.32
CA ILE H 97 -44.21 -13.00 -28.19
C ILE H 97 -43.22 -11.97 -27.72
N GLY H 98 -42.30 -11.65 -28.63
CA GLY H 98 -41.30 -10.58 -28.43
C GLY H 98 -41.52 -9.36 -29.34
N THR H 99 -42.28 -9.57 -30.40
CA THR H 99 -42.63 -8.49 -31.32
C THR H 99 -43.14 -7.26 -30.59
N THR H 100 -42.69 -6.10 -31.04
CA THR H 100 -43.24 -4.82 -30.54
C THR H 100 -43.84 -3.93 -31.66
N GLY H 101 -44.45 -2.80 -31.28
CA GLY H 101 -45.14 -1.91 -32.26
C GLY H 101 -46.59 -2.23 -32.62
N PHE H 102 -47.27 -3.00 -31.78
CA PHE H 102 -48.69 -3.35 -32.01
C PHE H 102 -49.51 -2.09 -31.74
N THR H 103 -50.62 -1.95 -32.49
CA THR H 103 -51.61 -0.89 -32.24
C THR H 103 -52.38 -1.31 -30.99
N GLU H 104 -53.11 -0.36 -30.40
CA GLU H 104 -53.95 -0.69 -29.26
C GLU H 104 -54.98 -1.80 -29.60
N GLU H 105 -55.64 -1.66 -30.76
CA GLU H 105 -56.65 -2.64 -31.25
C GLU H 105 -56.04 -4.04 -31.24
N GLN H 106 -54.81 -4.14 -31.73
CA GLN H 106 -54.08 -5.41 -31.81
C GLN H 106 -53.69 -6.00 -30.44
N ARG H 107 -53.30 -5.14 -29.51
CA ARG H 107 -53.00 -5.57 -28.12
C ARG H 107 -54.25 -6.11 -27.42
N GLU H 108 -55.41 -5.54 -27.75
CA GLU H 108 -56.73 -6.03 -27.22
C GLU H 108 -57.04 -7.43 -27.76
N GLN H 109 -56.73 -7.67 -29.05
CA GLN H 109 -56.84 -9.00 -29.70
C GLN H 109 -56.01 -10.07 -28.96
N ILE H 110 -54.78 -9.71 -28.63
CA ILE H 110 -53.85 -10.64 -27.97
C ILE H 110 -54.35 -11.03 -26.59
N ASP H 111 -54.85 -10.05 -25.84
CA ASP H 111 -55.51 -10.28 -24.54
C ASP H 111 -56.65 -11.28 -24.64
N LEU H 112 -57.49 -11.07 -25.64
CA LEU H 112 -58.61 -11.98 -25.94
C LEU H 112 -58.09 -13.40 -26.24
N VAL H 113 -57.17 -13.52 -27.19
CA VAL H 113 -56.67 -14.85 -27.60
C VAL H 113 -55.98 -15.56 -26.42
N ALA H 114 -55.35 -14.78 -25.56
CA ALA H 114 -54.66 -15.29 -24.35
C ALA H 114 -55.57 -15.89 -23.30
N GLN H 115 -56.88 -15.69 -23.45
CA GLN H 115 -57.90 -16.44 -22.63
C GLN H 115 -58.01 -17.95 -22.98
N GLN H 116 -57.77 -18.26 -24.27
CA GLN H 116 -57.77 -19.66 -24.80
C GLN H 116 -56.39 -20.30 -24.95
N VAL H 117 -55.37 -19.46 -25.14
CA VAL H 117 -54.02 -19.91 -25.52
C VAL H 117 -53.01 -19.53 -24.43
N PRO H 118 -52.05 -20.43 -24.12
CA PRO H 118 -50.92 -19.96 -23.29
C PRO H 118 -49.95 -19.02 -24.09
N VAL H 119 -49.87 -17.79 -23.59
CA VAL H 119 -49.14 -16.68 -24.21
C VAL H 119 -48.20 -16.06 -23.19
N VAL H 120 -46.92 -16.00 -23.52
CA VAL H 120 -45.98 -15.16 -22.82
C VAL H 120 -45.74 -13.96 -23.72
N MET H 121 -45.99 -12.79 -23.17
CA MET H 121 -45.72 -11.53 -23.85
C MET H 121 -45.05 -10.57 -22.89
N ALA H 122 -43.86 -10.21 -23.31
CA ALA H 122 -43.07 -9.22 -22.62
C ALA H 122 -42.43 -8.30 -23.68
N PRO H 123 -42.31 -7.01 -23.37
CA PRO H 123 -41.54 -6.12 -24.26
C PRO H 123 -40.01 -6.31 -24.14
N ASN H 124 -39.61 -7.07 -23.12
CA ASN H 124 -38.18 -7.33 -22.86
C ASN H 124 -38.01 -8.64 -22.15
N TYR H 125 -37.12 -9.48 -22.66
CA TYR H 125 -36.89 -10.85 -22.12
C TYR H 125 -35.64 -10.94 -21.22
N SER H 126 -35.07 -9.79 -20.87
CA SER H 126 -33.87 -9.76 -20.01
C SER H 126 -34.25 -9.73 -18.51
N VAL H 127 -33.41 -10.29 -17.69
CA VAL H 127 -33.63 -10.29 -16.22
C VAL H 127 -33.62 -8.86 -15.68
N GLY H 128 -32.66 -8.09 -16.18
CA GLY H 128 -32.46 -6.73 -15.69
C GLY H 128 -33.67 -5.83 -15.92
N VAL H 129 -34.23 -5.88 -17.14
CA VAL H 129 -35.39 -4.99 -17.42
C VAL H 129 -36.57 -5.37 -16.52
N ASN H 130 -36.73 -6.64 -16.28
CA ASN H 130 -37.87 -7.07 -15.48
C ASN H 130 -37.67 -6.73 -14.00
N LEU H 131 -36.45 -6.87 -13.51
CA LEU H 131 -36.12 -6.33 -12.21
C LEU H 131 -36.51 -4.84 -12.25
N VAL H 132 -36.08 -4.14 -13.30
CA VAL H 132 -36.27 -2.66 -13.37
C VAL H 132 -37.76 -2.31 -13.27
N PHE H 133 -38.61 -3.06 -13.92
CA PHE H 133 -40.05 -2.78 -13.86
C PHE H 133 -40.52 -2.74 -12.40
N LYS H 134 -40.01 -3.70 -11.61
CA LYS H 134 -40.35 -3.79 -10.17
C LYS H 134 -39.82 -2.60 -9.36
N LEU H 135 -38.61 -2.17 -9.68
CA LEU H 135 -38.02 -1.02 -9.04
C LEU H 135 -38.76 0.29 -9.33
N LEU H 136 -39.21 0.40 -10.57
CA LEU H 136 -40.00 1.55 -11.03
C LEU H 136 -41.28 1.69 -10.24
N GLU H 137 -41.94 0.56 -9.99
CA GLU H 137 -43.15 0.53 -9.18
C GLU H 137 -42.90 1.16 -7.79
N LYS H 138 -41.82 0.73 -7.13
CA LYS H 138 -41.44 1.21 -5.82
C LYS H 138 -41.19 2.73 -5.89
N ALA H 139 -40.39 3.15 -6.84
CA ALA H 139 -40.06 4.57 -7.02
C ALA H 139 -41.30 5.38 -7.33
N ALA H 140 -42.22 4.81 -8.08
CA ALA H 140 -43.45 5.53 -8.44
C ALA H 140 -44.37 5.79 -7.25
N LYS H 141 -44.44 4.85 -6.33
CA LYS H 141 -45.27 4.99 -5.10
C LYS H 141 -44.72 6.04 -4.16
N VAL H 142 -43.41 6.08 -4.05
CA VAL H 142 -42.74 7.03 -3.19
C VAL H 142 -42.65 8.47 -3.78
N MET H 143 -42.19 8.60 -5.03
CA MET H 143 -41.90 9.91 -5.64
C MET H 143 -42.85 10.32 -6.76
N GLY H 144 -43.63 9.40 -7.31
CA GLY H 144 -44.40 9.70 -8.56
C GLY H 144 -45.39 10.85 -8.53
N ASP H 145 -46.05 11.01 -7.40
CA ASP H 145 -47.05 12.04 -7.16
C ASP H 145 -46.54 13.45 -7.27
N TYR H 146 -45.31 13.66 -6.86
CA TYR H 146 -44.74 14.99 -6.84
C TYR H 146 -43.57 15.26 -7.77
N CYS H 147 -43.15 14.24 -8.52
CA CYS H 147 -42.03 14.35 -9.47
C CYS H 147 -42.48 14.37 -10.89
N ASP H 148 -41.62 14.93 -11.72
CA ASP H 148 -41.74 14.79 -13.18
C ASP H 148 -41.06 13.50 -13.58
N ILE H 149 -41.84 12.70 -14.31
CA ILE H 149 -41.49 11.34 -14.83
C ILE H 149 -41.17 11.35 -16.35
N GLU H 150 -39.92 11.08 -16.68
CA GLU H 150 -39.45 11.10 -18.09
C GLU H 150 -38.81 9.75 -18.40
N ILE H 151 -39.19 9.24 -19.56
CA ILE H 151 -38.59 8.02 -20.08
C ILE H 151 -37.74 8.33 -21.38
N VAL H 152 -36.48 7.95 -21.35
CA VAL H 152 -35.60 8.13 -22.47
C VAL H 152 -35.00 6.76 -22.88
N GLU H 153 -35.09 6.48 -24.16
CA GLU H 153 -34.52 5.22 -24.67
C GLU H 153 -33.68 5.44 -25.94
N ALA H 154 -32.61 4.66 -26.05
CA ALA H 154 -31.79 4.60 -27.27
C ALA H 154 -31.83 3.17 -27.89
N HIS H 155 -32.05 3.11 -29.18
CA HIS H 155 -31.79 1.85 -29.96
C HIS H 155 -31.02 2.04 -31.24
N HIS H 156 -30.50 0.92 -31.73
CA HIS H 156 -29.88 0.83 -33.08
C HIS H 156 -30.71 1.47 -34.20
N ARG H 157 -30.00 1.84 -35.24
CA ARG H 157 -30.63 2.47 -36.43
C ARG H 157 -31.74 1.72 -37.24
N HIS H 158 -31.86 0.43 -37.03
CA HIS H 158 -32.81 -0.41 -37.80
C HIS H 158 -34.14 -0.52 -37.15
N LYS H 159 -34.22 -0.18 -35.88
CA LYS H 159 -35.49 -0.36 -35.18
C LYS H 159 -36.57 0.50 -35.81
N VAL H 160 -37.69 -0.10 -36.15
CA VAL H 160 -38.73 0.59 -36.96
C VAL H 160 -39.83 1.31 -36.14
N ASP H 161 -39.94 0.93 -34.88
CA ASP H 161 -41.02 1.40 -34.02
C ASP H 161 -40.44 2.33 -32.90
N ALA H 162 -41.18 3.41 -32.60
CA ALA H 162 -40.82 4.36 -31.50
C ALA H 162 -42.04 4.80 -30.73
N PRO H 163 -41.91 4.95 -29.42
CA PRO H 163 -40.75 4.47 -28.67
C PRO H 163 -40.75 2.95 -28.51
N SER H 164 -39.67 2.46 -27.93
CA SER H 164 -39.52 1.07 -27.72
C SER H 164 -40.69 0.49 -26.92
N GLY H 165 -40.97 -0.79 -27.12
CA GLY H 165 -41.94 -1.50 -26.32
C GLY H 165 -41.52 -1.60 -24.87
N THR H 166 -40.25 -1.71 -24.64
CA THR H 166 -39.71 -1.69 -23.29
C THR H 166 -39.97 -0.32 -22.59
N ALA H 167 -39.81 0.79 -23.32
CA ALA H 167 -40.11 2.12 -22.76
C ALA H 167 -41.57 2.17 -22.39
N ILE H 168 -42.42 1.77 -23.32
CA ILE H 168 -43.87 1.71 -23.02
C ILE H 168 -44.12 0.83 -21.82
N GLY H 169 -43.43 -0.30 -21.74
CA GLY H 169 -43.51 -1.19 -20.55
C GLY H 169 -43.11 -0.55 -19.22
N MET H 170 -42.15 0.34 -19.26
CA MET H 170 -41.77 1.14 -18.09
C MET H 170 -42.81 2.21 -17.67
N GLY H 171 -43.36 2.90 -18.67
CA GLY H 171 -44.54 3.78 -18.51
C GLY H 171 -45.74 3.11 -17.88
N GLU H 172 -46.06 1.91 -18.33
CA GLU H 172 -47.20 1.14 -17.79
C GLU H 172 -47.01 0.71 -16.35
N ALA H 173 -45.82 0.19 -16.06
CA ALA H 173 -45.47 -0.15 -14.66
C ALA H 173 -45.63 1.05 -13.76
N ILE H 174 -45.09 2.20 -14.18
CA ILE H 174 -45.19 3.46 -13.42
C ILE H 174 -46.64 3.91 -13.28
N ALA H 175 -47.32 4.08 -14.40
CA ALA H 175 -48.74 4.53 -14.40
C ALA H 175 -49.66 3.65 -13.54
N GLY H 176 -49.52 2.32 -13.75
CA GLY H 176 -50.30 1.32 -13.03
C GLY H 176 -50.06 1.41 -11.52
N ALA H 177 -48.82 1.56 -11.12
CA ALA H 177 -48.48 1.71 -9.68
C ALA H 177 -49.03 2.99 -9.04
N MET H 178 -49.30 3.96 -9.88
CA MET H 178 -49.94 5.22 -9.47
C MET H 178 -51.48 5.27 -9.73
N GLY H 179 -52.08 4.12 -10.03
CA GLY H 179 -53.54 4.03 -10.35
C GLY H 179 -54.00 4.76 -11.61
N ASN H 180 -53.10 4.93 -12.56
CA ASN H 180 -53.40 5.58 -13.81
C ASN H 180 -53.24 4.67 -15.02
N LYS H 181 -53.81 5.14 -16.14
CA LYS H 181 -53.67 4.56 -17.48
C LYS H 181 -52.57 5.37 -18.23
N LEU H 182 -51.54 4.69 -18.72
CA LEU H 182 -50.51 5.34 -19.51
C LEU H 182 -51.01 6.22 -20.65
N SER H 183 -52.01 5.77 -21.36
CA SER H 183 -52.52 6.52 -22.53
C SER H 183 -53.10 7.90 -22.15
N ASP H 184 -53.64 8.01 -20.92
CA ASP H 184 -54.06 9.31 -20.36
C ASP H 184 -52.93 10.34 -20.13
N VAL H 185 -51.77 9.87 -19.69
CA VAL H 185 -50.68 10.75 -19.26
C VAL H 185 -49.49 10.85 -20.21
N ALA H 186 -49.38 9.93 -21.16
CA ALA H 186 -48.17 9.86 -22.06
C ALA H 186 -48.07 10.98 -23.10
N VAL H 187 -46.87 11.47 -23.24
CA VAL H 187 -46.50 12.46 -24.25
C VAL H 187 -45.29 11.89 -25.03
N TYR H 188 -45.52 11.70 -26.32
CA TYR H 188 -44.54 11.02 -27.22
C TYR H 188 -43.68 11.94 -28.09
N ALA H 189 -44.11 13.17 -28.26
CA ALA H 189 -43.40 14.14 -29.07
C ALA H 189 -43.51 15.53 -28.46
N ARG H 190 -42.42 16.27 -28.56
CA ARG H 190 -42.35 17.65 -28.11
C ARG H 190 -41.66 18.49 -29.19
N GLU H 191 -42.45 19.26 -29.91
CA GLU H 191 -41.90 20.06 -30.97
C GLU H 191 -42.55 21.44 -30.95
N GLY H 192 -41.71 22.47 -31.04
CA GLY H 192 -42.18 23.84 -31.06
C GLY H 192 -42.54 24.37 -29.67
N ILE H 193 -43.61 25.14 -29.63
CA ILE H 193 -44.06 25.73 -28.39
C ILE H 193 -44.99 24.76 -27.71
N THR H 194 -44.49 24.06 -26.70
CA THR H 194 -45.28 23.08 -25.96
C THR H 194 -45.95 23.61 -24.70
N GLY H 195 -45.53 24.79 -24.29
CA GLY H 195 -45.97 25.37 -23.03
C GLY H 195 -45.22 24.73 -21.85
N GLU H 196 -45.66 25.13 -20.67
CA GLU H 196 -45.26 24.61 -19.37
C GLU H 196 -45.63 23.17 -19.21
N ARG H 197 -44.70 22.35 -18.73
CA ARG H 197 -44.95 20.92 -18.61
C ARG H 197 -46.14 20.68 -17.68
N THR H 198 -47.05 19.78 -18.03
CA THR H 198 -48.14 19.40 -17.09
C THR H 198 -47.51 18.56 -15.97
N LYS H 199 -48.22 18.40 -14.88
CA LYS H 199 -47.70 17.68 -13.71
C LYS H 199 -47.72 16.15 -13.89
N ASP H 200 -48.80 15.63 -14.47
CA ASP H 200 -49.05 14.16 -14.58
C ASP H 200 -48.40 13.51 -15.78
N GLU H 201 -48.02 14.28 -16.81
CA GLU H 201 -47.49 13.72 -18.04
C GLU H 201 -46.22 12.92 -17.80
N ILE H 202 -46.15 11.83 -18.58
CA ILE H 202 -44.90 10.98 -18.69
C ILE H 202 -44.35 11.19 -20.10
N GLY H 203 -43.19 11.77 -20.16
CA GLY H 203 -42.59 12.21 -21.40
C GLY H 203 -41.68 11.15 -21.94
N PHE H 204 -41.70 10.99 -23.27
CA PHE H 204 -40.89 9.95 -23.95
C PHE H 204 -39.95 10.52 -24.95
N ALA H 205 -38.69 10.14 -24.81
CA ALA H 205 -37.64 10.63 -25.69
C ALA H 205 -36.92 9.46 -26.35
N THR H 206 -36.82 9.53 -27.68
CA THR H 206 -36.38 8.39 -28.46
C THR H 206 -35.14 8.68 -29.32
N ILE H 207 -34.06 7.95 -29.06
CA ILE H 207 -32.86 8.04 -29.81
C ILE H 207 -32.69 6.81 -30.76
N ARG H 208 -32.29 7.08 -31.99
CA ARG H 208 -32.00 6.02 -33.00
C ARG H 208 -30.59 6.22 -33.57
N ALA H 209 -29.71 5.26 -33.29
CA ALA H 209 -28.34 5.40 -33.69
C ALA H 209 -27.55 4.11 -33.67
N GLY H 210 -26.66 3.98 -34.66
CA GLY H 210 -25.65 2.95 -34.69
C GLY H 210 -26.19 1.55 -34.54
N ASP H 211 -25.50 0.78 -33.70
CA ASP H 211 -25.80 -0.61 -33.47
C ASP H 211 -26.28 -0.84 -32.05
N ILE H 212 -26.88 0.20 -31.43
CA ILE H 212 -27.17 0.16 -30.00
C ILE H 212 -28.19 -0.97 -29.71
N VAL H 213 -27.77 -1.92 -28.86
CA VAL H 213 -28.61 -3.07 -28.54
C VAL H 213 -29.83 -2.66 -27.72
N GLY H 214 -29.67 -1.73 -26.77
CA GLY H 214 -30.83 -1.15 -26.06
C GLY H 214 -30.46 -0.47 -24.78
N GLU H 215 -30.73 0.82 -24.72
CA GLU H 215 -30.61 1.61 -23.48
C GLU H 215 -31.91 2.27 -23.04
N HIS H 216 -32.27 2.09 -21.77
CA HIS H 216 -33.47 2.69 -21.13
C HIS H 216 -33.16 3.40 -19.83
N THR H 217 -33.71 4.60 -19.71
CA THR H 217 -33.62 5.38 -18.48
C THR H 217 -34.98 5.94 -18.16
N ALA H 218 -35.44 5.63 -16.95
CA ALA H 218 -36.59 6.31 -16.31
C ALA H 218 -36.06 7.31 -15.27
N MET H 219 -36.54 8.52 -15.40
CA MET H 219 -36.16 9.68 -14.57
C MET H 219 -37.31 10.19 -13.73
N PHE H 220 -37.08 10.26 -12.41
CA PHE H 220 -37.99 10.89 -11.43
C PHE H 220 -37.36 12.19 -10.95
N ALA H 221 -37.94 13.31 -11.39
CA ALA H 221 -37.31 14.67 -11.21
C ALA H 221 -38.20 15.62 -10.39
N ASP H 222 -37.61 16.03 -9.30
CA ASP H 222 -38.20 16.96 -8.38
C ASP H 222 -37.35 18.22 -8.43
N ILE H 223 -37.84 19.29 -7.89
CA ILE H 223 -37.03 20.49 -7.73
C ILE H 223 -35.90 20.13 -6.76
N GLY H 224 -34.66 20.33 -7.15
CA GLY H 224 -33.54 20.02 -6.23
C GLY H 224 -32.88 18.64 -6.39
N GLU H 225 -33.56 17.65 -7.00
CA GLU H 225 -33.02 16.34 -7.10
C GLU H 225 -33.71 15.47 -8.16
N ARG H 226 -32.96 14.49 -8.63
CA ARG H 226 -33.57 13.43 -9.39
C ARG H 226 -32.98 12.05 -9.25
N VAL H 227 -33.86 11.12 -9.52
CA VAL H 227 -33.57 9.68 -9.45
C VAL H 227 -33.68 9.14 -10.82
N GLU H 228 -32.60 8.51 -11.25
CA GLU H 228 -32.50 7.84 -12.57
C GLU H 228 -32.28 6.36 -12.46
N ILE H 229 -33.18 5.62 -13.05
CA ILE H 229 -33.07 4.13 -13.12
C ILE H 229 -32.85 3.66 -14.55
N THR H 230 -31.69 3.07 -14.79
CA THR H 230 -31.21 2.79 -16.13
C THR H 230 -30.93 1.27 -16.36
N HIS H 231 -31.43 0.78 -17.49
CA HIS H 231 -31.00 -0.51 -18.06
C HIS H 231 -30.21 -0.37 -19.36
N LYS H 232 -29.11 -1.08 -19.41
CA LYS H 232 -28.29 -1.29 -20.66
C LYS H 232 -28.18 -2.75 -21.13
N ALA H 233 -28.65 -3.00 -22.34
CA ALA H 233 -28.51 -4.30 -23.02
C ALA H 233 -27.30 -4.34 -23.96
N THR H 234 -26.45 -5.34 -23.76
CA THR H 234 -25.16 -5.47 -24.48
C THR H 234 -25.10 -6.51 -25.61
N ASP H 235 -25.98 -7.49 -25.57
CA ASP H 235 -25.96 -8.65 -26.47
C ASP H 235 -27.38 -9.18 -26.68
N ARG H 236 -27.79 -9.45 -27.92
CA ARG H 236 -29.13 -10.03 -28.17
C ARG H 236 -29.37 -11.39 -27.57
N MET H 237 -28.29 -12.12 -27.30
CA MET H 237 -28.37 -13.41 -26.56
C MET H 237 -29.05 -13.23 -25.17
N THR H 238 -28.90 -12.08 -24.52
CA THR H 238 -29.66 -11.84 -23.29
C THR H 238 -31.13 -12.07 -23.61
N PHE H 239 -31.63 -11.48 -24.69
CA PHE H 239 -33.06 -11.59 -24.98
C PHE H 239 -33.44 -13.02 -25.34
N ALA H 240 -32.61 -13.61 -26.17
CA ALA H 240 -32.92 -14.87 -26.76
C ALA H 240 -32.95 -15.99 -25.70
N ASN H 241 -31.92 -16.05 -24.85
CA ASN H 241 -31.93 -17.01 -23.75
C ASN H 241 -33.15 -16.86 -22.89
N GLY H 242 -33.54 -15.63 -22.65
CA GLY H 242 -34.72 -15.35 -21.79
C GLY H 242 -36.01 -15.82 -22.42
N ALA H 243 -36.18 -15.52 -23.69
CA ALA H 243 -37.32 -15.98 -24.47
C ALA H 243 -37.43 -17.55 -24.56
N VAL H 244 -36.30 -18.22 -24.69
CA VAL H 244 -36.27 -19.68 -24.72
C VAL H 244 -36.63 -20.24 -23.31
N LYS H 245 -36.00 -19.66 -22.27
CA LYS H 245 -36.39 -19.94 -20.89
C LYS H 245 -37.90 -19.77 -20.74
N ALA H 246 -38.48 -18.75 -21.34
CA ALA H 246 -39.94 -18.51 -21.20
C ALA H 246 -40.72 -19.57 -21.91
N ALA H 247 -40.22 -19.97 -23.07
CA ALA H 247 -40.87 -21.06 -23.86
C ALA H 247 -40.90 -22.40 -23.09
N VAL H 248 -39.76 -22.76 -22.48
CA VAL H 248 -39.65 -23.96 -21.65
C VAL H 248 -40.69 -23.92 -20.51
N TRP H 249 -40.68 -22.82 -19.75
CA TRP H 249 -41.66 -22.54 -18.65
C TRP H 249 -43.11 -22.51 -19.12
N LEU H 250 -43.37 -21.98 -20.30
CA LEU H 250 -44.75 -21.92 -20.86
C LEU H 250 -45.32 -23.29 -21.23
N HIS H 251 -44.42 -24.22 -21.48
CA HIS H 251 -44.81 -25.57 -21.94
C HIS H 251 -45.79 -26.28 -21.00
N GLU H 252 -45.47 -26.27 -19.72
CA GLU H 252 -46.34 -26.92 -18.73
C GLU H 252 -47.75 -26.26 -18.60
N LYS H 253 -47.80 -24.95 -18.92
CA LYS H 253 -48.89 -24.05 -18.46
C LYS H 253 -50.20 -24.06 -19.22
N PRO H 254 -51.28 -23.68 -18.53
CA PRO H 254 -52.58 -23.46 -19.13
C PRO H 254 -52.74 -22.10 -19.75
N ALA H 255 -53.92 -21.86 -20.33
CA ALA H 255 -54.23 -20.61 -20.98
C ALA H 255 -54.06 -19.43 -20.03
N GLY H 256 -53.70 -18.29 -20.63
CA GLY H 256 -53.39 -17.08 -19.88
C GLY H 256 -52.39 -16.16 -20.55
N PHE H 257 -52.43 -14.91 -20.12
CA PHE H 257 -51.47 -13.85 -20.51
C PHE H 257 -50.38 -13.81 -19.44
N TYR H 258 -49.17 -14.23 -19.80
CA TYR H 258 -48.07 -14.25 -18.84
C TYR H 258 -47.01 -13.26 -19.28
N THR H 259 -46.19 -12.85 -18.33
CA THR H 259 -45.10 -11.96 -18.58
C THR H 259 -43.86 -12.58 -18.04
N MET H 260 -42.73 -11.93 -18.30
CA MET H 260 -41.43 -12.39 -17.76
C MET H 260 -41.34 -12.29 -16.24
N THR H 261 -42.16 -11.39 -15.69
CA THR H 261 -42.33 -11.26 -14.26
C THR H 261 -42.81 -12.55 -13.70
N ASP H 262 -43.83 -13.08 -14.34
CA ASP H 262 -44.35 -14.45 -14.04
C ASP H 262 -43.26 -15.53 -14.22
N VAL H 263 -42.57 -15.53 -15.34
CA VAL H 263 -41.59 -16.60 -15.69
C VAL H 263 -40.46 -16.63 -14.65
N LEU H 264 -40.03 -15.45 -14.25
CA LEU H 264 -38.87 -15.27 -13.37
C LEU H 264 -39.21 -15.27 -11.86
N GLY H 265 -40.50 -15.32 -11.55
CA GLY H 265 -40.99 -15.26 -10.16
C GLY H 265 -40.67 -13.96 -9.42
N LEU H 266 -40.89 -12.84 -10.08
CA LEU H 266 -40.61 -11.50 -9.54
C LEU H 266 -41.80 -10.68 -9.02
N ASN H 267 -43.00 -11.27 -8.92
CA ASN H 267 -44.20 -10.55 -8.41
C ASN H 267 -44.30 -10.40 -6.84
#